data_2COF
#
_entry.id   2COF
#
_entity_poly.entity_id   1
_entity_poly.type   'polypeptide(L)'
_entity_poly.pdbx_seq_one_letter_code
;GSSGSSGLETSSYLNVLVNSQWKSRWCSVRDNHLHFYQDRNRSKVAQQPLSLVGCEVVPDPSPDHLYSFRILHKGEELAK
LEAKSSEEMGHWLGLLLSESGSGPSSG
;
_entity_poly.pdbx_strand_id   A
#
# COMPACT_ATOMS: atom_id res chain seq x y z
N GLY A 1 13.08 9.86 -0.76
CA GLY A 1 14.38 10.14 -1.33
C GLY A 1 14.54 11.59 -1.73
N SER A 2 13.91 11.97 -2.85
CA SER A 2 13.99 13.34 -3.33
C SER A 2 12.97 14.22 -2.63
N SER A 3 13.45 15.02 -1.67
CA SER A 3 12.59 15.92 -0.91
C SER A 3 12.45 17.27 -1.62
N GLY A 4 11.43 17.39 -2.46
CA GLY A 4 11.21 18.63 -3.18
C GLY A 4 10.36 18.43 -4.42
N SER A 5 9.34 17.59 -4.32
CA SER A 5 8.44 17.31 -5.44
C SER A 5 7.00 17.26 -4.99
N SER A 6 6.22 18.28 -5.39
CA SER A 6 4.81 18.35 -5.02
C SER A 6 3.94 17.68 -6.08
N GLY A 7 2.78 17.17 -5.67
CA GLY A 7 1.88 16.53 -6.59
C GLY A 7 1.89 15.02 -6.46
N LEU A 8 1.65 14.54 -5.25
CA LEU A 8 1.64 13.10 -4.98
C LEU A 8 0.20 12.59 -4.86
N GLU A 9 -0.62 13.30 -4.10
CA GLU A 9 -2.01 12.92 -3.91
C GLU A 9 -2.11 11.46 -3.47
N THR A 10 -1.22 11.05 -2.58
CA THR A 10 -1.21 9.68 -2.08
C THR A 10 -1.63 8.70 -3.17
N SER A 11 -1.17 8.95 -4.39
CA SER A 11 -1.51 8.09 -5.52
C SER A 11 -0.24 7.68 -6.29
N SER A 12 0.80 7.34 -5.55
CA SER A 12 2.07 6.95 -6.17
C SER A 12 2.03 5.48 -6.60
N TYR A 13 2.93 5.12 -7.51
CA TYR A 13 2.99 3.76 -8.01
C TYR A 13 3.64 2.83 -6.99
N LEU A 14 3.01 1.68 -6.77
CA LEU A 14 3.52 0.70 -5.81
C LEU A 14 3.54 -0.70 -6.42
N ASN A 15 4.38 -1.57 -5.88
CA ASN A 15 4.49 -2.94 -6.37
C ASN A 15 3.57 -3.87 -5.59
N VAL A 16 2.50 -4.31 -6.24
CA VAL A 16 1.55 -5.20 -5.61
C VAL A 16 1.86 -6.66 -5.93
N LEU A 17 2.39 -7.38 -4.95
CA LEU A 17 2.75 -8.78 -5.13
C LEU A 17 1.59 -9.56 -5.75
N VAL A 18 1.90 -10.33 -6.79
CA VAL A 18 0.88 -11.12 -7.48
C VAL A 18 1.42 -12.50 -7.85
N ASN A 19 0.71 -13.54 -7.43
CA ASN A 19 1.12 -14.90 -7.71
C ASN A 19 2.62 -15.07 -7.56
N SER A 20 3.15 -14.64 -6.42
CA SER A 20 4.59 -14.74 -6.15
C SER A 20 5.38 -14.00 -7.23
N GLN A 21 4.87 -12.86 -7.66
CA GLN A 21 5.54 -12.06 -8.69
C GLN A 21 5.23 -10.58 -8.50
N TRP A 22 6.28 -9.78 -8.35
CA TRP A 22 6.13 -8.34 -8.17
C TRP A 22 5.78 -7.65 -9.47
N LYS A 23 4.51 -7.29 -9.62
CA LYS A 23 4.05 -6.62 -10.84
C LYS A 23 3.62 -5.19 -10.53
N SER A 24 3.98 -4.27 -11.43
CA SER A 24 3.64 -2.86 -11.25
C SER A 24 2.13 -2.67 -11.26
N ARG A 25 1.62 -2.02 -10.22
CA ARG A 25 0.19 -1.77 -10.10
C ARG A 25 -0.08 -0.41 -9.46
N TRP A 26 -1.15 0.24 -9.88
CA TRP A 26 -1.52 1.55 -9.35
C TRP A 26 -2.41 1.41 -8.12
N CYS A 27 -1.90 1.83 -6.97
CA CYS A 27 -2.65 1.75 -5.72
C CYS A 27 -3.19 3.12 -5.34
N SER A 28 -4.50 3.18 -5.12
CA SER A 28 -5.15 4.43 -4.74
C SER A 28 -5.98 4.25 -3.48
N VAL A 29 -5.60 4.95 -2.42
CA VAL A 29 -6.31 4.88 -1.14
C VAL A 29 -7.31 6.02 -1.00
N ARG A 30 -8.53 5.68 -0.61
CA ARG A 30 -9.58 6.68 -0.44
C ARG A 30 -10.75 6.11 0.36
N ASP A 31 -11.29 6.91 1.27
CA ASP A 31 -12.41 6.48 2.10
C ASP A 31 -12.04 5.25 2.92
N ASN A 32 -10.82 5.22 3.43
CA ASN A 32 -10.34 4.10 4.23
C ASN A 32 -10.39 2.80 3.42
N HIS A 33 -10.03 2.89 2.15
CA HIS A 33 -10.03 1.72 1.27
C HIS A 33 -8.95 1.85 0.20
N LEU A 34 -8.22 0.76 -0.03
CA LEU A 34 -7.16 0.74 -1.03
C LEU A 34 -7.65 0.11 -2.33
N HIS A 35 -7.90 0.96 -3.33
CA HIS A 35 -8.37 0.48 -4.62
C HIS A 35 -7.19 0.16 -5.54
N PHE A 36 -7.41 -0.75 -6.47
CA PHE A 36 -6.37 -1.15 -7.41
C PHE A 36 -6.74 -0.78 -8.84
N TYR A 37 -5.80 -0.19 -9.56
CA TYR A 37 -6.03 0.23 -10.94
C TYR A 37 -4.91 -0.26 -11.86
N GLN A 38 -5.16 -0.20 -13.16
CA GLN A 38 -4.16 -0.63 -14.14
C GLN A 38 -3.76 0.52 -15.06
N ASP A 39 -4.71 0.99 -15.85
CA ASP A 39 -4.46 2.10 -16.78
C ASP A 39 -4.31 3.42 -16.02
N ARG A 40 -4.00 4.48 -16.75
CA ARG A 40 -3.84 5.80 -16.15
C ARG A 40 -5.19 6.48 -15.96
N ASN A 41 -5.24 7.44 -15.05
CA ASN A 41 -6.47 8.17 -14.76
C ASN A 41 -7.55 7.23 -14.25
N ARG A 42 -7.17 6.33 -13.34
CA ARG A 42 -8.11 5.37 -12.77
C ARG A 42 -9.14 4.94 -13.80
N SER A 43 -8.68 4.65 -15.02
CA SER A 43 -9.57 4.23 -16.10
C SER A 43 -10.40 3.03 -15.68
N LYS A 44 -9.72 1.92 -15.40
CA LYS A 44 -10.39 0.69 -14.99
C LYS A 44 -9.80 0.17 -13.68
N VAL A 45 -10.63 -0.53 -12.90
CA VAL A 45 -10.20 -1.08 -11.63
C VAL A 45 -9.57 -2.46 -11.81
N ALA A 46 -8.35 -2.61 -11.33
CA ALA A 46 -7.63 -3.88 -11.44
C ALA A 46 -8.44 -5.01 -10.80
N GLN A 47 -8.97 -4.75 -9.61
CA GLN A 47 -9.76 -5.75 -8.90
C GLN A 47 -10.38 -5.15 -7.65
N GLN A 48 -11.35 -5.88 -7.07
CA GLN A 48 -12.03 -5.42 -5.87
C GLN A 48 -11.08 -4.63 -4.98
N PRO A 49 -11.59 -3.54 -4.39
CA PRO A 49 -10.80 -2.68 -3.50
C PRO A 49 -10.48 -3.35 -2.17
N LEU A 50 -9.70 -2.68 -1.34
CA LEU A 50 -9.32 -3.23 -0.04
C LEU A 50 -9.93 -2.40 1.09
N SER A 51 -10.39 -3.08 2.13
CA SER A 51 -10.99 -2.42 3.28
C SER A 51 -9.97 -2.19 4.38
N LEU A 52 -8.98 -1.35 4.11
CA LEU A 52 -7.94 -1.06 5.09
C LEU A 52 -8.52 -0.90 6.49
N VAL A 53 -9.66 -0.20 6.57
CA VAL A 53 -10.32 0.03 7.85
C VAL A 53 -10.35 -1.25 8.68
N GLY A 54 -9.41 -1.37 9.61
CA GLY A 54 -9.35 -2.54 10.47
C GLY A 54 -8.09 -3.34 10.26
N CYS A 55 -7.67 -3.47 9.01
CA CYS A 55 -6.47 -4.23 8.67
C CYS A 55 -5.28 -3.73 9.49
N GLU A 56 -4.12 -4.36 9.28
CA GLU A 56 -2.91 -3.98 9.99
C GLU A 56 -1.70 -3.97 9.05
N VAL A 57 -1.08 -2.80 8.91
CA VAL A 57 0.08 -2.67 8.04
C VAL A 57 1.37 -2.87 8.82
N VAL A 58 2.12 -3.90 8.45
CA VAL A 58 3.39 -4.21 9.11
C VAL A 58 4.53 -4.20 8.12
N PRO A 59 5.66 -3.58 8.52
CA PRO A 59 6.85 -3.49 7.69
C PRO A 59 7.55 -4.84 7.50
N ASP A 60 7.18 -5.55 6.46
CA ASP A 60 7.75 -6.86 6.17
C ASP A 60 8.71 -6.78 4.98
N PRO A 61 9.91 -6.24 5.21
CA PRO A 61 10.92 -6.10 4.16
C PRO A 61 11.50 -7.43 3.73
N SER A 62 12.37 -7.40 2.72
CA SER A 62 12.99 -8.62 2.22
C SER A 62 14.50 -8.43 2.06
N PRO A 63 15.23 -9.55 1.89
CA PRO A 63 16.68 -9.54 1.73
C PRO A 63 17.11 -8.95 0.39
N ASP A 64 16.14 -8.47 -0.38
CA ASP A 64 16.41 -7.87 -1.68
C ASP A 64 15.86 -6.45 -1.75
N HIS A 65 15.00 -6.11 -0.80
CA HIS A 65 14.39 -4.78 -0.77
C HIS A 65 13.78 -4.50 0.60
N LEU A 66 14.42 -3.64 1.37
CA LEU A 66 13.93 -3.29 2.70
C LEU A 66 12.87 -2.19 2.62
N TYR A 67 12.17 -2.14 1.50
CA TYR A 67 11.12 -1.15 1.30
C TYR A 67 9.81 -1.80 0.89
N SER A 68 9.48 -2.90 1.56
CA SER A 68 8.24 -3.63 1.26
C SER A 68 7.42 -3.86 2.53
N PHE A 69 6.12 -3.67 2.42
CA PHE A 69 5.22 -3.85 3.56
C PHE A 69 4.02 -4.70 3.17
N ARG A 70 3.35 -5.26 4.17
CA ARG A 70 2.17 -6.09 3.94
C ARG A 70 1.10 -5.83 4.99
N ILE A 71 -0.16 -6.07 4.62
CA ILE A 71 -1.28 -5.85 5.52
C ILE A 71 -1.79 -7.18 6.08
N LEU A 72 -2.35 -7.13 7.28
CA LEU A 72 -2.89 -8.33 7.92
C LEU A 72 -4.23 -8.04 8.58
N HIS A 73 -5.10 -9.04 8.62
CA HIS A 73 -6.41 -8.90 9.23
C HIS A 73 -6.59 -9.87 10.39
N LYS A 74 -6.13 -9.45 11.57
CA LYS A 74 -6.24 -10.30 12.77
C LYS A 74 -5.21 -11.41 12.74
N GLY A 75 -4.12 -11.19 12.01
CA GLY A 75 -3.08 -12.19 11.92
C GLY A 75 -3.02 -12.85 10.55
N GLU A 76 -4.06 -12.62 9.74
CA GLU A 76 -4.13 -13.20 8.41
C GLU A 76 -3.47 -12.28 7.38
N GLU A 77 -3.45 -12.72 6.13
CA GLU A 77 -2.85 -11.93 5.06
C GLU A 77 -3.94 -11.35 4.14
N LEU A 78 -3.79 -10.08 3.80
CA LEU A 78 -4.75 -9.40 2.94
C LEU A 78 -4.10 -8.98 1.62
N ALA A 79 -2.92 -8.38 1.72
CA ALA A 79 -2.19 -7.95 0.54
C ALA A 79 -0.72 -7.69 0.86
N LYS A 80 0.06 -7.34 -0.16
CA LYS A 80 1.48 -7.07 0.03
C LYS A 80 1.99 -6.08 -1.03
N LEU A 81 2.42 -4.92 -0.58
CA LEU A 81 2.93 -3.88 -1.49
C LEU A 81 4.42 -3.65 -1.26
N GLU A 82 5.07 -3.05 -2.24
CA GLU A 82 6.50 -2.75 -2.15
C GLU A 82 6.83 -1.41 -2.79
N ALA A 83 7.54 -0.57 -2.05
CA ALA A 83 7.92 0.75 -2.55
C ALA A 83 9.25 0.69 -3.29
N LYS A 84 9.75 1.85 -3.69
CA LYS A 84 11.02 1.94 -4.41
C LYS A 84 12.15 2.36 -3.48
N SER A 85 11.84 3.27 -2.55
CA SER A 85 12.82 3.77 -1.60
C SER A 85 12.31 3.64 -0.17
N SER A 86 13.23 3.67 0.78
CA SER A 86 12.88 3.57 2.19
C SER A 86 11.92 4.68 2.60
N GLU A 87 12.24 5.91 2.18
CA GLU A 87 11.40 7.06 2.51
C GLU A 87 9.98 6.87 1.99
N GLU A 88 9.87 6.21 0.84
CA GLU A 88 8.56 5.97 0.24
C GLU A 88 7.72 5.05 1.12
N MET A 89 8.28 3.90 1.47
CA MET A 89 7.58 2.93 2.31
C MET A 89 7.17 3.56 3.64
N GLY A 90 7.98 4.50 4.12
CA GLY A 90 7.68 5.17 5.37
C GLY A 90 6.44 6.03 5.30
N HIS A 91 6.15 6.53 4.10
CA HIS A 91 4.98 7.37 3.89
C HIS A 91 3.71 6.53 3.76
N TRP A 92 3.88 5.31 3.26
CA TRP A 92 2.75 4.40 3.08
C TRP A 92 2.39 3.72 4.39
N LEU A 93 3.40 3.27 5.12
CA LEU A 93 3.18 2.60 6.40
C LEU A 93 2.20 3.38 7.26
N GLY A 94 2.56 4.63 7.59
CA GLY A 94 1.70 5.45 8.40
C GLY A 94 0.43 5.85 7.68
N LEU A 95 0.52 6.07 6.38
CA LEU A 95 -0.63 6.46 5.57
C LEU A 95 -1.74 5.42 5.68
N LEU A 96 -1.39 4.16 5.49
CA LEU A 96 -2.35 3.07 5.57
C LEU A 96 -2.83 2.85 7.00
N LEU A 97 -1.87 2.74 7.92
CA LEU A 97 -2.18 2.54 9.33
C LEU A 97 -3.31 3.46 9.77
N SER A 98 -3.16 4.75 9.50
CA SER A 98 -4.16 5.74 9.86
C SER A 98 -5.54 5.33 9.36
N GLU A 99 -5.59 4.86 8.13
CA GLU A 99 -6.85 4.42 7.53
C GLU A 99 -7.37 3.16 8.19
N SER A 100 -6.48 2.19 8.38
CA SER A 100 -6.84 0.93 9.02
C SER A 100 -7.04 1.10 10.52
N GLY A 101 -8.19 1.63 10.91
CA GLY A 101 -8.47 1.83 12.31
C GLY A 101 -8.80 3.28 12.63
N SER A 102 -10.09 3.62 12.58
CA SER A 102 -10.54 4.97 12.86
C SER A 102 -12.01 4.99 13.24
N GLY A 103 -12.35 5.82 14.23
CA GLY A 103 -13.74 5.92 14.67
C GLY A 103 -13.90 5.61 16.15
N PRO A 104 -15.09 5.14 16.53
CA PRO A 104 -15.40 4.80 17.92
C PRO A 104 -14.66 3.55 18.38
N SER A 105 -13.82 3.00 17.51
CA SER A 105 -13.05 1.80 17.83
C SER A 105 -11.56 2.12 17.91
N SER A 106 -11.00 2.01 19.11
CA SER A 106 -9.59 2.29 19.33
C SER A 106 -9.29 3.78 19.18
N GLY A 107 -10.15 4.61 19.78
CA GLY A 107 -9.97 6.04 19.70
C GLY A 107 -10.86 6.79 20.67
N GLY A 1 19.49 7.63 -3.17
CA GLY A 1 18.13 8.10 -3.01
C GLY A 1 17.56 8.66 -4.29
N SER A 2 16.57 9.54 -4.17
CA SER A 2 15.93 10.15 -5.33
C SER A 2 15.17 11.41 -4.94
N SER A 3 15.23 12.42 -5.81
CA SER A 3 14.55 13.68 -5.55
C SER A 3 13.07 13.60 -5.91
N GLY A 4 12.21 13.79 -4.91
CA GLY A 4 10.78 13.74 -5.14
C GLY A 4 10.10 15.08 -4.91
N SER A 5 10.74 16.15 -5.35
CA SER A 5 10.19 17.49 -5.18
C SER A 5 8.72 17.52 -5.59
N SER A 6 8.42 17.00 -6.77
CA SER A 6 7.05 16.97 -7.29
C SER A 6 6.07 16.60 -6.18
N GLY A 7 4.82 17.01 -6.34
CA GLY A 7 3.80 16.70 -5.36
C GLY A 7 3.49 15.22 -5.29
N LEU A 8 3.89 14.58 -4.19
CA LEU A 8 3.65 13.16 -4.00
C LEU A 8 2.21 12.90 -3.58
N GLU A 9 1.31 12.81 -4.55
CA GLU A 9 -0.10 12.57 -4.27
C GLU A 9 -0.31 11.14 -3.78
N THR A 10 -1.14 10.98 -2.76
CA THR A 10 -1.44 9.67 -2.20
C THR A 10 -1.47 8.61 -3.29
N SER A 11 -2.16 8.91 -4.39
CA SER A 11 -2.27 7.97 -5.51
C SER A 11 -0.94 7.84 -6.24
N SER A 12 -0.08 6.95 -5.75
CA SER A 12 1.22 6.72 -6.35
C SER A 12 1.34 5.30 -6.88
N TYR A 13 2.37 5.05 -7.68
CA TYR A 13 2.59 3.73 -8.26
C TYR A 13 3.33 2.82 -7.27
N LEU A 14 2.65 1.75 -6.86
CA LEU A 14 3.25 0.80 -5.91
C LEU A 14 3.32 -0.59 -6.53
N ASN A 15 4.13 -1.45 -5.92
CA ASN A 15 4.30 -2.82 -6.41
C ASN A 15 3.43 -3.78 -5.61
N VAL A 16 2.39 -4.30 -6.25
CA VAL A 16 1.47 -5.24 -5.61
C VAL A 16 1.84 -6.68 -5.94
N LEU A 17 2.28 -7.43 -4.95
CA LEU A 17 2.66 -8.83 -5.14
C LEU A 17 1.54 -9.60 -5.81
N VAL A 18 1.85 -10.23 -6.95
CA VAL A 18 0.88 -11.01 -7.68
C VAL A 18 1.40 -12.40 -7.99
N ASN A 19 0.71 -13.42 -7.48
CA ASN A 19 1.11 -14.80 -7.69
C ASN A 19 2.60 -14.98 -7.44
N SER A 20 3.07 -14.47 -6.31
CA SER A 20 4.48 -14.56 -5.96
C SER A 20 5.36 -13.87 -6.99
N GLN A 21 4.87 -12.73 -7.51
CA GLN A 21 5.61 -11.97 -8.51
C GLN A 21 5.31 -10.48 -8.38
N TRP A 22 6.36 -9.69 -8.20
CA TRP A 22 6.21 -8.24 -8.07
C TRP A 22 5.92 -7.60 -9.41
N LYS A 23 4.77 -6.96 -9.53
CA LYS A 23 4.37 -6.30 -10.77
C LYS A 23 3.79 -4.92 -10.49
N SER A 24 4.36 -3.89 -11.11
CA SER A 24 3.90 -2.53 -10.92
C SER A 24 2.38 -2.45 -11.02
N ARG A 25 1.75 -1.80 -10.04
CA ARG A 25 0.30 -1.65 -10.03
C ARG A 25 -0.10 -0.29 -9.47
N TRP A 26 -1.24 0.21 -9.94
CA TRP A 26 -1.74 1.51 -9.49
C TRP A 26 -2.56 1.37 -8.21
N CYS A 27 -2.05 1.94 -7.13
CA CYS A 27 -2.73 1.88 -5.84
C CYS A 27 -3.32 3.23 -5.47
N SER A 28 -4.60 3.24 -5.11
CA SER A 28 -5.28 4.48 -4.73
C SER A 28 -6.13 4.26 -3.48
N VAL A 29 -5.75 4.93 -2.39
CA VAL A 29 -6.47 4.83 -1.13
C VAL A 29 -7.47 5.97 -0.98
N ARG A 30 -8.69 5.63 -0.59
CA ARG A 30 -9.74 6.62 -0.41
C ARG A 30 -10.88 6.06 0.44
N ASP A 31 -11.40 6.89 1.34
CA ASP A 31 -12.50 6.48 2.21
C ASP A 31 -12.12 5.23 2.99
N ASN A 32 -10.89 5.19 3.49
CA ASN A 32 -10.41 4.05 4.26
C ASN A 32 -10.49 2.76 3.43
N HIS A 33 -10.09 2.85 2.17
CA HIS A 33 -10.13 1.70 1.27
C HIS A 33 -9.02 1.81 0.22
N LEU A 34 -8.32 0.71 -0.01
CA LEU A 34 -7.25 0.67 -1.00
C LEU A 34 -7.73 0.05 -2.31
N HIS A 35 -7.85 0.88 -3.33
CA HIS A 35 -8.29 0.41 -4.65
C HIS A 35 -7.10 -0.02 -5.49
N PHE A 36 -7.39 -0.63 -6.64
CA PHE A 36 -6.36 -1.09 -7.55
C PHE A 36 -6.75 -0.86 -9.00
N TYR A 37 -5.78 -0.46 -9.82
CA TYR A 37 -6.02 -0.19 -11.23
C TYR A 37 -4.82 -0.60 -12.07
N GLN A 38 -5.02 -0.68 -13.38
CA GLN A 38 -3.96 -1.06 -14.30
C GLN A 38 -3.49 0.14 -15.12
N ASP A 39 -3.32 1.28 -14.44
CA ASP A 39 -2.87 2.50 -15.11
C ASP A 39 -3.54 2.66 -16.47
N ARG A 40 -4.71 2.04 -16.61
CA ARG A 40 -5.46 2.11 -17.87
C ARG A 40 -6.63 3.08 -17.74
N ASN A 41 -6.34 4.34 -17.42
CA ASN A 41 -7.37 5.36 -17.28
C ASN A 41 -8.41 4.93 -16.25
N ARG A 42 -7.95 4.29 -15.18
CA ARG A 42 -8.84 3.82 -14.12
C ARG A 42 -10.15 3.33 -14.70
N SER A 43 -10.07 2.62 -15.82
CA SER A 43 -11.27 2.08 -16.47
C SER A 43 -11.50 0.62 -16.07
N LYS A 44 -10.47 -0.20 -16.24
CA LYS A 44 -10.56 -1.61 -15.89
C LYS A 44 -9.74 -1.93 -14.64
N VAL A 45 -10.27 -1.56 -13.48
CA VAL A 45 -9.60 -1.80 -12.22
C VAL A 45 -9.11 -3.25 -12.12
N ALA A 46 -7.83 -3.41 -11.78
CA ALA A 46 -7.25 -4.75 -11.65
C ALA A 46 -8.16 -5.67 -10.86
N GLN A 47 -8.72 -5.16 -9.76
CA GLN A 47 -9.61 -5.94 -8.91
C GLN A 47 -10.36 -5.05 -7.94
N GLN A 48 -11.33 -5.62 -7.24
CA GLN A 48 -12.12 -4.87 -6.27
C GLN A 48 -11.23 -4.15 -5.27
N PRO A 49 -11.79 -3.14 -4.58
CA PRO A 49 -11.06 -2.35 -3.58
C PRO A 49 -10.74 -3.16 -2.33
N LEU A 50 -9.90 -2.59 -1.47
CA LEU A 50 -9.50 -3.25 -0.24
C LEU A 50 -10.06 -2.52 0.98
N SER A 51 -10.52 -3.29 1.96
CA SER A 51 -11.08 -2.71 3.18
C SER A 51 -10.02 -2.61 4.27
N LEU A 52 -9.19 -1.58 4.19
CA LEU A 52 -8.13 -1.36 5.16
C LEU A 52 -8.70 -1.31 6.58
N VAL A 53 -9.87 -0.70 6.71
CA VAL A 53 -10.53 -0.58 8.01
C VAL A 53 -10.53 -1.91 8.76
N GLY A 54 -9.64 -2.04 9.72
CA GLY A 54 -9.55 -3.27 10.50
C GLY A 54 -8.23 -3.97 10.32
N CYS A 55 -7.69 -3.92 9.10
CA CYS A 55 -6.42 -4.56 8.80
C CYS A 55 -5.27 -3.87 9.53
N GLU A 56 -4.05 -4.36 9.34
CA GLU A 56 -2.87 -3.79 9.97
C GLU A 56 -1.66 -3.87 9.05
N VAL A 57 -1.04 -2.72 8.79
CA VAL A 57 0.13 -2.66 7.94
C VAL A 57 1.42 -2.79 8.74
N VAL A 58 2.19 -3.84 8.44
CA VAL A 58 3.44 -4.08 9.14
C VAL A 58 4.62 -4.12 8.17
N PRO A 59 5.74 -3.49 8.57
CA PRO A 59 6.95 -3.45 7.74
C PRO A 59 7.62 -4.80 7.62
N ASP A 60 7.24 -5.56 6.60
CA ASP A 60 7.81 -6.88 6.37
C ASP A 60 8.75 -6.87 5.17
N PRO A 61 9.96 -6.31 5.38
CA PRO A 61 10.97 -6.22 4.32
C PRO A 61 11.56 -7.58 3.96
N SER A 62 12.20 -7.66 2.79
CA SER A 62 12.80 -8.90 2.34
C SER A 62 14.29 -8.73 2.10
N PRO A 63 15.00 -9.85 1.94
CA PRO A 63 16.45 -9.85 1.71
C PRO A 63 16.81 -9.32 0.32
N ASP A 64 15.81 -8.86 -0.41
CA ASP A 64 16.02 -8.32 -1.75
C ASP A 64 15.43 -6.91 -1.86
N HIS A 65 14.69 -6.50 -0.85
CA HIS A 65 14.07 -5.18 -0.84
C HIS A 65 13.55 -4.84 0.55
N LEU A 66 14.25 -3.96 1.26
CA LEU A 66 13.85 -3.55 2.59
C LEU A 66 12.76 -2.49 2.54
N TYR A 67 12.15 -2.33 1.36
CA TYR A 67 11.09 -1.36 1.17
C TYR A 67 9.79 -2.03 0.76
N SER A 68 9.39 -3.04 1.52
CA SER A 68 8.16 -3.78 1.24
C SER A 68 7.39 -4.06 2.52
N PHE A 69 6.10 -3.71 2.51
CA PHE A 69 5.25 -3.94 3.68
C PHE A 69 4.08 -4.86 3.32
N ARG A 70 3.37 -5.32 4.35
CA ARG A 70 2.24 -6.20 4.16
C ARG A 70 1.10 -5.86 5.11
N ILE A 71 -0.11 -6.24 4.74
CA ILE A 71 -1.29 -5.97 5.57
C ILE A 71 -1.86 -7.26 6.14
N LEU A 72 -2.26 -7.20 7.41
CA LEU A 72 -2.82 -8.37 8.09
C LEU A 72 -4.03 -7.96 8.94
N HIS A 73 -5.07 -8.79 8.92
CA HIS A 73 -6.28 -8.52 9.69
C HIS A 73 -6.22 -9.20 11.04
N LYS A 74 -6.39 -10.52 11.05
CA LYS A 74 -6.36 -11.29 12.29
C LYS A 74 -5.28 -12.36 12.23
N GLY A 75 -4.12 -12.01 11.67
CA GLY A 75 -3.03 -12.96 11.55
C GLY A 75 -2.87 -13.49 10.14
N GLU A 76 -3.75 -13.07 9.24
CA GLU A 76 -3.69 -13.51 7.85
C GLU A 76 -3.13 -12.42 6.95
N GLU A 77 -2.98 -12.74 5.67
CA GLU A 77 -2.44 -11.78 4.71
C GLU A 77 -3.56 -11.19 3.85
N LEU A 78 -3.69 -9.87 3.88
CA LEU A 78 -4.72 -9.18 3.12
C LEU A 78 -4.15 -8.63 1.81
N ALA A 79 -3.00 -7.97 1.91
CA ALA A 79 -2.34 -7.40 0.74
C ALA A 79 -0.85 -7.18 0.99
N LYS A 80 -0.07 -7.18 -0.08
CA LYS A 80 1.37 -6.99 0.03
C LYS A 80 1.86 -5.96 -0.99
N LEU A 81 2.26 -4.80 -0.50
CA LEU A 81 2.76 -3.73 -1.37
C LEU A 81 4.25 -3.51 -1.17
N GLU A 82 4.88 -2.88 -2.15
CA GLU A 82 6.31 -2.60 -2.09
C GLU A 82 6.64 -1.25 -2.71
N ALA A 83 7.47 -0.47 -2.01
CA ALA A 83 7.86 0.84 -2.50
C ALA A 83 9.15 0.78 -3.30
N LYS A 84 9.65 1.94 -3.70
CA LYS A 84 10.88 2.02 -4.48
C LYS A 84 12.08 2.32 -3.59
N SER A 85 11.84 3.13 -2.56
CA SER A 85 12.91 3.50 -1.63
C SER A 85 12.43 3.38 -0.18
N SER A 86 13.37 3.39 0.75
CA SER A 86 13.05 3.27 2.16
C SER A 86 12.13 4.42 2.60
N GLU A 87 12.41 5.62 2.11
CA GLU A 87 11.61 6.79 2.45
C GLU A 87 10.17 6.63 1.97
N GLU A 88 10.02 6.09 0.76
CA GLU A 88 8.70 5.89 0.19
C GLU A 88 7.86 4.97 1.07
N MET A 89 8.39 3.80 1.38
CA MET A 89 7.69 2.83 2.22
C MET A 89 7.29 3.46 3.55
N GLY A 90 8.10 4.41 4.02
CA GLY A 90 7.81 5.07 5.28
C GLY A 90 6.64 6.02 5.18
N HIS A 91 6.37 6.50 3.98
CA HIS A 91 5.26 7.43 3.75
C HIS A 91 3.93 6.68 3.66
N TRP A 92 4.00 5.43 3.19
CA TRP A 92 2.81 4.61 3.05
C TRP A 92 2.44 3.95 4.38
N LEU A 93 3.43 3.36 5.03
CA LEU A 93 3.21 2.69 6.31
C LEU A 93 2.23 3.48 7.18
N GLY A 94 2.59 4.73 7.49
CA GLY A 94 1.75 5.57 8.31
C GLY A 94 0.44 5.91 7.61
N LEU A 95 0.49 6.06 6.30
CA LEU A 95 -0.69 6.40 5.51
C LEU A 95 -1.77 5.32 5.68
N LEU A 96 -1.40 4.08 5.42
CA LEU A 96 -2.34 2.96 5.54
C LEU A 96 -2.76 2.76 6.99
N LEU A 97 -1.77 2.65 7.88
CA LEU A 97 -2.04 2.46 9.30
C LEU A 97 -3.15 3.40 9.78
N SER A 98 -3.08 4.65 9.34
CA SER A 98 -4.07 5.65 9.73
C SER A 98 -5.47 5.20 9.34
N GLU A 99 -5.64 4.81 8.08
CA GLU A 99 -6.93 4.35 7.58
C GLU A 99 -7.37 3.08 8.29
N SER A 100 -6.48 2.10 8.32
CA SER A 100 -6.77 0.82 8.97
C SER A 100 -6.72 0.95 10.48
N GLY A 101 -7.14 -0.11 11.18
CA GLY A 101 -7.13 -0.08 12.63
C GLY A 101 -7.82 1.14 13.20
N SER A 102 -9.05 0.96 13.66
CA SER A 102 -9.82 2.06 14.23
C SER A 102 -9.95 1.92 15.74
N GLY A 103 -10.01 3.05 16.43
CA GLY A 103 -10.13 3.03 17.89
C GLY A 103 -8.81 3.36 18.58
N PRO A 104 -8.17 2.33 19.16
CA PRO A 104 -6.90 2.50 19.86
C PRO A 104 -5.75 2.80 18.92
N SER A 105 -4.89 3.73 19.32
CA SER A 105 -3.74 4.12 18.51
C SER A 105 -2.66 4.77 19.36
N SER A 106 -1.55 4.06 19.54
CA SER A 106 -0.44 4.57 20.33
C SER A 106 0.87 4.55 19.54
N GLY A 107 1.58 5.67 19.55
CA GLY A 107 2.83 5.76 18.82
C GLY A 107 4.03 5.70 19.74
N GLY A 1 9.07 9.21 -15.84
CA GLY A 1 9.46 10.19 -14.83
C GLY A 1 10.66 11.02 -15.26
N SER A 2 10.47 12.32 -15.36
CA SER A 2 11.55 13.22 -15.75
C SER A 2 11.76 14.32 -14.71
N SER A 3 10.65 14.91 -14.27
CA SER A 3 10.71 15.98 -13.27
C SER A 3 10.37 15.45 -11.89
N GLY A 4 10.44 16.33 -10.88
CA GLY A 4 10.14 15.93 -9.52
C GLY A 4 8.71 15.44 -9.37
N SER A 5 7.98 16.04 -8.43
CA SER A 5 6.59 15.66 -8.19
C SER A 5 5.80 16.82 -7.59
N SER A 6 4.50 16.83 -7.83
CA SER A 6 3.63 17.89 -7.32
C SER A 6 2.73 17.36 -6.21
N GLY A 7 1.97 16.31 -6.52
CA GLY A 7 1.08 15.73 -5.53
C GLY A 7 1.72 14.58 -4.78
N LEU A 8 1.64 13.39 -5.37
CA LEU A 8 2.22 12.20 -4.74
C LEU A 8 1.87 12.14 -3.26
N GLU A 9 0.60 12.39 -2.94
CA GLU A 9 0.14 12.35 -1.56
C GLU A 9 -0.44 10.98 -1.21
N THR A 10 -1.49 10.59 -1.92
CA THR A 10 -2.14 9.30 -1.68
C THR A 10 -2.16 8.46 -2.94
N SER A 11 -1.08 8.54 -3.72
CA SER A 11 -0.99 7.78 -4.97
C SER A 11 0.46 7.72 -5.46
N SER A 12 0.97 6.51 -5.63
CA SER A 12 2.34 6.31 -6.09
C SER A 12 2.54 4.88 -6.60
N TYR A 13 3.04 4.77 -7.83
CA TYR A 13 3.28 3.46 -8.44
C TYR A 13 3.90 2.50 -7.43
N LEU A 14 3.09 1.60 -6.91
CA LEU A 14 3.56 0.61 -5.94
C LEU A 14 3.60 -0.78 -6.55
N ASN A 15 4.37 -1.67 -5.94
CA ASN A 15 4.50 -3.05 -6.42
C ASN A 15 3.66 -4.00 -5.59
N VAL A 16 2.57 -4.48 -6.17
CA VAL A 16 1.68 -5.40 -5.48
C VAL A 16 2.02 -6.85 -5.80
N LEU A 17 2.53 -7.56 -4.80
CA LEU A 17 2.90 -8.96 -4.98
C LEU A 17 1.89 -9.70 -5.84
N VAL A 18 2.38 -10.41 -6.85
CA VAL A 18 1.52 -11.17 -7.75
C VAL A 18 2.15 -12.49 -8.15
N ASN A 19 1.49 -13.59 -7.77
CA ASN A 19 1.99 -14.92 -8.08
C ASN A 19 3.47 -15.06 -7.70
N SER A 20 3.81 -14.55 -6.51
CA SER A 20 5.18 -14.62 -6.03
C SER A 20 6.09 -13.72 -6.87
N GLN A 21 5.51 -12.70 -7.48
CA GLN A 21 6.26 -11.78 -8.31
C GLN A 21 5.72 -10.36 -8.20
N TRP A 22 6.58 -9.41 -7.87
CA TRP A 22 6.19 -8.02 -7.72
C TRP A 22 5.89 -7.39 -9.08
N LYS A 23 4.64 -6.98 -9.27
CA LYS A 23 4.22 -6.36 -10.52
C LYS A 23 3.93 -4.88 -10.33
N SER A 24 3.80 -4.15 -11.43
CA SER A 24 3.52 -2.73 -11.38
C SER A 24 2.01 -2.47 -11.33
N ARG A 25 1.52 -2.14 -10.15
CA ARG A 25 0.10 -1.87 -9.97
C ARG A 25 -0.12 -0.47 -9.40
N TRP A 26 -1.23 0.16 -9.77
CA TRP A 26 -1.55 1.50 -9.29
C TRP A 26 -2.42 1.43 -8.03
N CYS A 27 -1.79 1.69 -6.89
CA CYS A 27 -2.50 1.65 -5.61
C CYS A 27 -3.08 3.02 -5.28
N SER A 28 -4.35 3.04 -4.88
CA SER A 28 -5.02 4.29 -4.54
C SER A 28 -5.87 4.12 -3.28
N VAL A 29 -5.57 4.91 -2.26
CA VAL A 29 -6.30 4.86 -1.01
C VAL A 29 -7.27 6.03 -0.87
N ARG A 30 -8.54 5.71 -0.64
CA ARG A 30 -9.56 6.74 -0.49
C ARG A 30 -10.81 6.17 0.19
N ASP A 31 -11.54 7.04 0.89
CA ASP A 31 -12.75 6.62 1.60
C ASP A 31 -12.46 5.44 2.51
N ASN A 32 -11.30 5.46 3.16
CA ASN A 32 -10.91 4.39 4.06
C ASN A 32 -10.93 3.04 3.35
N HIS A 33 -10.45 3.02 2.11
CA HIS A 33 -10.42 1.79 1.32
C HIS A 33 -9.28 1.83 0.31
N LEU A 34 -8.57 0.71 0.18
CA LEU A 34 -7.45 0.62 -0.74
C LEU A 34 -7.89 0.00 -2.08
N HIS A 35 -7.96 0.82 -3.11
CA HIS A 35 -8.36 0.36 -4.43
C HIS A 35 -7.15 -0.01 -5.28
N PHE A 36 -7.39 -0.75 -6.35
CA PHE A 36 -6.32 -1.17 -7.24
C PHE A 36 -6.63 -0.81 -8.69
N TYR A 37 -5.67 -0.20 -9.36
CA TYR A 37 -5.85 0.20 -10.75
C TYR A 37 -4.59 -0.11 -11.58
N GLN A 38 -4.74 -0.08 -12.89
CA GLN A 38 -3.62 -0.36 -13.79
C GLN A 38 -3.03 0.94 -14.34
N ASP A 39 -3.87 1.74 -14.98
CA ASP A 39 -3.43 3.01 -15.55
C ASP A 39 -3.91 4.18 -14.70
N ARG A 40 -3.59 5.39 -15.15
CA ARG A 40 -3.99 6.60 -14.42
C ARG A 40 -5.34 7.11 -14.91
N ASN A 41 -6.12 6.22 -15.50
CA ASN A 41 -7.44 6.59 -16.01
C ASN A 41 -8.54 6.04 -15.12
N ARG A 42 -8.19 5.08 -14.27
CA ARG A 42 -9.15 4.46 -13.36
C ARG A 42 -10.40 4.02 -14.11
N SER A 43 -10.20 3.24 -15.16
CA SER A 43 -11.32 2.75 -15.97
C SER A 43 -11.38 1.22 -15.93
N LYS A 44 -10.21 0.59 -16.02
CA LYS A 44 -10.13 -0.86 -16.00
C LYS A 44 -9.51 -1.36 -14.70
N VAL A 45 -10.25 -1.26 -13.61
CA VAL A 45 -9.77 -1.69 -12.31
C VAL A 45 -9.14 -3.08 -12.39
N ALA A 46 -7.99 -3.24 -11.75
CA ALA A 46 -7.27 -4.51 -11.75
C ALA A 46 -7.96 -5.51 -10.82
N GLN A 47 -8.41 -5.04 -9.67
CA GLN A 47 -9.08 -5.90 -8.70
C GLN A 47 -9.94 -5.08 -7.75
N GLN A 48 -10.94 -5.72 -7.16
CA GLN A 48 -11.84 -5.05 -6.23
C GLN A 48 -11.06 -4.29 -5.17
N PRO A 49 -11.74 -3.34 -4.52
CA PRO A 49 -11.12 -2.52 -3.46
C PRO A 49 -10.83 -3.32 -2.20
N LEU A 50 -10.08 -2.73 -1.29
CA LEU A 50 -9.72 -3.38 -0.02
C LEU A 50 -10.20 -2.57 1.17
N SER A 51 -10.71 -3.26 2.18
CA SER A 51 -11.21 -2.59 3.38
C SER A 51 -10.10 -2.43 4.41
N LEU A 52 -9.35 -1.34 4.29
CA LEU A 52 -8.25 -1.07 5.22
C LEU A 52 -8.74 -1.06 6.67
N VAL A 53 -9.86 -0.37 6.89
CA VAL A 53 -10.43 -0.29 8.23
C VAL A 53 -10.56 -1.66 8.88
N GLY A 54 -9.64 -1.96 9.80
CA GLY A 54 -9.67 -3.25 10.48
C GLY A 54 -8.38 -4.03 10.28
N CYS A 55 -7.76 -3.85 9.12
CA CYS A 55 -6.51 -4.54 8.81
C CYS A 55 -5.35 -3.95 9.59
N GLU A 56 -4.14 -4.43 9.32
CA GLU A 56 -2.94 -3.93 9.99
C GLU A 56 -1.73 -4.00 9.06
N VAL A 57 -1.12 -2.84 8.81
CA VAL A 57 0.04 -2.77 7.94
C VAL A 57 1.33 -2.98 8.74
N VAL A 58 2.12 -3.96 8.31
CA VAL A 58 3.38 -4.26 8.99
C VAL A 58 4.53 -4.27 8.00
N PRO A 59 5.67 -3.68 8.41
CA PRO A 59 6.87 -3.61 7.57
C PRO A 59 7.54 -4.96 7.40
N ASP A 60 7.15 -5.67 6.34
CA ASP A 60 7.71 -6.98 6.05
C ASP A 60 8.66 -6.92 4.86
N PRO A 61 9.87 -6.40 5.10
CA PRO A 61 10.90 -6.27 4.05
C PRO A 61 11.46 -7.61 3.61
N SER A 62 12.25 -7.60 2.55
CA SER A 62 12.85 -8.83 2.03
C SER A 62 14.35 -8.66 1.85
N PRO A 63 15.06 -9.78 1.66
CA PRO A 63 16.51 -9.79 1.46
C PRO A 63 16.91 -9.20 0.12
N ASP A 64 15.93 -8.70 -0.62
CA ASP A 64 16.19 -8.10 -1.92
C ASP A 64 15.61 -6.69 -2.01
N HIS A 65 14.81 -6.33 -1.00
CA HIS A 65 14.19 -5.01 -0.95
C HIS A 65 13.62 -4.73 0.43
N LEU A 66 14.31 -3.87 1.19
CA LEU A 66 13.86 -3.52 2.54
C LEU A 66 12.81 -2.41 2.49
N TYR A 67 12.10 -2.33 1.36
CA TYR A 67 11.07 -1.31 1.19
C TYR A 67 9.75 -1.94 0.80
N SER A 68 9.43 -3.09 1.42
CA SER A 68 8.20 -3.80 1.13
C SER A 68 7.38 -4.02 2.40
N PHE A 69 6.09 -3.71 2.33
CA PHE A 69 5.20 -3.87 3.47
C PHE A 69 3.97 -4.68 3.09
N ARG A 70 3.36 -5.32 4.09
CA ARG A 70 2.17 -6.14 3.86
C ARG A 70 1.10 -5.83 4.90
N ILE A 71 -0.16 -6.11 4.54
CA ILE A 71 -1.28 -5.87 5.44
C ILE A 71 -1.87 -7.18 5.96
N LEU A 72 -2.32 -7.16 7.20
CA LEU A 72 -2.91 -8.34 7.82
C LEU A 72 -4.15 -7.98 8.62
N HIS A 73 -5.17 -8.84 8.56
CA HIS A 73 -6.41 -8.61 9.29
C HIS A 73 -6.45 -9.42 10.58
N LYS A 74 -6.60 -10.73 10.44
CA LYS A 74 -6.64 -11.62 11.60
C LYS A 74 -5.51 -12.64 11.55
N GLY A 75 -4.32 -12.17 11.16
CA GLY A 75 -3.17 -13.05 11.08
C GLY A 75 -2.88 -13.49 9.66
N GLU A 76 -3.76 -13.14 8.74
CA GLU A 76 -3.59 -13.50 7.33
C GLU A 76 -3.02 -12.33 6.53
N GLU A 77 -2.93 -12.50 5.23
CA GLU A 77 -2.40 -11.47 4.34
C GLU A 77 -3.51 -10.87 3.49
N LEU A 78 -3.72 -9.57 3.63
CA LEU A 78 -4.75 -8.87 2.86
C LEU A 78 -4.19 -8.32 1.56
N ALA A 79 -3.05 -7.63 1.67
CA ALA A 79 -2.39 -7.05 0.50
C ALA A 79 -0.90 -6.83 0.76
N LYS A 80 -0.10 -7.04 -0.28
CA LYS A 80 1.34 -6.86 -0.17
C LYS A 80 1.86 -5.88 -1.22
N LEU A 81 2.30 -4.71 -0.77
CA LEU A 81 2.82 -3.68 -1.68
C LEU A 81 4.30 -3.44 -1.43
N GLU A 82 4.98 -2.88 -2.42
CA GLU A 82 6.40 -2.60 -2.32
C GLU A 82 6.72 -1.22 -2.89
N ALA A 83 7.60 -0.48 -2.20
CA ALA A 83 7.99 0.85 -2.63
C ALA A 83 9.29 0.81 -3.43
N LYS A 84 9.81 1.97 -3.78
CA LYS A 84 11.05 2.08 -4.54
C LYS A 84 12.23 2.41 -3.63
N SER A 85 11.94 3.06 -2.51
CA SER A 85 12.97 3.44 -1.56
C SER A 85 12.45 3.32 -0.12
N SER A 86 13.37 3.49 0.84
CA SER A 86 13.00 3.39 2.25
C SER A 86 12.07 4.53 2.64
N GLU A 87 12.40 5.74 2.22
CA GLU A 87 11.59 6.92 2.52
C GLU A 87 10.18 6.76 1.98
N GLU A 88 10.06 6.13 0.82
CA GLU A 88 8.77 5.92 0.18
C GLU A 88 7.90 5.00 1.03
N MET A 89 8.44 3.84 1.39
CA MET A 89 7.71 2.86 2.19
C MET A 89 7.29 3.47 3.52
N GLY A 90 8.08 4.42 4.02
CA GLY A 90 7.76 5.07 5.28
C GLY A 90 6.56 5.98 5.18
N HIS A 91 6.28 6.45 3.97
CA HIS A 91 5.14 7.34 3.74
C HIS A 91 3.84 6.54 3.62
N TRP A 92 3.97 5.30 3.14
CA TRP A 92 2.80 4.44 2.97
C TRP A 92 2.42 3.78 4.30
N LEU A 93 3.41 3.25 5.00
CA LEU A 93 3.17 2.59 6.28
C LEU A 93 2.21 3.40 7.15
N GLY A 94 2.59 4.66 7.41
CA GLY A 94 1.76 5.53 8.21
C GLY A 94 0.46 5.90 7.53
N LEU A 95 0.52 6.04 6.21
CA LEU A 95 -0.66 6.40 5.43
C LEU A 95 -1.77 5.36 5.59
N LEU A 96 -1.43 4.10 5.32
CA LEU A 96 -2.39 3.01 5.44
C LEU A 96 -2.87 2.87 6.88
N LEU A 97 -1.92 2.82 7.81
CA LEU A 97 -2.25 2.69 9.23
C LEU A 97 -3.34 3.68 9.63
N SER A 98 -3.14 4.94 9.26
CA SER A 98 -4.10 5.99 9.60
C SER A 98 -5.51 5.57 9.21
N GLU A 99 -5.67 5.11 7.97
CA GLU A 99 -6.98 4.69 7.47
C GLU A 99 -7.41 3.40 8.15
N SER A 100 -6.62 2.35 8.00
CA SER A 100 -6.93 1.05 8.60
C SER A 100 -6.96 1.16 10.12
N GLY A 101 -8.14 1.39 10.66
CA GLY A 101 -8.29 1.50 12.11
C GLY A 101 -9.74 1.50 12.54
N SER A 102 -10.24 0.34 12.96
CA SER A 102 -11.62 0.22 13.39
C SER A 102 -11.94 1.22 14.49
N GLY A 103 -11.19 1.14 15.59
CA GLY A 103 -11.41 2.06 16.70
C GLY A 103 -10.29 1.99 17.73
N PRO A 104 -10.49 2.68 18.87
CA PRO A 104 -9.51 2.71 19.95
C PRO A 104 -9.40 1.37 20.68
N SER A 105 -8.51 1.30 21.67
CA SER A 105 -8.31 0.08 22.43
C SER A 105 -9.39 -0.08 23.49
N SER A 106 -9.63 0.99 24.25
CA SER A 106 -10.64 0.97 25.31
C SER A 106 -11.97 0.44 24.79
N GLY A 107 -12.46 -0.63 25.40
CA GLY A 107 -13.72 -1.21 24.99
C GLY A 107 -14.90 -0.30 25.26
N GLY A 1 20.34 8.58 -9.78
CA GLY A 1 18.92 8.49 -10.05
C GLY A 1 18.27 9.86 -10.16
N SER A 2 16.95 9.87 -10.38
CA SER A 2 16.22 11.11 -10.50
C SER A 2 15.15 11.21 -9.42
N SER A 3 15.44 11.97 -8.36
CA SER A 3 14.51 12.14 -7.26
C SER A 3 14.19 13.62 -7.04
N GLY A 4 12.95 14.00 -7.33
CA GLY A 4 12.55 15.38 -7.16
C GLY A 4 11.04 15.56 -7.26
N SER A 5 10.30 14.66 -6.62
CA SER A 5 8.84 14.72 -6.66
C SER A 5 8.29 15.13 -5.29
N SER A 6 8.93 16.11 -4.67
CA SER A 6 8.51 16.60 -3.37
C SER A 6 7.05 17.05 -3.40
N GLY A 7 6.21 16.37 -2.61
CA GLY A 7 4.80 16.70 -2.56
C GLY A 7 3.96 15.77 -3.40
N LEU A 8 3.93 14.50 -3.02
CA LEU A 8 3.16 13.50 -3.74
C LEU A 8 2.13 12.84 -2.83
N GLU A 9 0.86 13.00 -3.18
CA GLU A 9 -0.23 12.43 -2.40
C GLU A 9 -0.21 10.90 -2.48
N THR A 10 -1.16 10.27 -1.79
CA THR A 10 -1.25 8.81 -1.79
C THR A 10 -1.09 8.25 -3.19
N SER A 11 -2.02 8.61 -4.07
CA SER A 11 -1.99 8.13 -5.45
C SER A 11 -0.55 8.05 -5.96
N SER A 12 -0.13 6.84 -6.31
CA SER A 12 1.23 6.61 -6.82
C SER A 12 1.38 5.20 -7.36
N TYR A 13 2.53 4.93 -7.95
CA TYR A 13 2.81 3.61 -8.53
C TYR A 13 3.60 2.75 -7.55
N LEU A 14 2.92 1.78 -6.94
CA LEU A 14 3.57 0.88 -5.99
C LEU A 14 3.65 -0.54 -6.55
N ASN A 15 4.48 -1.37 -5.93
CA ASN A 15 4.66 -2.75 -6.37
C ASN A 15 3.76 -3.69 -5.57
N VAL A 16 2.71 -4.19 -6.23
CA VAL A 16 1.77 -5.10 -5.59
C VAL A 16 2.10 -6.55 -5.91
N LEU A 17 2.42 -7.33 -4.88
CA LEU A 17 2.76 -8.74 -5.06
C LEU A 17 1.59 -9.51 -5.69
N VAL A 18 1.91 -10.33 -6.69
CA VAL A 18 0.90 -11.13 -7.37
C VAL A 18 1.42 -12.52 -7.70
N ASN A 19 0.72 -13.53 -7.24
CA ASN A 19 1.11 -14.92 -7.48
C ASN A 19 2.61 -15.11 -7.28
N SER A 20 3.11 -14.58 -6.18
CA SER A 20 4.54 -14.68 -5.86
C SER A 20 5.38 -14.00 -6.95
N GLN A 21 4.89 -12.87 -7.45
CA GLN A 21 5.59 -12.13 -8.48
C GLN A 21 5.28 -10.64 -8.39
N TRP A 22 6.33 -9.83 -8.25
CA TRP A 22 6.16 -8.38 -8.14
C TRP A 22 5.83 -7.78 -9.50
N LYS A 23 4.60 -7.30 -9.64
CA LYS A 23 4.15 -6.69 -10.89
C LYS A 23 3.70 -5.25 -10.67
N SER A 24 3.83 -4.43 -11.70
CA SER A 24 3.44 -3.03 -11.61
C SER A 24 1.92 -2.89 -11.51
N ARG A 25 1.46 -2.31 -10.41
CA ARG A 25 0.03 -2.12 -10.18
C ARG A 25 -0.25 -0.75 -9.59
N TRP A 26 -1.37 -0.15 -9.99
CA TRP A 26 -1.75 1.17 -9.50
C TRP A 26 -2.45 1.06 -8.14
N CYS A 27 -2.00 1.88 -7.19
CA CYS A 27 -2.59 1.88 -5.85
C CYS A 27 -3.22 3.22 -5.53
N SER A 28 -4.47 3.21 -5.10
CA SER A 28 -5.18 4.43 -4.77
C SER A 28 -6.03 4.24 -3.51
N VAL A 29 -5.70 4.99 -2.46
CA VAL A 29 -6.43 4.89 -1.20
C VAL A 29 -7.45 6.02 -1.07
N ARG A 30 -8.66 5.67 -0.64
CA ARG A 30 -9.73 6.65 -0.48
C ARG A 30 -10.86 6.08 0.38
N ASP A 31 -11.37 6.91 1.29
CA ASP A 31 -12.46 6.49 2.17
C ASP A 31 -12.04 5.29 3.01
N ASN A 32 -10.79 5.28 3.46
CA ASN A 32 -10.27 4.19 4.27
C ASN A 32 -10.32 2.87 3.51
N HIS A 33 -10.02 2.92 2.22
CA HIS A 33 -10.03 1.73 1.37
C HIS A 33 -8.95 1.81 0.31
N LEU A 34 -8.22 0.71 0.14
CA LEU A 34 -7.14 0.65 -0.85
C LEU A 34 -7.64 0.02 -2.15
N HIS A 35 -7.76 0.83 -3.19
CA HIS A 35 -8.21 0.35 -4.49
C HIS A 35 -7.04 -0.02 -5.38
N PHE A 36 -7.30 -0.81 -6.41
CA PHE A 36 -6.25 -1.24 -7.34
C PHE A 36 -6.67 -0.98 -8.78
N TYR A 37 -5.71 -0.59 -9.62
CA TYR A 37 -5.97 -0.31 -11.01
C TYR A 37 -4.75 -0.62 -11.88
N GLN A 38 -4.94 -0.62 -13.19
CA GLN A 38 -3.85 -0.91 -14.12
C GLN A 38 -3.48 0.34 -14.92
N ASP A 39 -4.50 1.05 -15.41
CA ASP A 39 -4.28 2.25 -16.19
C ASP A 39 -3.96 3.44 -15.29
N ARG A 40 -3.58 4.56 -15.89
CA ARG A 40 -3.24 5.75 -15.14
C ARG A 40 -4.49 6.42 -14.56
N ASN A 41 -5.40 6.80 -15.45
CA ASN A 41 -6.64 7.45 -15.03
C ASN A 41 -7.65 6.42 -14.54
N ARG A 42 -7.18 5.48 -13.72
CA ARG A 42 -8.04 4.43 -13.17
C ARG A 42 -9.10 4.02 -14.18
N SER A 43 -8.70 3.92 -15.45
CA SER A 43 -9.61 3.53 -16.51
C SER A 43 -9.97 2.06 -16.42
N LYS A 44 -8.97 1.23 -16.09
CA LYS A 44 -9.18 -0.20 -15.96
C LYS A 44 -8.71 -0.71 -14.60
N VAL A 45 -9.65 -1.21 -13.80
CA VAL A 45 -9.32 -1.74 -12.48
C VAL A 45 -8.65 -3.10 -12.57
N ALA A 46 -7.71 -3.35 -11.66
CA ALA A 46 -6.99 -4.62 -11.64
C ALA A 46 -7.73 -5.65 -10.80
N GLN A 47 -8.34 -5.18 -9.71
CA GLN A 47 -9.08 -6.07 -8.81
C GLN A 47 -9.97 -5.27 -7.87
N GLN A 48 -10.71 -5.97 -7.02
CA GLN A 48 -11.61 -5.33 -6.08
C GLN A 48 -10.83 -4.48 -5.08
N PRO A 49 -11.49 -3.44 -4.53
CA PRO A 49 -10.88 -2.53 -3.56
C PRO A 49 -10.64 -3.22 -2.21
N LEU A 50 -9.87 -2.55 -1.35
CA LEU A 50 -9.57 -3.08 -0.03
C LEU A 50 -10.13 -2.18 1.07
N SER A 51 -10.48 -2.78 2.20
CA SER A 51 -11.03 -2.03 3.32
C SER A 51 -10.03 -1.99 4.48
N LEU A 52 -9.06 -1.09 4.38
CA LEU A 52 -8.04 -0.95 5.41
C LEU A 52 -8.67 -0.99 6.80
N VAL A 53 -9.80 -0.30 6.95
CA VAL A 53 -10.51 -0.27 8.22
C VAL A 53 -10.59 -1.65 8.85
N GLY A 54 -9.73 -1.91 9.83
CA GLY A 54 -9.72 -3.20 10.50
C GLY A 54 -8.41 -3.94 10.29
N CYS A 55 -7.86 -3.85 9.09
CA CYS A 55 -6.60 -4.52 8.78
C CYS A 55 -5.45 -3.91 9.55
N GLU A 56 -4.24 -4.44 9.34
CA GLU A 56 -3.05 -3.94 10.02
C GLU A 56 -1.84 -4.01 9.10
N VAL A 57 -1.24 -2.84 8.84
CA VAL A 57 -0.07 -2.75 7.99
C VAL A 57 1.22 -2.96 8.78
N VAL A 58 2.07 -3.86 8.31
CA VAL A 58 3.33 -4.14 8.97
C VAL A 58 4.49 -4.14 7.99
N PRO A 59 5.62 -3.55 8.40
CA PRO A 59 6.82 -3.47 7.56
C PRO A 59 7.49 -4.83 7.37
N ASP A 60 7.12 -5.51 6.28
CA ASP A 60 7.67 -6.82 5.98
C ASP A 60 8.65 -6.73 4.81
N PRO A 61 9.87 -6.23 5.09
CA PRO A 61 10.91 -6.07 4.07
C PRO A 61 11.48 -7.42 3.62
N SER A 62 12.18 -7.41 2.49
CA SER A 62 12.76 -8.63 1.95
C SER A 62 14.28 -8.49 1.84
N PRO A 63 14.97 -9.64 1.63
CA PRO A 63 16.42 -9.68 1.50
C PRO A 63 16.90 -9.03 0.21
N ASP A 64 15.97 -8.47 -0.56
CA ASP A 64 16.31 -7.81 -1.82
C ASP A 64 15.79 -6.38 -1.84
N HIS A 65 14.82 -6.09 -0.98
CA HIS A 65 14.24 -4.76 -0.89
C HIS A 65 13.65 -4.50 0.50
N LEU A 66 14.35 -3.70 1.29
CA LEU A 66 13.90 -3.37 2.64
C LEU A 66 12.86 -2.25 2.61
N TYR A 67 12.15 -2.14 1.48
CA TYR A 67 11.13 -1.12 1.34
C TYR A 67 9.79 -1.74 0.93
N SER A 68 9.47 -2.88 1.53
CA SER A 68 8.23 -3.58 1.22
C SER A 68 7.38 -3.74 2.48
N PHE A 69 6.07 -3.56 2.34
CA PHE A 69 5.15 -3.68 3.45
C PHE A 69 3.91 -4.49 3.06
N ARG A 70 3.29 -5.13 4.03
CA ARG A 70 2.10 -5.93 3.78
C ARG A 70 1.08 -5.75 4.91
N ILE A 71 -0.19 -5.91 4.56
CA ILE A 71 -1.27 -5.77 5.53
C ILE A 71 -1.77 -7.13 6.02
N LEU A 72 -2.36 -7.14 7.21
CA LEU A 72 -2.87 -8.38 7.79
C LEU A 72 -4.22 -8.14 8.48
N HIS A 73 -5.03 -9.19 8.57
CA HIS A 73 -6.34 -9.09 9.20
C HIS A 73 -6.51 -10.19 10.26
N LYS A 74 -6.00 -9.93 11.46
CA LYS A 74 -6.09 -10.89 12.55
C LYS A 74 -5.12 -12.05 12.35
N GLY A 75 -3.97 -11.75 11.75
CA GLY A 75 -2.97 -12.78 11.51
C GLY A 75 -3.01 -13.31 10.10
N GLU A 76 -4.05 -12.93 9.35
CA GLU A 76 -4.21 -13.37 7.98
C GLU A 76 -3.63 -12.35 7.01
N GLU A 77 -3.20 -12.82 5.85
CA GLU A 77 -2.63 -11.95 4.82
C GLU A 77 -3.71 -11.40 3.89
N LEU A 78 -3.70 -10.09 3.67
CA LEU A 78 -4.68 -9.46 2.80
C LEU A 78 -4.04 -8.99 1.51
N ALA A 79 -2.89 -8.32 1.63
CA ALA A 79 -2.17 -7.82 0.46
C ALA A 79 -0.71 -7.54 0.80
N LYS A 80 0.07 -7.18 -0.22
CA LYS A 80 1.48 -6.88 -0.03
C LYS A 80 1.98 -5.90 -1.09
N LEU A 81 2.41 -4.73 -0.65
CA LEU A 81 2.91 -3.71 -1.56
C LEU A 81 4.39 -3.44 -1.33
N GLU A 82 5.04 -2.82 -2.31
CA GLU A 82 6.46 -2.51 -2.20
C GLU A 82 6.75 -1.11 -2.74
N ALA A 83 7.43 -0.30 -1.92
CA ALA A 83 7.77 1.06 -2.31
C ALA A 83 9.04 1.09 -3.15
N LYS A 84 9.51 2.29 -3.46
CA LYS A 84 10.73 2.46 -4.25
C LYS A 84 11.94 2.67 -3.35
N SER A 85 11.77 3.43 -2.28
CA SER A 85 12.84 3.71 -1.35
C SER A 85 12.36 3.59 0.10
N SER A 86 13.30 3.62 1.03
CA SER A 86 12.97 3.51 2.45
C SER A 86 12.05 4.64 2.88
N GLU A 87 12.32 5.85 2.38
CA GLU A 87 11.53 7.02 2.72
C GLU A 87 10.10 6.87 2.19
N GLU A 88 9.97 6.26 1.01
CA GLU A 88 8.66 6.05 0.40
C GLU A 88 7.79 5.13 1.26
N MET A 89 8.34 3.96 1.60
CA MET A 89 7.62 2.99 2.42
C MET A 89 7.17 3.63 3.74
N GLY A 90 7.99 4.55 4.25
CA GLY A 90 7.66 5.20 5.50
C GLY A 90 6.41 6.07 5.40
N HIS A 91 6.15 6.58 4.20
CA HIS A 91 4.98 7.43 3.96
C HIS A 91 3.74 6.57 3.75
N TRP A 92 3.93 5.36 3.25
CA TRP A 92 2.81 4.46 2.99
C TRP A 92 2.42 3.71 4.25
N LEU A 93 3.42 3.25 5.01
CA LEU A 93 3.18 2.51 6.24
C LEU A 93 2.22 3.28 7.15
N GLY A 94 2.65 4.44 7.61
CA GLY A 94 1.82 5.26 8.48
C GLY A 94 0.54 5.71 7.80
N LEU A 95 0.62 5.93 6.49
CA LEU A 95 -0.55 6.37 5.73
C LEU A 95 -1.66 5.33 5.78
N LEU A 96 -1.31 4.08 5.50
CA LEU A 96 -2.28 2.99 5.52
C LEU A 96 -2.76 2.71 6.93
N LEU A 97 -1.82 2.68 7.87
CA LEU A 97 -2.15 2.42 9.27
C LEU A 97 -3.22 3.40 9.76
N SER A 98 -2.94 4.68 9.63
CA SER A 98 -3.88 5.71 10.06
C SER A 98 -5.29 5.42 9.56
N GLU A 99 -5.38 4.93 8.33
CA GLU A 99 -6.66 4.61 7.73
C GLU A 99 -7.28 3.38 8.39
N SER A 100 -6.58 2.25 8.30
CA SER A 100 -7.07 1.00 8.89
C SER A 100 -7.53 1.23 10.32
N GLY A 101 -6.62 1.65 11.19
CA GLY A 101 -6.96 1.90 12.57
C GLY A 101 -7.69 3.21 12.77
N SER A 102 -9.02 3.17 12.71
CA SER A 102 -9.82 4.37 12.88
C SER A 102 -10.39 4.45 14.30
N GLY A 103 -10.96 3.35 14.77
CA GLY A 103 -11.53 3.32 16.11
C GLY A 103 -10.51 3.67 17.17
N PRO A 104 -9.59 2.73 17.46
CA PRO A 104 -8.54 2.92 18.47
C PRO A 104 -7.50 3.95 18.03
N SER A 105 -7.50 4.27 16.74
CA SER A 105 -6.55 5.24 16.20
C SER A 105 -5.15 4.98 16.74
N SER A 106 -4.76 3.71 16.77
CA SER A 106 -3.44 3.33 17.27
C SER A 106 -2.36 3.63 16.23
N GLY A 107 -1.20 4.06 16.71
CA GLY A 107 -0.09 4.37 15.81
C GLY A 107 1.04 5.08 16.51
N GLY A 1 21.15 10.75 -2.25
CA GLY A 1 20.74 11.43 -3.46
C GLY A 1 19.38 10.96 -3.95
N SER A 2 18.78 11.75 -4.83
CA SER A 2 17.47 11.43 -5.38
C SER A 2 16.45 11.26 -4.26
N SER A 3 16.47 12.17 -3.29
CA SER A 3 15.55 12.10 -2.17
C SER A 3 14.41 13.11 -2.34
N GLY A 4 13.20 12.68 -2.05
CA GLY A 4 12.05 13.55 -2.17
C GLY A 4 11.85 14.44 -0.97
N SER A 5 11.95 15.74 -1.17
CA SER A 5 11.79 16.71 -0.09
C SER A 5 10.63 16.32 0.81
N SER A 6 9.45 16.13 0.22
CA SER A 6 8.26 15.77 0.96
C SER A 6 7.98 14.28 0.83
N GLY A 7 8.53 13.66 -0.22
CA GLY A 7 8.33 12.24 -0.44
C GLY A 7 7.44 11.98 -1.64
N LEU A 8 6.36 11.23 -1.42
CA LEU A 8 5.42 10.89 -2.49
C LEU A 8 4.00 11.25 -2.10
N GLU A 9 3.05 10.95 -2.99
CA GLU A 9 1.65 11.24 -2.74
C GLU A 9 0.84 9.95 -2.60
N THR A 10 -0.34 10.05 -2.00
CA THR A 10 -1.20 8.89 -1.80
C THR A 10 -1.31 8.07 -3.07
N SER A 11 -1.52 8.74 -4.20
CA SER A 11 -1.65 8.08 -5.48
C SER A 11 -0.29 7.90 -6.15
N SER A 12 0.44 6.87 -5.72
CA SER A 12 1.76 6.59 -6.28
C SER A 12 1.89 5.12 -6.66
N TYR A 13 2.22 4.87 -7.91
CA TYR A 13 2.38 3.51 -8.41
C TYR A 13 3.17 2.66 -7.41
N LEU A 14 2.54 1.60 -6.92
CA LEU A 14 3.18 0.70 -5.97
C LEU A 14 3.23 -0.72 -6.51
N ASN A 15 4.14 -1.52 -5.96
CA ASN A 15 4.30 -2.91 -6.40
C ASN A 15 3.39 -3.83 -5.60
N VAL A 16 2.35 -4.34 -6.24
CA VAL A 16 1.40 -5.24 -5.60
C VAL A 16 1.77 -6.70 -5.84
N LEU A 17 2.30 -7.35 -4.80
CA LEU A 17 2.70 -8.75 -4.90
C LEU A 17 1.61 -9.59 -5.55
N VAL A 18 1.97 -10.32 -6.60
CA VAL A 18 1.03 -11.17 -7.30
C VAL A 18 1.64 -12.50 -7.66
N ASN A 19 0.94 -13.59 -7.31
CA ASN A 19 1.43 -14.93 -7.59
C ASN A 19 2.92 -15.06 -7.29
N SER A 20 3.33 -14.52 -6.15
CA SER A 20 4.72 -14.56 -5.74
C SER A 20 5.61 -13.80 -6.72
N GLN A 21 5.08 -12.69 -7.25
CA GLN A 21 5.81 -11.87 -8.20
C GLN A 21 5.40 -10.41 -8.09
N TRP A 22 6.39 -9.55 -7.87
CA TRP A 22 6.13 -8.12 -7.74
C TRP A 22 5.78 -7.50 -9.09
N LYS A 23 4.50 -7.22 -9.27
CA LYS A 23 4.02 -6.63 -10.53
C LYS A 23 3.71 -5.14 -10.34
N SER A 24 3.77 -4.39 -11.44
CA SER A 24 3.50 -2.95 -11.40
C SER A 24 1.99 -2.69 -11.34
N ARG A 25 1.54 -2.14 -10.21
CA ARG A 25 0.13 -1.83 -10.04
C ARG A 25 -0.06 -0.45 -9.42
N TRP A 26 -1.20 0.16 -9.70
CA TRP A 26 -1.50 1.50 -9.18
C TRP A 26 -2.40 1.41 -7.95
N CYS A 27 -1.87 1.86 -6.82
CA CYS A 27 -2.64 1.83 -5.57
C CYS A 27 -3.16 3.22 -5.22
N SER A 28 -4.40 3.28 -4.75
CA SER A 28 -5.01 4.54 -4.37
C SER A 28 -5.90 4.38 -3.14
N VAL A 29 -5.63 5.19 -2.12
CA VAL A 29 -6.40 5.14 -0.89
C VAL A 29 -7.15 6.44 -0.65
N ARG A 30 -8.46 6.33 -0.45
CA ARG A 30 -9.29 7.50 -0.22
C ARG A 30 -10.20 7.30 1.00
N ASP A 31 -11.23 6.47 0.84
CA ASP A 31 -12.16 6.18 1.92
C ASP A 31 -11.77 4.90 2.65
N ASN A 32 -10.86 5.02 3.61
CA ASN A 32 -10.40 3.86 4.38
C ASN A 32 -10.42 2.60 3.52
N HIS A 33 -10.03 2.74 2.25
CA HIS A 33 -9.99 1.61 1.33
C HIS A 33 -8.84 1.76 0.35
N LEU A 34 -8.28 0.63 -0.07
CA LEU A 34 -7.17 0.62 -1.01
C LEU A 34 -7.60 0.07 -2.37
N HIS A 35 -7.76 0.96 -3.34
CA HIS A 35 -8.18 0.55 -4.69
C HIS A 35 -6.96 0.18 -5.53
N PHE A 36 -7.20 -0.59 -6.59
CA PHE A 36 -6.13 -1.02 -7.48
C PHE A 36 -6.49 -0.73 -8.94
N TYR A 37 -5.64 0.05 -9.60
CA TYR A 37 -5.86 0.40 -10.99
C TYR A 37 -4.71 -0.07 -11.88
N GLN A 38 -4.90 0.00 -13.18
CA GLN A 38 -3.88 -0.42 -14.14
C GLN A 38 -3.27 0.78 -14.85
N ASP A 39 -4.13 1.70 -15.28
CA ASP A 39 -3.69 2.90 -15.98
C ASP A 39 -3.64 4.10 -15.04
N ARG A 40 -2.91 5.13 -15.43
CA ARG A 40 -2.78 6.33 -14.62
C ARG A 40 -4.08 7.13 -14.63
N ASN A 41 -4.92 6.88 -15.64
CA ASN A 41 -6.19 7.57 -15.77
C ASN A 41 -7.34 6.69 -15.30
N ARG A 42 -7.13 5.97 -14.20
CA ARG A 42 -8.14 5.09 -13.66
C ARG A 42 -8.94 4.42 -14.78
N SER A 43 -8.26 4.06 -15.86
CA SER A 43 -8.90 3.42 -16.99
C SER A 43 -9.83 2.31 -16.54
N LYS A 44 -9.28 1.35 -15.79
CA LYS A 44 -10.06 0.23 -15.28
C LYS A 44 -9.51 -0.25 -13.95
N VAL A 45 -10.42 -0.65 -13.04
CA VAL A 45 -10.02 -1.14 -11.73
C VAL A 45 -9.44 -2.54 -11.82
N ALA A 46 -8.11 -2.62 -11.81
CA ALA A 46 -7.42 -3.91 -11.89
C ALA A 46 -8.20 -5.00 -11.17
N GLN A 47 -8.64 -4.69 -9.95
CA GLN A 47 -9.41 -5.65 -9.14
C GLN A 47 -10.05 -4.96 -7.96
N GLN A 48 -11.13 -5.55 -7.45
CA GLN A 48 -11.85 -5.00 -6.30
C GLN A 48 -10.88 -4.36 -5.31
N PRO A 49 -11.29 -3.23 -4.73
CA PRO A 49 -10.48 -2.49 -3.76
C PRO A 49 -10.33 -3.24 -2.43
N LEU A 50 -9.63 -2.63 -1.49
CA LEU A 50 -9.42 -3.24 -0.18
C LEU A 50 -9.99 -2.37 0.93
N SER A 51 -10.36 -3.00 2.04
CA SER A 51 -10.92 -2.27 3.18
C SER A 51 -9.95 -2.25 4.35
N LEU A 52 -8.98 -1.36 4.29
CA LEU A 52 -7.97 -1.24 5.34
C LEU A 52 -8.63 -1.28 6.72
N VAL A 53 -9.88 -0.84 6.79
CA VAL A 53 -10.63 -0.84 8.04
C VAL A 53 -10.53 -2.19 8.75
N GLY A 54 -9.69 -2.26 9.77
CA GLY A 54 -9.52 -3.49 10.51
C GLY A 54 -8.18 -4.14 10.26
N CYS A 55 -7.70 -4.07 9.03
CA CYS A 55 -6.42 -4.65 8.66
C CYS A 55 -5.27 -3.98 9.43
N GLU A 56 -4.05 -4.43 9.17
CA GLU A 56 -2.88 -3.87 9.84
C GLU A 56 -1.66 -3.92 8.91
N VAL A 57 -1.05 -2.76 8.69
CA VAL A 57 0.12 -2.67 7.84
C VAL A 57 1.41 -2.83 8.65
N VAL A 58 2.20 -3.84 8.30
CA VAL A 58 3.45 -4.11 8.98
C VAL A 58 4.62 -4.13 8.02
N PRO A 59 5.74 -3.51 8.42
CA PRO A 59 6.95 -3.44 7.60
C PRO A 59 7.64 -4.79 7.46
N ASP A 60 7.27 -5.53 6.42
CA ASP A 60 7.84 -6.85 6.17
C ASP A 60 8.82 -6.80 4.99
N PRO A 61 10.02 -6.27 5.23
CA PRO A 61 11.06 -6.14 4.21
C PRO A 61 11.64 -7.50 3.81
N SER A 62 12.40 -7.51 2.73
CA SER A 62 13.00 -8.75 2.24
C SER A 62 14.50 -8.56 2.01
N PRO A 63 15.22 -9.68 1.82
CA PRO A 63 16.67 -9.66 1.59
C PRO A 63 17.03 -9.09 0.22
N ASP A 64 16.02 -8.61 -0.49
CA ASP A 64 16.24 -8.03 -1.82
C ASP A 64 15.65 -6.62 -1.89
N HIS A 65 14.89 -6.25 -0.87
CA HIS A 65 14.27 -4.93 -0.81
C HIS A 65 13.70 -4.65 0.57
N LEU A 66 14.35 -3.77 1.31
CA LEU A 66 13.91 -3.41 2.65
C LEU A 66 12.82 -2.34 2.60
N TYR A 67 12.14 -2.25 1.46
CA TYR A 67 11.08 -1.27 1.28
C TYR A 67 9.78 -1.96 0.86
N SER A 68 9.43 -3.04 1.55
CA SER A 68 8.22 -3.78 1.25
C SER A 68 7.39 -4.01 2.51
N PHE A 69 6.10 -3.70 2.42
CA PHE A 69 5.20 -3.87 3.55
C PHE A 69 4.02 -4.78 3.18
N ARG A 70 3.33 -5.28 4.20
CA ARG A 70 2.19 -6.15 3.99
C ARG A 70 1.05 -5.83 4.95
N ILE A 71 -0.17 -6.18 4.56
CA ILE A 71 -1.34 -5.91 5.39
C ILE A 71 -1.87 -7.21 6.00
N LEU A 72 -2.34 -7.11 7.25
CA LEU A 72 -2.89 -8.28 7.95
C LEU A 72 -4.10 -7.88 8.78
N HIS A 73 -5.15 -8.71 8.72
CA HIS A 73 -6.37 -8.45 9.47
C HIS A 73 -6.58 -9.51 10.55
N LYS A 74 -6.02 -9.27 11.73
CA LYS A 74 -6.15 -10.19 12.84
C LYS A 74 -5.24 -11.41 12.64
N GLY A 75 -4.08 -11.18 12.03
CA GLY A 75 -3.14 -12.26 11.78
C GLY A 75 -3.29 -12.86 10.40
N GLU A 76 -4.36 -12.47 9.71
CA GLU A 76 -4.60 -12.98 8.36
C GLU A 76 -3.86 -12.15 7.32
N GLU A 77 -3.89 -12.60 6.07
CA GLU A 77 -3.22 -11.91 4.98
C GLU A 77 -4.22 -11.21 4.07
N LEU A 78 -4.08 -9.90 3.92
CA LEU A 78 -4.97 -9.12 3.07
C LEU A 78 -4.30 -8.78 1.75
N ALA A 79 -3.07 -8.25 1.83
CA ALA A 79 -2.33 -7.88 0.63
C ALA A 79 -0.87 -7.58 0.97
N LYS A 80 -0.07 -7.32 -0.05
CA LYS A 80 1.34 -7.01 0.13
C LYS A 80 1.84 -6.05 -0.94
N LEU A 81 2.31 -4.89 -0.52
CA LEU A 81 2.82 -3.88 -1.44
C LEU A 81 4.32 -3.65 -1.22
N GLU A 82 4.96 -3.03 -2.21
CA GLU A 82 6.38 -2.75 -2.13
C GLU A 82 6.70 -1.39 -2.76
N ALA A 83 7.50 -0.59 -2.04
CA ALA A 83 7.88 0.73 -2.53
C ALA A 83 9.20 0.68 -3.29
N LYS A 84 9.71 1.84 -3.68
CA LYS A 84 10.97 1.92 -4.41
C LYS A 84 12.12 2.28 -3.47
N SER A 85 11.84 3.17 -2.52
CA SER A 85 12.85 3.60 -1.57
C SER A 85 12.32 3.53 -0.14
N SER A 86 13.23 3.56 0.83
CA SER A 86 12.85 3.49 2.24
C SER A 86 11.89 4.62 2.60
N GLU A 87 12.20 5.83 2.11
CA GLU A 87 11.36 6.99 2.38
C GLU A 87 9.94 6.77 1.88
N GLU A 88 9.83 6.17 0.70
CA GLU A 88 8.52 5.89 0.10
C GLU A 88 7.68 4.99 1.01
N MET A 89 8.25 3.85 1.39
CA MET A 89 7.56 2.90 2.25
C MET A 89 7.19 3.55 3.59
N GLY A 90 8.00 4.50 4.02
CA GLY A 90 7.73 5.19 5.27
C GLY A 90 6.52 6.09 5.19
N HIS A 91 6.20 6.55 3.99
CA HIS A 91 5.07 7.43 3.78
C HIS A 91 3.78 6.63 3.64
N TRP A 92 3.91 5.40 3.14
CA TRP A 92 2.76 4.52 2.94
C TRP A 92 2.38 3.83 4.25
N LEU A 93 3.39 3.36 4.97
CA LEU A 93 3.16 2.67 6.24
C LEU A 93 2.18 3.43 7.10
N GLY A 94 2.52 4.68 7.42
CA GLY A 94 1.65 5.51 8.24
C GLY A 94 0.34 5.84 7.56
N LEU A 95 0.40 6.03 6.24
CA LEU A 95 -0.78 6.36 5.46
C LEU A 95 -1.84 5.27 5.58
N LEU A 96 -1.44 4.03 5.29
CA LEU A 96 -2.36 2.90 5.37
C LEU A 96 -2.79 2.65 6.81
N LEU A 97 -1.82 2.60 7.71
CA LEU A 97 -2.10 2.36 9.13
C LEU A 97 -3.24 3.24 9.61
N SER A 98 -3.11 4.55 9.40
CA SER A 98 -4.13 5.50 9.82
C SER A 98 -5.51 5.06 9.35
N GLU A 99 -5.59 4.68 8.07
CA GLU A 99 -6.86 4.24 7.49
C GLU A 99 -7.33 2.93 8.15
N SER A 100 -6.40 2.00 8.31
CA SER A 100 -6.72 0.71 8.93
C SER A 100 -6.95 0.86 10.43
N GLY A 101 -8.17 1.27 10.78
CA GLY A 101 -8.50 1.45 12.19
C GLY A 101 -9.99 1.50 12.43
N SER A 102 -10.49 2.69 12.78
CA SER A 102 -11.92 2.86 13.04
C SER A 102 -12.57 3.73 11.96
N GLY A 103 -13.89 3.65 11.85
CA GLY A 103 -14.60 4.43 10.86
C GLY A 103 -15.91 3.77 10.45
N PRO A 104 -16.86 3.67 11.39
CA PRO A 104 -18.17 3.07 11.14
C PRO A 104 -19.04 3.91 10.22
N SER A 105 -18.48 5.03 9.76
CA SER A 105 -19.20 5.93 8.87
C SER A 105 -20.43 6.51 9.57
N SER A 106 -20.28 6.85 10.84
CA SER A 106 -21.37 7.41 11.62
C SER A 106 -22.58 6.47 11.61
N GLY A 107 -22.32 5.18 11.72
CA GLY A 107 -23.38 4.19 11.73
C GLY A 107 -22.95 2.86 12.32
N GLY A 1 15.55 4.10 -6.65
CA GLY A 1 16.17 5.29 -7.20
C GLY A 1 16.81 6.16 -6.13
N SER A 2 16.69 7.48 -6.27
CA SER A 2 17.27 8.41 -5.32
C SER A 2 16.63 9.79 -5.45
N SER A 3 16.21 10.35 -4.33
CA SER A 3 15.58 11.66 -4.31
C SER A 3 14.46 11.73 -5.35
N GLY A 4 13.66 10.68 -5.40
CA GLY A 4 12.55 10.64 -6.35
C GLY A 4 11.26 11.17 -5.76
N SER A 5 10.96 10.76 -4.53
CA SER A 5 9.75 11.19 -3.86
C SER A 5 10.08 11.91 -2.55
N SER A 6 9.16 12.76 -2.11
CA SER A 6 9.36 13.52 -0.87
C SER A 6 8.10 13.50 -0.02
N GLY A 7 6.95 13.69 -0.66
CA GLY A 7 5.69 13.69 0.06
C GLY A 7 4.52 14.08 -0.82
N LEU A 8 4.07 13.16 -1.66
CA LEU A 8 2.95 13.42 -2.56
C LEU A 8 1.70 12.68 -2.11
N GLU A 9 0.56 13.03 -2.69
CA GLU A 9 -0.70 12.39 -2.35
C GLU A 9 -0.54 10.88 -2.26
N THR A 10 -1.58 10.21 -1.78
CA THR A 10 -1.55 8.76 -1.63
C THR A 10 -1.60 8.07 -3.00
N SER A 11 -2.14 8.76 -3.99
CA SER A 11 -2.24 8.22 -5.34
C SER A 11 -0.87 8.14 -6.00
N SER A 12 -0.19 7.02 -5.78
CA SER A 12 1.14 6.82 -6.35
C SER A 12 1.29 5.41 -6.93
N TYR A 13 2.38 5.18 -7.63
CA TYR A 13 2.63 3.88 -8.24
C TYR A 13 3.39 2.96 -7.27
N LEU A 14 2.75 1.86 -6.89
CA LEU A 14 3.35 0.90 -5.97
C LEU A 14 3.39 -0.49 -6.58
N ASN A 15 4.23 -1.35 -6.04
CA ASN A 15 4.37 -2.73 -6.53
C ASN A 15 3.55 -3.69 -5.66
N VAL A 16 2.45 -4.19 -6.21
CA VAL A 16 1.60 -5.13 -5.49
C VAL A 16 1.96 -6.58 -5.82
N LEU A 17 2.40 -7.32 -4.80
CA LEU A 17 2.78 -8.71 -4.99
C LEU A 17 1.61 -9.53 -5.51
N VAL A 18 1.87 -10.35 -6.52
CA VAL A 18 0.83 -11.20 -7.11
C VAL A 18 1.38 -12.58 -7.45
N ASN A 19 0.86 -13.59 -6.76
CA ASN A 19 1.30 -14.96 -6.98
C ASN A 19 2.82 -15.08 -6.86
N SER A 20 3.37 -14.47 -5.82
CA SER A 20 4.81 -14.50 -5.59
C SER A 20 5.56 -13.79 -6.72
N GLN A 21 4.96 -12.71 -7.22
CA GLN A 21 5.57 -11.94 -8.31
C GLN A 21 5.24 -10.46 -8.17
N TRP A 22 6.27 -9.63 -8.14
CA TRP A 22 6.09 -8.19 -8.02
C TRP A 22 5.69 -7.57 -9.36
N LYS A 23 4.40 -7.27 -9.51
CA LYS A 23 3.89 -6.67 -10.74
C LYS A 23 3.50 -5.22 -10.52
N SER A 24 3.90 -4.35 -11.44
CA SER A 24 3.58 -2.93 -11.34
C SER A 24 2.08 -2.71 -11.29
N ARG A 25 1.61 -2.09 -10.20
CA ARG A 25 0.19 -1.83 -10.01
C ARG A 25 -0.03 -0.42 -9.48
N TRP A 26 -1.15 0.19 -9.89
CA TRP A 26 -1.48 1.54 -9.44
C TRP A 26 -2.31 1.52 -8.17
N CYS A 27 -1.66 1.75 -7.05
CA CYS A 27 -2.34 1.75 -5.75
C CYS A 27 -2.91 3.14 -5.44
N SER A 28 -4.16 3.16 -4.99
CA SER A 28 -4.82 4.42 -4.66
C SER A 28 -5.77 4.24 -3.48
N VAL A 29 -5.43 4.86 -2.35
CA VAL A 29 -6.25 4.77 -1.15
C VAL A 29 -7.21 5.94 -1.05
N ARG A 30 -8.47 5.65 -0.78
CA ARG A 30 -9.49 6.69 -0.66
C ARG A 30 -10.71 6.17 0.11
N ASP A 31 -11.35 7.07 0.86
CA ASP A 31 -12.51 6.71 1.65
C ASP A 31 -12.21 5.51 2.55
N ASN A 32 -11.02 5.51 3.14
CA ASN A 32 -10.61 4.41 4.02
C ASN A 32 -10.64 3.08 3.29
N HIS A 33 -10.14 3.08 2.05
CA HIS A 33 -10.10 1.86 1.25
C HIS A 33 -8.94 1.90 0.26
N LEU A 34 -8.35 0.73 0.02
CA LEU A 34 -7.23 0.64 -0.92
C LEU A 34 -7.68 0.10 -2.26
N HIS A 35 -7.66 0.96 -3.28
CA HIS A 35 -8.08 0.58 -4.62
C HIS A 35 -6.88 0.16 -5.45
N PHE A 36 -7.13 -0.61 -6.51
CA PHE A 36 -6.06 -1.08 -7.39
C PHE A 36 -6.43 -0.86 -8.85
N TYR A 37 -5.58 -0.13 -9.57
CA TYR A 37 -5.82 0.17 -10.98
C TYR A 37 -4.62 -0.25 -11.82
N GLN A 38 -4.83 -0.33 -13.13
CA GLN A 38 -3.77 -0.72 -14.05
C GLN A 38 -3.40 0.44 -14.97
N ASP A 39 -4.34 0.85 -15.80
CA ASP A 39 -4.11 1.95 -16.73
C ASP A 39 -3.99 3.28 -15.99
N ARG A 40 -3.38 4.27 -16.64
CA ARG A 40 -3.21 5.58 -16.04
C ARG A 40 -4.55 6.27 -15.82
N ASN A 41 -4.59 7.16 -14.83
CA ASN A 41 -5.82 7.89 -14.52
C ASN A 41 -6.88 6.94 -13.98
N ARG A 42 -6.46 5.98 -13.16
CA ARG A 42 -7.38 5.01 -12.57
C ARG A 42 -8.51 4.68 -13.54
N SER A 43 -8.14 4.40 -14.79
CA SER A 43 -9.12 4.06 -15.81
C SER A 43 -9.59 2.62 -15.67
N LYS A 44 -8.65 1.68 -15.69
CA LYS A 44 -8.97 0.27 -15.55
C LYS A 44 -8.82 -0.18 -14.10
N VAL A 45 -9.88 -0.75 -13.55
CA VAL A 45 -9.88 -1.23 -12.17
C VAL A 45 -9.36 -2.66 -12.09
N ALA A 46 -8.05 -2.81 -11.95
CA ALA A 46 -7.44 -4.13 -11.86
C ALA A 46 -8.34 -5.11 -11.12
N GLN A 47 -8.76 -4.72 -9.92
CA GLN A 47 -9.63 -5.57 -9.11
C GLN A 47 -10.35 -4.75 -8.04
N GLN A 48 -11.27 -5.39 -7.34
CA GLN A 48 -12.03 -4.71 -6.28
C GLN A 48 -11.10 -4.08 -5.26
N PRO A 49 -11.59 -3.02 -4.58
CA PRO A 49 -10.82 -2.31 -3.56
C PRO A 49 -10.61 -3.15 -2.30
N LEU A 50 -9.83 -2.61 -1.36
CA LEU A 50 -9.56 -3.31 -0.11
C LEU A 50 -10.02 -2.49 1.09
N SER A 51 -10.63 -3.16 2.06
CA SER A 51 -11.12 -2.48 3.26
C SER A 51 -10.04 -2.45 4.34
N LEU A 52 -9.21 -1.41 4.29
CA LEU A 52 -8.14 -1.25 5.27
C LEU A 52 -8.69 -1.20 6.69
N VAL A 53 -9.74 -0.41 6.88
CA VAL A 53 -10.37 -0.27 8.19
C VAL A 53 -10.46 -1.62 8.89
N GLY A 54 -9.55 -1.86 9.84
CA GLY A 54 -9.55 -3.11 10.57
C GLY A 54 -8.24 -3.86 10.44
N CYS A 55 -7.69 -3.88 9.23
CA CYS A 55 -6.43 -4.56 8.98
C CYS A 55 -5.28 -3.85 9.66
N GLU A 56 -4.05 -4.34 9.43
CA GLU A 56 -2.86 -3.74 10.02
C GLU A 56 -1.68 -3.84 9.07
N VAL A 57 -1.02 -2.70 8.84
CA VAL A 57 0.13 -2.66 7.95
C VAL A 57 1.43 -2.80 8.73
N VAL A 58 2.22 -3.82 8.37
CA VAL A 58 3.49 -4.08 9.04
C VAL A 58 4.64 -4.09 8.03
N PRO A 59 5.75 -3.44 8.41
CA PRO A 59 6.95 -3.37 7.57
C PRO A 59 7.65 -4.71 7.42
N ASP A 60 7.26 -5.46 6.38
CA ASP A 60 7.86 -6.77 6.13
C ASP A 60 8.78 -6.73 4.93
N PRO A 61 9.98 -6.16 5.12
CA PRO A 61 10.98 -6.05 4.06
C PRO A 61 11.57 -7.39 3.67
N SER A 62 12.15 -7.45 2.46
CA SER A 62 12.76 -8.68 1.97
C SER A 62 14.25 -8.50 1.76
N PRO A 63 14.95 -9.64 1.56
CA PRO A 63 16.41 -9.64 1.34
C PRO A 63 16.79 -9.03 -0.01
N ASP A 64 15.80 -8.55 -0.74
CA ASP A 64 16.04 -7.94 -2.05
C ASP A 64 15.34 -6.60 -2.15
N HIS A 65 14.25 -6.43 -1.41
CA HIS A 65 13.49 -5.19 -1.41
C HIS A 65 13.13 -4.76 0.00
N LEU A 66 14.05 -4.07 0.65
CA LEU A 66 13.84 -3.59 2.02
C LEU A 66 12.62 -2.68 2.09
N TYR A 67 12.10 -2.30 0.93
CA TYR A 67 10.94 -1.42 0.85
C TYR A 67 9.69 -2.20 0.46
N SER A 68 9.34 -3.19 1.28
CA SER A 68 8.17 -4.02 1.02
C SER A 68 7.36 -4.24 2.29
N PHE A 69 6.13 -3.71 2.31
CA PHE A 69 5.25 -3.85 3.47
C PHE A 69 4.04 -4.71 3.13
N ARG A 70 3.44 -5.31 4.17
CA ARG A 70 2.27 -6.15 3.98
C ARG A 70 1.19 -5.81 4.98
N ILE A 71 -0.04 -6.25 4.70
CA ILE A 71 -1.17 -5.99 5.58
C ILE A 71 -1.69 -7.27 6.21
N LEU A 72 -2.23 -7.16 7.42
CA LEU A 72 -2.76 -8.31 8.13
C LEU A 72 -4.03 -7.95 8.89
N HIS A 73 -5.02 -8.84 8.85
CA HIS A 73 -6.28 -8.60 9.55
C HIS A 73 -6.27 -9.24 10.93
N LYS A 74 -6.32 -10.56 10.97
CA LYS A 74 -6.31 -11.29 12.24
C LYS A 74 -5.19 -12.31 12.27
N GLY A 75 -4.02 -11.93 11.74
CA GLY A 75 -2.88 -12.82 11.72
C GLY A 75 -2.62 -13.40 10.35
N GLU A 76 -3.46 -13.04 9.38
CA GLU A 76 -3.32 -13.53 8.02
C GLU A 76 -2.84 -12.43 7.08
N GLU A 77 -2.45 -12.82 5.87
CA GLU A 77 -1.97 -11.86 4.88
C GLU A 77 -3.07 -11.49 3.89
N LEU A 78 -3.44 -10.21 3.87
CA LEU A 78 -4.48 -9.73 2.96
C LEU A 78 -3.88 -9.19 1.67
N ALA A 79 -2.87 -8.33 1.81
CA ALA A 79 -2.21 -7.74 0.66
C ALA A 79 -0.72 -7.51 0.93
N LYS A 80 0.03 -7.24 -0.12
CA LYS A 80 1.46 -7.00 0.01
C LYS A 80 1.94 -5.99 -1.03
N LEU A 81 2.25 -4.78 -0.57
CA LEU A 81 2.71 -3.72 -1.45
C LEU A 81 4.21 -3.47 -1.27
N GLU A 82 4.83 -2.86 -2.27
CA GLU A 82 6.26 -2.57 -2.22
C GLU A 82 6.55 -1.17 -2.75
N ALA A 83 7.32 -0.40 -1.99
CA ALA A 83 7.67 0.96 -2.39
C ALA A 83 8.94 0.97 -3.25
N LYS A 84 9.39 2.17 -3.61
CA LYS A 84 10.59 2.31 -4.43
C LYS A 84 11.80 2.63 -3.56
N SER A 85 11.58 3.42 -2.51
CA SER A 85 12.66 3.80 -1.60
C SER A 85 12.20 3.71 -0.15
N SER A 86 13.15 3.48 0.75
CA SER A 86 12.85 3.37 2.18
C SER A 86 11.93 4.51 2.63
N GLU A 87 12.19 5.71 2.13
CA GLU A 87 11.39 6.87 2.47
C GLU A 87 9.95 6.71 1.98
N GLU A 88 9.80 6.18 0.77
CA GLU A 88 8.48 5.97 0.18
C GLU A 88 7.64 5.04 1.05
N MET A 89 8.20 3.87 1.36
CA MET A 89 7.50 2.89 2.18
C MET A 89 7.12 3.48 3.53
N GLY A 90 7.97 4.36 4.04
CA GLY A 90 7.72 4.99 5.34
C GLY A 90 6.51 5.89 5.30
N HIS A 91 6.23 6.47 4.13
CA HIS A 91 5.09 7.35 3.98
C HIS A 91 3.79 6.56 3.82
N TRP A 92 3.89 5.37 3.24
CA TRP A 92 2.73 4.52 3.04
C TRP A 92 2.36 3.79 4.32
N LEU A 93 3.37 3.32 5.05
CA LEU A 93 3.14 2.61 6.30
C LEU A 93 2.15 3.37 7.19
N GLY A 94 2.50 4.61 7.54
CA GLY A 94 1.63 5.41 8.38
C GLY A 94 0.32 5.76 7.69
N LEU A 95 0.38 5.95 6.38
CA LEU A 95 -0.81 6.29 5.61
C LEU A 95 -1.87 5.20 5.72
N LEU A 96 -1.49 3.97 5.38
CA LEU A 96 -2.40 2.83 5.44
C LEU A 96 -2.86 2.60 6.88
N LEU A 97 -1.94 2.73 7.82
CA LEU A 97 -2.25 2.53 9.23
C LEU A 97 -3.40 3.42 9.67
N SER A 98 -3.29 4.70 9.36
CA SER A 98 -4.32 5.68 9.72
C SER A 98 -5.70 5.19 9.28
N GLU A 99 -5.77 4.70 8.05
CA GLU A 99 -7.03 4.20 7.49
C GLU A 99 -7.44 2.90 8.18
N SER A 100 -6.49 1.99 8.33
CA SER A 100 -6.76 0.70 8.96
C SER A 100 -6.76 0.83 10.48
N GLY A 101 -7.88 1.28 11.03
CA GLY A 101 -7.99 1.44 12.47
C GLY A 101 -9.33 0.97 13.00
N SER A 102 -10.12 1.91 13.53
CA SER A 102 -11.42 1.59 14.08
C SER A 102 -11.29 0.69 15.31
N GLY A 103 -10.37 1.05 16.20
CA GLY A 103 -10.16 0.26 17.40
C GLY A 103 -10.58 1.01 18.65
N PRO A 104 -11.17 0.28 19.61
CA PRO A 104 -11.63 0.86 20.88
C PRO A 104 -10.47 1.27 21.78
N SER A 105 -9.25 1.05 21.30
CA SER A 105 -8.07 1.40 22.07
C SER A 105 -7.85 2.91 22.09
N SER A 106 -7.68 3.50 20.91
CA SER A 106 -7.47 4.93 20.78
C SER A 106 -8.80 5.68 20.72
N GLY A 107 -9.12 6.41 21.78
CA GLY A 107 -10.36 7.16 21.83
C GLY A 107 -10.14 8.65 21.72
N GLY A 1 16.51 8.62 10.75
CA GLY A 1 15.74 9.79 10.38
C GLY A 1 14.44 9.43 9.69
N SER A 2 13.67 10.45 9.31
CA SER A 2 12.39 10.24 8.65
C SER A 2 11.91 11.52 7.98
N SER A 3 11.35 11.38 6.78
CA SER A 3 10.85 12.53 6.03
C SER A 3 9.92 12.09 4.90
N GLY A 4 9.22 13.03 4.31
CA GLY A 4 8.31 12.73 3.22
C GLY A 4 8.66 13.45 1.93
N SER A 5 7.74 13.44 0.98
CA SER A 5 7.96 14.09 -0.30
C SER A 5 6.64 14.54 -0.92
N SER A 6 6.53 15.83 -1.22
CA SER A 6 5.33 16.38 -1.82
C SER A 6 5.29 16.13 -3.32
N GLY A 7 4.42 15.21 -3.74
CA GLY A 7 4.30 14.89 -5.15
C GLY A 7 3.67 13.53 -5.39
N LEU A 8 3.73 12.66 -4.37
CA LEU A 8 3.16 11.33 -4.47
C LEU A 8 1.94 11.19 -3.57
N GLU A 9 1.48 12.31 -3.02
CA GLU A 9 0.32 12.31 -2.13
C GLU A 9 -0.70 11.27 -2.57
N THR A 10 -0.91 10.27 -1.71
CA THR A 10 -1.85 9.21 -2.00
C THR A 10 -1.84 8.85 -3.48
N SER A 11 -0.65 8.70 -4.04
CA SER A 11 -0.49 8.36 -5.46
C SER A 11 0.98 8.15 -5.80
N SER A 12 1.36 6.90 -5.99
CA SER A 12 2.74 6.55 -6.33
C SER A 12 2.82 5.21 -7.03
N TYR A 13 4.00 4.85 -7.50
CA TYR A 13 4.21 3.59 -8.19
C TYR A 13 4.62 2.49 -7.21
N LEU A 14 3.65 1.71 -6.77
CA LEU A 14 3.92 0.62 -5.83
C LEU A 14 3.96 -0.73 -6.54
N ASN A 15 4.28 -1.78 -5.80
CA ASN A 15 4.35 -3.12 -6.36
C ASN A 15 3.48 -4.09 -5.56
N VAL A 16 2.42 -4.59 -6.20
CA VAL A 16 1.51 -5.53 -5.56
C VAL A 16 1.90 -6.97 -5.86
N LEU A 17 2.28 -7.70 -4.82
CA LEU A 17 2.68 -9.10 -4.97
C LEU A 17 1.54 -9.94 -5.54
N VAL A 18 1.83 -10.64 -6.63
CA VAL A 18 0.83 -11.49 -7.28
C VAL A 18 1.44 -12.78 -7.80
N ASN A 19 0.88 -13.91 -7.39
CA ASN A 19 1.37 -15.21 -7.80
C ASN A 19 2.90 -15.29 -7.65
N SER A 20 3.40 -14.82 -6.51
CA SER A 20 4.83 -14.84 -6.24
C SER A 20 5.58 -13.95 -7.23
N GLN A 21 4.91 -12.88 -7.67
CA GLN A 21 5.51 -11.96 -8.63
C GLN A 21 5.09 -10.52 -8.33
N TRP A 22 6.06 -9.66 -8.08
CA TRP A 22 5.78 -8.25 -7.78
C TRP A 22 5.24 -7.53 -9.01
N LYS A 23 3.94 -7.22 -8.99
CA LYS A 23 3.30 -6.53 -10.10
C LYS A 23 3.28 -5.02 -9.86
N SER A 24 3.47 -4.26 -10.94
CA SER A 24 3.48 -2.80 -10.85
C SER A 24 2.12 -2.23 -11.24
N ARG A 25 1.36 -1.80 -10.24
CA ARG A 25 0.04 -1.24 -10.47
C ARG A 25 -0.12 0.10 -9.75
N TRP A 26 -1.02 0.94 -10.26
CA TRP A 26 -1.26 2.24 -9.65
C TRP A 26 -2.13 2.12 -8.41
N CYS A 27 -1.63 2.62 -7.29
CA CYS A 27 -2.37 2.56 -6.03
C CYS A 27 -3.23 3.80 -5.85
N SER A 28 -4.39 3.63 -5.22
CA SER A 28 -5.31 4.74 -4.98
C SER A 28 -6.16 4.49 -3.75
N VAL A 29 -5.93 5.28 -2.70
CA VAL A 29 -6.69 5.14 -1.46
C VAL A 29 -7.76 6.22 -1.34
N ARG A 30 -8.99 5.79 -1.10
CA ARG A 30 -10.11 6.72 -0.97
C ARG A 30 -11.26 6.09 -0.20
N ASP A 31 -11.81 6.83 0.75
CA ASP A 31 -12.93 6.33 1.56
C ASP A 31 -12.47 5.19 2.46
N ASN A 32 -11.31 5.35 3.09
CA ASN A 32 -10.77 4.34 3.98
C ASN A 32 -10.70 2.99 3.28
N HIS A 33 -10.23 2.99 2.04
CA HIS A 33 -10.11 1.76 1.26
C HIS A 33 -9.00 1.87 0.23
N LEU A 34 -8.23 0.80 0.07
CA LEU A 34 -7.13 0.78 -0.89
C LEU A 34 -7.57 0.17 -2.22
N HIS A 35 -7.71 1.02 -3.23
CA HIS A 35 -8.13 0.55 -4.55
C HIS A 35 -6.92 0.13 -5.38
N PHE A 36 -7.18 -0.62 -6.45
CA PHE A 36 -6.11 -1.09 -7.34
C PHE A 36 -6.37 -0.66 -8.77
N TYR A 37 -5.34 -0.09 -9.40
CA TYR A 37 -5.45 0.36 -10.78
C TYR A 37 -4.14 0.12 -11.55
N GLN A 38 -4.22 0.19 -12.87
CA GLN A 38 -3.05 -0.02 -13.71
C GLN A 38 -2.79 1.20 -14.60
N ASP A 39 -3.76 1.53 -15.45
CA ASP A 39 -3.64 2.66 -16.35
C ASP A 39 -3.92 3.97 -15.61
N ARG A 40 -3.49 5.08 -16.20
CA ARG A 40 -3.70 6.39 -15.60
C ARG A 40 -5.07 6.95 -15.97
N ASN A 41 -6.03 6.07 -16.16
CA ASN A 41 -7.39 6.47 -16.51
C ASN A 41 -8.41 5.82 -15.58
N ARG A 42 -7.95 5.42 -14.40
CA ARG A 42 -8.83 4.79 -13.41
C ARG A 42 -9.88 3.93 -14.09
N SER A 43 -9.45 3.13 -15.07
CA SER A 43 -10.36 2.26 -15.80
C SER A 43 -10.06 0.79 -15.50
N LYS A 44 -8.87 0.34 -15.88
CA LYS A 44 -8.45 -1.03 -15.66
C LYS A 44 -8.14 -1.28 -14.19
N VAL A 45 -9.15 -1.68 -13.43
CA VAL A 45 -8.99 -1.95 -12.01
C VAL A 45 -8.19 -3.24 -11.78
N ALA A 46 -6.89 -3.09 -11.54
CA ALA A 46 -6.03 -4.24 -11.31
C ALA A 46 -6.76 -5.33 -10.54
N GLN A 47 -7.54 -4.93 -9.54
CA GLN A 47 -8.30 -5.88 -8.73
C GLN A 47 -9.21 -5.15 -7.75
N GLN A 48 -10.26 -5.83 -7.31
CA GLN A 48 -11.21 -5.25 -6.36
C GLN A 48 -10.48 -4.42 -5.30
N PRO A 49 -11.21 -3.50 -4.66
CA PRO A 49 -10.66 -2.64 -3.61
C PRO A 49 -10.34 -3.41 -2.34
N LEU A 50 -9.58 -2.77 -1.44
CA LEU A 50 -9.19 -3.40 -0.19
C LEU A 50 -9.76 -2.63 1.00
N SER A 51 -10.25 -3.37 1.99
CA SER A 51 -10.84 -2.76 3.19
C SER A 51 -9.79 -2.64 4.30
N LEU A 52 -9.06 -1.53 4.29
CA LEU A 52 -8.02 -1.29 5.30
C LEU A 52 -8.64 -1.22 6.70
N VAL A 53 -9.76 -0.54 6.82
CA VAL A 53 -10.45 -0.40 8.09
C VAL A 53 -10.50 -1.74 8.83
N GLY A 54 -9.57 -1.94 9.75
CA GLY A 54 -9.54 -3.17 10.52
C GLY A 54 -8.21 -3.90 10.37
N CYS A 55 -7.66 -3.88 9.16
CA CYS A 55 -6.39 -4.54 8.90
C CYS A 55 -5.24 -3.83 9.61
N GLU A 56 -4.04 -4.38 9.48
CA GLU A 56 -2.86 -3.80 10.11
C GLU A 56 -1.66 -3.83 9.17
N VAL A 57 -1.02 -2.68 8.98
CA VAL A 57 0.14 -2.58 8.10
C VAL A 57 1.43 -2.76 8.88
N VAL A 58 2.23 -3.74 8.47
CA VAL A 58 3.50 -4.02 9.14
C VAL A 58 4.65 -4.05 8.13
N PRO A 59 5.76 -3.41 8.49
CA PRO A 59 6.96 -3.35 7.64
C PRO A 59 7.65 -4.69 7.52
N ASP A 60 7.26 -5.47 6.51
CA ASP A 60 7.85 -6.78 6.28
C ASP A 60 8.78 -6.77 5.07
N PRO A 61 9.98 -6.21 5.25
CA PRO A 61 10.98 -6.11 4.18
C PRO A 61 11.55 -7.47 3.81
N SER A 62 12.21 -7.52 2.65
CA SER A 62 12.81 -8.76 2.17
C SER A 62 14.30 -8.58 1.90
N PRO A 63 15.02 -9.70 1.73
CA PRO A 63 16.46 -9.69 1.46
C PRO A 63 16.78 -9.15 0.07
N ASP A 64 15.74 -8.73 -0.66
CA ASP A 64 15.92 -8.20 -2.00
C ASP A 64 15.36 -6.78 -2.10
N HIS A 65 14.51 -6.42 -1.14
CA HIS A 65 13.89 -5.10 -1.12
C HIS A 65 13.46 -4.73 0.30
N LEU A 66 14.22 -3.84 0.93
CA LEU A 66 13.91 -3.39 2.28
C LEU A 66 12.76 -2.39 2.29
N TYR A 67 12.10 -2.25 1.14
CA TYR A 67 10.99 -1.33 1.00
C TYR A 67 9.70 -2.08 0.66
N SER A 68 9.45 -3.18 1.36
CA SER A 68 8.27 -3.99 1.13
C SER A 68 7.46 -4.16 2.41
N PHE A 69 6.19 -3.79 2.36
CA PHE A 69 5.32 -3.90 3.52
C PHE A 69 4.11 -4.79 3.21
N ARG A 70 3.50 -5.32 4.26
CA ARG A 70 2.34 -6.19 4.10
C ARG A 70 1.25 -5.83 5.10
N ILE A 71 0.03 -6.28 4.83
CA ILE A 71 -1.11 -6.00 5.70
C ILE A 71 -1.66 -7.28 6.31
N LEU A 72 -2.18 -7.18 7.52
CA LEU A 72 -2.75 -8.34 8.21
C LEU A 72 -4.03 -7.96 8.94
N HIS A 73 -5.03 -8.84 8.88
CA HIS A 73 -6.30 -8.60 9.53
C HIS A 73 -6.31 -9.21 10.94
N LYS A 74 -6.44 -10.52 11.00
CA LYS A 74 -6.47 -11.23 12.28
C LYS A 74 -5.34 -12.25 12.36
N GLY A 75 -4.15 -11.86 11.88
CA GLY A 75 -3.01 -12.75 11.91
C GLY A 75 -2.70 -13.35 10.55
N GLU A 76 -3.51 -12.99 9.56
CA GLU A 76 -3.32 -13.50 8.20
C GLU A 76 -2.77 -12.40 7.28
N GLU A 77 -2.63 -12.73 6.00
CA GLU A 77 -2.12 -11.78 5.01
C GLU A 77 -3.21 -11.33 4.06
N LEU A 78 -3.51 -10.04 4.07
CA LEU A 78 -4.53 -9.47 3.21
C LEU A 78 -3.94 -8.99 1.89
N ALA A 79 -2.86 -8.21 2.00
CA ALA A 79 -2.19 -7.68 0.81
C ALA A 79 -0.71 -7.44 1.08
N LYS A 80 0.07 -7.36 0.02
CA LYS A 80 1.51 -7.13 0.14
C LYS A 80 2.00 -6.18 -0.94
N LEU A 81 2.36 -4.96 -0.53
CA LEU A 81 2.84 -3.96 -1.46
C LEU A 81 4.35 -3.75 -1.31
N GLU A 82 4.95 -3.07 -2.27
CA GLU A 82 6.39 -2.81 -2.25
C GLU A 82 6.70 -1.44 -2.85
N ALA A 83 7.38 -0.60 -2.08
CA ALA A 83 7.75 0.73 -2.54
C ALA A 83 9.03 0.69 -3.35
N LYS A 84 9.51 1.87 -3.74
CA LYS A 84 10.74 1.98 -4.52
C LYS A 84 11.90 2.47 -3.66
N SER A 85 11.59 3.29 -2.68
CA SER A 85 12.61 3.84 -1.78
C SER A 85 12.16 3.73 -0.33
N SER A 86 13.13 3.61 0.57
CA SER A 86 12.84 3.50 2.00
C SER A 86 11.90 4.61 2.46
N GLU A 87 12.15 5.82 1.98
CA GLU A 87 11.32 6.97 2.33
C GLU A 87 9.89 6.78 1.84
N GLU A 88 9.74 6.13 0.69
CA GLU A 88 8.43 5.89 0.11
C GLU A 88 7.62 4.94 0.99
N MET A 89 8.22 3.79 1.31
CA MET A 89 7.55 2.79 2.15
C MET A 89 7.14 3.39 3.50
N GLY A 90 7.93 4.35 3.98
CA GLY A 90 7.64 4.99 5.25
C GLY A 90 6.46 5.94 5.16
N HIS A 91 6.19 6.44 3.95
CA HIS A 91 5.09 7.37 3.74
C HIS A 91 3.77 6.62 3.63
N TRP A 92 3.83 5.39 3.13
CA TRP A 92 2.63 4.57 2.98
C TRP A 92 2.28 3.87 4.29
N LEU A 93 3.27 3.26 4.92
CA LEU A 93 3.06 2.55 6.19
C LEU A 93 2.06 3.30 7.05
N GLY A 94 2.41 4.51 7.46
CA GLY A 94 1.52 5.30 8.29
C GLY A 94 0.22 5.65 7.59
N LEU A 95 0.31 5.91 6.28
CA LEU A 95 -0.87 6.27 5.51
C LEU A 95 -1.94 5.19 5.61
N LEU A 96 -1.53 3.93 5.39
CA LEU A 96 -2.46 2.80 5.47
C LEU A 96 -2.89 2.56 6.91
N LEU A 97 -1.94 2.60 7.83
CA LEU A 97 -2.22 2.39 9.24
C LEU A 97 -3.39 3.24 9.71
N SER A 98 -3.32 4.54 9.42
CA SER A 98 -4.38 5.47 9.80
C SER A 98 -5.72 5.02 9.24
N GLU A 99 -5.75 4.76 7.94
CA GLU A 99 -6.99 4.31 7.29
C GLU A 99 -7.50 3.02 7.90
N SER A 100 -6.58 2.12 8.23
CA SER A 100 -6.94 0.83 8.83
C SER A 100 -7.18 0.98 10.32
N GLY A 101 -7.96 1.98 10.69
CA GLY A 101 -8.26 2.22 12.10
C GLY A 101 -9.38 3.22 12.30
N SER A 102 -10.57 2.71 12.63
CA SER A 102 -11.73 3.57 12.84
C SER A 102 -11.69 4.19 14.23
N GLY A 103 -11.30 5.46 14.30
CA GLY A 103 -11.23 6.15 15.57
C GLY A 103 -9.84 6.08 16.19
N PRO A 104 -8.96 7.00 15.76
CA PRO A 104 -7.58 7.07 16.26
C PRO A 104 -7.51 7.55 17.71
N SER A 105 -6.35 7.37 18.33
CA SER A 105 -6.16 7.78 19.71
C SER A 105 -5.14 8.92 19.81
N SER A 106 -5.28 9.73 20.86
CA SER A 106 -4.37 10.86 21.06
C SER A 106 -2.92 10.44 20.84
N GLY A 107 -2.59 9.23 21.26
CA GLY A 107 -1.23 8.73 21.11
C GLY A 107 -0.91 7.61 22.08
N GLY A 1 10.32 15.56 -13.02
CA GLY A 1 10.36 16.78 -12.24
C GLY A 1 10.26 16.51 -10.75
N SER A 2 11.30 16.90 -10.01
CA SER A 2 11.33 16.70 -8.56
C SER A 2 11.60 18.01 -7.84
N SER A 3 10.77 18.32 -6.85
CA SER A 3 10.92 19.54 -6.07
C SER A 3 11.52 19.25 -4.70
N GLY A 4 12.85 19.28 -4.63
CA GLY A 4 13.53 19.03 -3.38
C GLY A 4 13.44 17.57 -2.96
N SER A 5 13.63 16.67 -3.91
CA SER A 5 13.58 15.24 -3.65
C SER A 5 12.52 14.93 -2.60
N SER A 6 11.37 15.59 -2.71
CA SER A 6 10.27 15.39 -1.77
C SER A 6 8.96 15.92 -2.34
N GLY A 7 7.91 15.12 -2.21
CA GLY A 7 6.61 15.53 -2.72
C GLY A 7 5.90 14.41 -3.46
N LEU A 8 5.55 13.35 -2.74
CA LEU A 8 4.88 12.21 -3.33
C LEU A 8 3.42 12.14 -2.87
N GLU A 9 2.49 12.30 -3.82
CA GLU A 9 1.07 12.27 -3.51
C GLU A 9 0.67 10.90 -2.97
N THR A 10 -0.57 10.78 -2.53
CA THR A 10 -1.09 9.53 -1.98
C THR A 10 -1.18 8.47 -3.07
N SER A 11 -1.70 8.86 -4.24
CA SER A 11 -1.84 7.94 -5.35
C SER A 11 -0.51 7.73 -6.07
N SER A 12 0.18 6.65 -5.71
CA SER A 12 1.47 6.34 -6.31
C SER A 12 1.53 4.87 -6.72
N TYR A 13 2.00 4.62 -7.94
CA TYR A 13 2.11 3.26 -8.45
C TYR A 13 3.04 2.42 -7.59
N LEU A 14 2.45 1.57 -6.76
CA LEU A 14 3.23 0.70 -5.87
C LEU A 14 3.32 -0.71 -6.44
N ASN A 15 4.26 -1.49 -5.91
CA ASN A 15 4.45 -2.86 -6.36
C ASN A 15 3.55 -3.82 -5.59
N VAL A 16 2.53 -4.32 -6.28
CA VAL A 16 1.58 -5.26 -5.67
C VAL A 16 1.93 -6.70 -6.01
N LEU A 17 2.47 -7.42 -5.02
CA LEU A 17 2.84 -8.82 -5.22
C LEU A 17 1.71 -9.60 -5.86
N VAL A 18 2.02 -10.33 -6.93
CA VAL A 18 1.03 -11.13 -7.63
C VAL A 18 1.61 -12.47 -8.05
N ASN A 19 0.93 -13.55 -7.66
CA ASN A 19 1.38 -14.90 -8.00
C ASN A 19 2.89 -15.05 -7.77
N SER A 20 3.35 -14.58 -6.61
CA SER A 20 4.76 -14.65 -6.27
C SER A 20 5.60 -13.85 -7.25
N GLN A 21 5.00 -12.81 -7.83
CA GLN A 21 5.71 -11.96 -8.79
C GLN A 21 5.26 -10.51 -8.65
N TRP A 22 6.23 -9.61 -8.48
CA TRP A 22 5.93 -8.19 -8.33
C TRP A 22 5.51 -7.58 -9.67
N LYS A 23 4.31 -7.01 -9.70
CA LYS A 23 3.78 -6.40 -10.92
C LYS A 23 3.38 -4.95 -10.66
N SER A 24 3.88 -4.05 -11.50
CA SER A 24 3.56 -2.63 -11.36
C SER A 24 2.06 -2.39 -11.36
N ARG A 25 1.54 -1.93 -10.23
CA ARG A 25 0.11 -1.67 -10.11
C ARG A 25 -0.14 -0.26 -9.55
N TRP A 26 -1.27 0.32 -9.93
CA TRP A 26 -1.62 1.65 -9.48
C TRP A 26 -2.46 1.60 -8.20
N CYS A 27 -1.82 1.79 -7.06
CA CYS A 27 -2.50 1.76 -5.77
C CYS A 27 -3.06 3.13 -5.42
N SER A 28 -4.34 3.16 -5.05
CA SER A 28 -5.00 4.42 -4.69
C SER A 28 -5.86 4.24 -3.45
N VAL A 29 -5.46 4.91 -2.36
CA VAL A 29 -6.19 4.83 -1.10
C VAL A 29 -7.22 5.95 -0.99
N ARG A 30 -8.46 5.58 -0.73
CA ARG A 30 -9.54 6.55 -0.60
C ARG A 30 -10.70 5.98 0.22
N ASP A 31 -11.50 6.87 0.80
CA ASP A 31 -12.65 6.45 1.60
C ASP A 31 -12.27 5.30 2.53
N ASN A 32 -11.07 5.37 3.09
CA ASN A 32 -10.57 4.33 3.99
C ASN A 32 -10.56 2.98 3.30
N HIS A 33 -10.16 2.97 2.03
CA HIS A 33 -10.09 1.73 1.25
C HIS A 33 -8.99 1.80 0.21
N LEU A 34 -8.25 0.72 0.06
CA LEU A 34 -7.16 0.66 -0.92
C LEU A 34 -7.63 0.02 -2.22
N HIS A 35 -7.82 0.85 -3.25
CA HIS A 35 -8.26 0.37 -4.54
C HIS A 35 -7.08 -0.06 -5.41
N PHE A 36 -7.35 -0.82 -6.45
CA PHE A 36 -6.31 -1.28 -7.35
C PHE A 36 -6.71 -1.06 -8.81
N TYR A 37 -5.85 -0.35 -9.55
CA TYR A 37 -6.10 -0.05 -10.94
C TYR A 37 -4.90 -0.42 -11.81
N GLN A 38 -5.09 -0.40 -13.12
CA GLN A 38 -4.01 -0.73 -14.06
C GLN A 38 -3.31 0.53 -14.52
N ASP A 39 -4.09 1.55 -14.89
CA ASP A 39 -3.53 2.82 -15.35
C ASP A 39 -4.48 3.97 -15.05
N ARG A 40 -4.06 5.18 -15.40
CA ARG A 40 -4.87 6.37 -15.17
C ARG A 40 -6.35 6.06 -15.36
N ASN A 41 -6.65 5.17 -16.30
CA ASN A 41 -8.03 4.79 -16.58
C ASN A 41 -8.59 3.91 -15.46
N ARG A 42 -8.72 4.48 -14.27
CA ARG A 42 -9.24 3.75 -13.13
C ARG A 42 -10.45 2.90 -13.51
N SER A 43 -11.30 3.47 -14.37
CA SER A 43 -12.50 2.78 -14.82
C SER A 43 -12.25 1.28 -14.96
N LYS A 44 -11.09 0.94 -15.51
CA LYS A 44 -10.73 -0.46 -15.70
C LYS A 44 -10.10 -1.04 -14.42
N VAL A 45 -10.81 -0.93 -13.31
CA VAL A 45 -10.34 -1.43 -12.04
C VAL A 45 -9.58 -2.74 -12.22
N ALA A 46 -8.44 -2.85 -11.56
CA ALA A 46 -7.62 -4.05 -11.64
C ALA A 46 -8.28 -5.22 -10.93
N GLN A 47 -8.86 -4.95 -9.76
CA GLN A 47 -9.54 -5.98 -8.98
C GLN A 47 -10.23 -5.38 -7.76
N GLN A 48 -11.06 -6.18 -7.11
CA GLN A 48 -11.79 -5.72 -5.92
C GLN A 48 -10.88 -4.90 -5.02
N PRO A 49 -11.44 -3.82 -4.43
CA PRO A 49 -10.69 -2.94 -3.53
C PRO A 49 -10.35 -3.61 -2.20
N LEU A 50 -9.69 -2.88 -1.33
CA LEU A 50 -9.31 -3.39 -0.03
C LEU A 50 -9.94 -2.57 1.10
N SER A 51 -10.39 -3.25 2.14
CA SER A 51 -11.01 -2.59 3.28
C SER A 51 -10.02 -2.40 4.42
N LEU A 52 -9.16 -1.39 4.30
CA LEU A 52 -8.15 -1.12 5.32
C LEU A 52 -8.79 -1.08 6.71
N VAL A 53 -9.97 -0.49 6.79
CA VAL A 53 -10.68 -0.39 8.07
C VAL A 53 -10.76 -1.75 8.76
N GLY A 54 -9.80 -2.02 9.63
CA GLY A 54 -9.78 -3.29 10.35
C GLY A 54 -8.47 -4.02 10.18
N CYS A 55 -7.83 -3.85 9.03
CA CYS A 55 -6.56 -4.51 8.76
C CYS A 55 -5.42 -3.82 9.50
N GLU A 56 -4.20 -4.34 9.32
CA GLU A 56 -3.03 -3.77 9.98
C GLU A 56 -1.81 -3.82 9.07
N VAL A 57 -1.16 -2.69 8.88
CA VAL A 57 0.03 -2.61 8.03
C VAL A 57 1.30 -2.82 8.84
N VAL A 58 2.10 -3.79 8.42
CA VAL A 58 3.35 -4.11 9.11
C VAL A 58 4.51 -4.12 8.13
N PRO A 59 5.64 -3.51 8.53
CA PRO A 59 6.85 -3.44 7.71
C PRO A 59 7.53 -4.80 7.57
N ASP A 60 7.16 -5.53 6.53
CA ASP A 60 7.73 -6.86 6.29
C ASP A 60 8.71 -6.81 5.11
N PRO A 61 9.91 -6.27 5.34
CA PRO A 61 10.94 -6.15 4.31
C PRO A 61 11.53 -7.51 3.92
N SER A 62 12.32 -7.52 2.86
CA SER A 62 12.94 -8.75 2.38
C SER A 62 14.44 -8.56 2.17
N PRO A 63 15.16 -9.68 2.00
CA PRO A 63 16.61 -9.66 1.78
C PRO A 63 16.99 -9.10 0.42
N ASP A 64 15.99 -8.68 -0.33
CA ASP A 64 16.21 -8.12 -1.66
C ASP A 64 15.64 -6.71 -1.77
N HIS A 65 14.92 -6.29 -0.72
CA HIS A 65 14.33 -4.96 -0.69
C HIS A 65 13.73 -4.66 0.68
N LEU A 66 14.36 -3.75 1.42
CA LEU A 66 13.90 -3.38 2.75
C LEU A 66 12.78 -2.35 2.66
N TYR A 67 12.12 -2.30 1.51
CA TYR A 67 11.03 -1.35 1.30
C TYR A 67 9.74 -2.08 0.90
N SER A 68 9.44 -3.16 1.61
CA SER A 68 8.24 -3.94 1.33
C SER A 68 7.39 -4.10 2.59
N PHE A 69 6.11 -3.74 2.48
CA PHE A 69 5.19 -3.84 3.61
C PHE A 69 3.97 -4.67 3.24
N ARG A 70 3.35 -5.29 4.24
CA ARG A 70 2.17 -6.11 4.02
C ARG A 70 1.08 -5.77 5.04
N ILE A 71 -0.15 -6.19 4.74
CA ILE A 71 -1.28 -5.94 5.62
C ILE A 71 -1.82 -7.24 6.21
N LEU A 72 -2.35 -7.16 7.42
CA LEU A 72 -2.90 -8.33 8.09
C LEU A 72 -4.17 -7.97 8.86
N HIS A 73 -5.14 -8.87 8.85
CA HIS A 73 -6.40 -8.64 9.55
C HIS A 73 -6.42 -9.38 10.89
N LYS A 74 -6.40 -10.71 10.83
CA LYS A 74 -6.41 -11.53 12.04
C LYS A 74 -5.22 -12.49 12.05
N GLY A 75 -4.06 -11.99 11.64
CA GLY A 75 -2.87 -12.83 11.61
C GLY A 75 -2.55 -13.34 10.22
N GLU A 76 -3.45 -13.08 9.27
CA GLU A 76 -3.26 -13.52 7.90
C GLU A 76 -2.74 -12.39 7.02
N GLU A 77 -2.55 -12.68 5.74
CA GLU A 77 -2.06 -11.68 4.80
C GLU A 77 -3.10 -11.37 3.72
N LEU A 78 -3.56 -10.13 3.70
CA LEU A 78 -4.57 -9.71 2.73
C LEU A 78 -3.91 -9.22 1.45
N ALA A 79 -2.93 -8.32 1.60
CA ALA A 79 -2.22 -7.77 0.45
C ALA A 79 -0.74 -7.56 0.77
N LYS A 80 0.05 -7.28 -0.26
CA LYS A 80 1.48 -7.06 -0.09
C LYS A 80 2.00 -6.03 -1.08
N LEU A 81 2.38 -4.86 -0.58
CA LEU A 81 2.89 -3.80 -1.42
C LEU A 81 4.38 -3.57 -1.17
N GLU A 82 5.04 -2.92 -2.13
CA GLU A 82 6.48 -2.64 -2.00
C GLU A 82 6.82 -1.29 -2.63
N ALA A 83 7.56 -0.48 -1.90
CA ALA A 83 7.96 0.84 -2.38
C ALA A 83 9.28 0.77 -3.14
N LYS A 84 9.79 1.93 -3.52
CA LYS A 84 11.06 2.00 -4.25
C LYS A 84 12.22 2.27 -3.31
N SER A 85 11.99 3.13 -2.32
CA SER A 85 13.03 3.48 -1.36
C SER A 85 12.50 3.35 0.06
N SER A 86 13.40 3.43 1.03
CA SER A 86 13.03 3.32 2.44
C SER A 86 12.10 4.45 2.85
N GLU A 87 12.43 5.67 2.41
CA GLU A 87 11.63 6.84 2.72
C GLU A 87 10.21 6.69 2.18
N GLU A 88 10.11 6.16 0.95
CA GLU A 88 8.81 5.96 0.31
C GLU A 88 7.91 5.07 1.16
N MET A 89 8.42 3.89 1.50
CA MET A 89 7.67 2.93 2.30
C MET A 89 7.22 3.57 3.61
N GLY A 90 8.05 4.46 4.14
CA GLY A 90 7.72 5.11 5.40
C GLY A 90 6.52 6.03 5.28
N HIS A 91 6.30 6.56 4.08
CA HIS A 91 5.17 7.45 3.83
C HIS A 91 3.87 6.64 3.68
N TRP A 92 3.99 5.42 3.20
CA TRP A 92 2.83 4.55 3.01
C TRP A 92 2.42 3.88 4.31
N LEU A 93 3.42 3.41 5.06
CA LEU A 93 3.17 2.74 6.33
C LEU A 93 2.18 3.53 7.17
N GLY A 94 2.53 4.77 7.49
CA GLY A 94 1.66 5.62 8.28
C GLY A 94 0.38 5.97 7.56
N LEU A 95 0.47 6.12 6.25
CA LEU A 95 -0.70 6.46 5.44
C LEU A 95 -1.79 5.40 5.57
N LEU A 96 -1.42 4.15 5.32
CA LEU A 96 -2.36 3.04 5.42
C LEU A 96 -2.81 2.83 6.86
N LEU A 97 -1.86 2.87 7.78
CA LEU A 97 -2.17 2.69 9.20
C LEU A 97 -3.25 3.65 9.65
N SER A 98 -3.09 4.93 9.31
CA SER A 98 -4.07 5.95 9.68
C SER A 98 -5.48 5.53 9.27
N GLU A 99 -5.59 4.94 8.08
CA GLU A 99 -6.88 4.50 7.58
C GLU A 99 -7.35 3.23 8.30
N SER A 100 -6.48 2.23 8.33
CA SER A 100 -6.80 0.96 8.98
C SER A 100 -6.76 1.11 10.50
N GLY A 101 -7.89 0.80 11.15
CA GLY A 101 -7.96 0.92 12.59
C GLY A 101 -6.74 0.32 13.29
N SER A 102 -5.74 1.15 13.56
CA SER A 102 -4.53 0.70 14.20
C SER A 102 -4.67 0.75 15.73
N GLY A 103 -5.66 1.51 16.20
CA GLY A 103 -5.88 1.63 17.62
C GLY A 103 -7.17 2.34 17.95
N PRO A 104 -7.54 2.37 19.23
CA PRO A 104 -8.77 3.01 19.70
C PRO A 104 -8.70 4.53 19.59
N SER A 105 -9.21 5.07 18.49
CA SER A 105 -9.21 6.51 18.26
C SER A 105 -7.90 7.13 18.74
N SER A 106 -6.79 6.46 18.42
CA SER A 106 -5.47 6.95 18.82
C SER A 106 -4.90 7.91 17.78
N GLY A 107 -5.33 9.16 17.83
CA GLY A 107 -4.86 10.15 16.88
C GLY A 107 -5.35 11.54 17.22
N GLY A 1 16.27 13.17 -1.73
CA GLY A 1 15.27 13.96 -2.42
C GLY A 1 15.86 15.15 -3.14
N SER A 2 16.30 14.94 -4.38
CA SER A 2 16.90 16.00 -5.17
C SER A 2 15.98 16.43 -6.31
N SER A 3 15.46 15.43 -7.04
CA SER A 3 14.56 15.70 -8.15
C SER A 3 13.17 16.10 -7.65
N GLY A 4 12.85 17.39 -7.79
CA GLY A 4 11.56 17.89 -7.34
C GLY A 4 11.31 17.61 -5.87
N SER A 5 11.93 18.42 -5.01
CA SER A 5 11.77 18.25 -3.57
C SER A 5 10.39 18.73 -3.11
N SER A 6 9.46 17.78 -3.02
CA SER A 6 8.10 18.10 -2.60
C SER A 6 7.38 16.85 -2.10
N GLY A 7 6.53 17.03 -1.08
CA GLY A 7 5.80 15.92 -0.53
C GLY A 7 5.25 14.98 -1.60
N LEU A 8 4.86 13.77 -1.19
CA LEU A 8 4.34 12.79 -2.13
C LEU A 8 2.84 12.58 -1.90
N GLU A 9 2.09 12.51 -2.99
CA GLU A 9 0.64 12.31 -2.91
C GLU A 9 0.31 10.85 -2.62
N THR A 10 -0.97 10.57 -2.44
CA THR A 10 -1.42 9.20 -2.16
C THR A 10 -1.17 8.28 -3.35
N SER A 11 -1.35 8.81 -4.55
CA SER A 11 -1.15 8.04 -5.77
C SER A 11 0.33 7.91 -6.09
N SER A 12 0.97 6.89 -5.51
CA SER A 12 2.39 6.65 -5.73
C SER A 12 2.63 5.23 -6.24
N TYR A 13 3.06 5.12 -7.49
CA TYR A 13 3.32 3.82 -8.10
C TYR A 13 3.98 2.88 -7.09
N LEU A 14 3.28 1.79 -6.77
CA LEU A 14 3.79 0.81 -5.82
C LEU A 14 3.83 -0.58 -6.45
N ASN A 15 4.55 -1.50 -5.81
CA ASN A 15 4.67 -2.86 -6.30
C ASN A 15 3.75 -3.79 -5.53
N VAL A 16 2.67 -4.23 -6.18
CA VAL A 16 1.71 -5.13 -5.55
C VAL A 16 2.04 -6.59 -5.86
N LEU A 17 2.44 -7.33 -4.84
CA LEU A 17 2.79 -8.73 -5.00
C LEU A 17 1.65 -9.51 -5.65
N VAL A 18 1.96 -10.23 -6.72
CA VAL A 18 0.97 -11.02 -7.44
C VAL A 18 1.50 -12.41 -7.78
N ASN A 19 0.87 -13.43 -7.23
CA ASN A 19 1.28 -14.81 -7.48
C ASN A 19 2.80 -14.95 -7.37
N SER A 20 3.34 -14.54 -6.23
CA SER A 20 4.78 -14.62 -5.99
C SER A 20 5.55 -13.88 -7.09
N GLN A 21 4.99 -12.75 -7.52
CA GLN A 21 5.63 -11.95 -8.57
C GLN A 21 5.28 -10.48 -8.41
N TRP A 22 6.31 -9.63 -8.34
CA TRP A 22 6.11 -8.20 -8.18
C TRP A 22 5.75 -7.56 -9.52
N LYS A 23 4.47 -7.21 -9.68
CA LYS A 23 4.00 -6.59 -10.91
C LYS A 23 3.56 -5.14 -10.65
N SER A 24 3.63 -4.31 -11.68
CA SER A 24 3.23 -2.92 -11.57
C SER A 24 1.71 -2.79 -11.41
N ARG A 25 1.29 -1.96 -10.46
CA ARG A 25 -0.13 -1.76 -10.21
C ARG A 25 -0.39 -0.36 -9.65
N TRP A 26 -1.49 0.25 -10.09
CA TRP A 26 -1.84 1.59 -9.63
C TRP A 26 -2.57 1.52 -8.30
N CYS A 27 -1.88 1.92 -7.23
CA CYS A 27 -2.47 1.91 -5.89
C CYS A 27 -3.17 3.24 -5.59
N SER A 28 -4.41 3.15 -5.13
CA SER A 28 -5.18 4.35 -4.81
C SER A 28 -5.99 4.14 -3.54
N VAL A 29 -5.66 4.92 -2.50
CA VAL A 29 -6.36 4.83 -1.22
C VAL A 29 -7.40 5.93 -1.09
N ARG A 30 -8.63 5.54 -0.76
CA ARG A 30 -9.72 6.50 -0.60
C ARG A 30 -10.86 5.89 0.20
N ASP A 31 -11.55 6.73 0.97
CA ASP A 31 -12.67 6.28 1.78
C ASP A 31 -12.25 5.10 2.67
N ASN A 32 -11.05 5.18 3.21
CA ASN A 32 -10.53 4.12 4.08
C ASN A 32 -10.51 2.78 3.35
N HIS A 33 -10.17 2.82 2.07
CA HIS A 33 -10.11 1.61 1.25
C HIS A 33 -8.99 1.70 0.22
N LEU A 34 -8.25 0.60 0.07
CA LEU A 34 -7.15 0.56 -0.90
C LEU A 34 -7.59 -0.07 -2.21
N HIS A 35 -7.82 0.76 -3.21
CA HIS A 35 -8.25 0.29 -4.52
C HIS A 35 -7.05 -0.04 -5.40
N PHE A 36 -7.29 -0.75 -6.49
CA PHE A 36 -6.23 -1.13 -7.42
C PHE A 36 -6.68 -0.96 -8.86
N TYR A 37 -5.84 -0.33 -9.67
CA TYR A 37 -6.14 -0.11 -11.08
C TYR A 37 -4.93 -0.39 -11.96
N GLN A 38 -5.16 -0.45 -13.27
CA GLN A 38 -4.09 -0.72 -14.22
C GLN A 38 -3.70 0.55 -14.98
N ASP A 39 -4.70 1.22 -15.55
CA ASP A 39 -4.46 2.44 -16.30
C ASP A 39 -3.90 3.53 -15.40
N ARG A 40 -3.47 4.64 -16.01
CA ARG A 40 -2.90 5.75 -15.26
C ARG A 40 -3.97 6.50 -14.49
N ASN A 41 -4.97 7.00 -15.21
CA ASN A 41 -6.06 7.74 -14.58
C ASN A 41 -7.14 6.79 -14.08
N ARG A 42 -6.73 5.76 -13.36
CA ARG A 42 -7.65 4.77 -12.82
C ARG A 42 -8.80 4.52 -13.78
N SER A 43 -8.47 4.33 -15.05
CA SER A 43 -9.47 4.09 -16.08
C SER A 43 -10.05 2.68 -15.96
N LYS A 44 -9.17 1.69 -15.89
CA LYS A 44 -9.58 0.31 -15.77
C LYS A 44 -9.08 -0.31 -14.47
N VAL A 45 -10.00 -0.66 -13.58
CA VAL A 45 -9.65 -1.25 -12.30
C VAL A 45 -8.91 -2.57 -12.49
N ALA A 46 -8.03 -2.89 -11.54
CA ALA A 46 -7.26 -4.14 -11.60
C ALA A 46 -7.97 -5.26 -10.87
N GLN A 47 -8.65 -4.93 -9.78
CA GLN A 47 -9.38 -5.91 -8.98
C GLN A 47 -10.13 -5.25 -7.83
N GLN A 48 -10.99 -6.01 -7.18
CA GLN A 48 -11.78 -5.49 -6.06
C GLN A 48 -10.89 -4.70 -5.10
N PRO A 49 -11.44 -3.59 -4.57
CA PRO A 49 -10.72 -2.74 -3.63
C PRO A 49 -10.52 -3.41 -2.27
N LEU A 50 -9.71 -2.77 -1.42
CA LEU A 50 -9.44 -3.30 -0.09
C LEU A 50 -9.99 -2.38 0.99
N SER A 51 -10.41 -2.98 2.10
CA SER A 51 -10.96 -2.20 3.21
C SER A 51 -9.96 -2.12 4.37
N LEU A 52 -8.98 -1.25 4.22
CA LEU A 52 -7.96 -1.06 5.25
C LEU A 52 -8.59 -1.03 6.64
N VAL A 53 -9.83 -0.58 6.70
CA VAL A 53 -10.55 -0.51 7.98
C VAL A 53 -10.61 -1.87 8.65
N GLY A 54 -9.77 -2.06 9.67
CA GLY A 54 -9.75 -3.32 10.38
C GLY A 54 -8.49 -4.12 10.10
N CYS A 55 -7.67 -3.64 9.18
CA CYS A 55 -6.44 -4.32 8.82
C CYS A 55 -5.26 -3.74 9.59
N GLU A 56 -4.07 -4.30 9.35
CA GLU A 56 -2.86 -3.84 10.03
C GLU A 56 -1.65 -3.94 9.10
N VAL A 57 -1.03 -2.80 8.83
CA VAL A 57 0.13 -2.75 7.96
C VAL A 57 1.42 -2.96 8.76
N VAL A 58 2.20 -3.96 8.36
CA VAL A 58 3.45 -4.26 9.03
C VAL A 58 4.62 -4.26 8.05
N PRO A 59 5.73 -3.64 8.46
CA PRO A 59 6.94 -3.55 7.62
C PRO A 59 7.63 -4.90 7.47
N ASP A 60 7.29 -5.61 6.40
CA ASP A 60 7.88 -6.93 6.13
C ASP A 60 8.87 -6.85 4.97
N PRO A 61 10.06 -6.29 5.25
CA PRO A 61 11.12 -6.15 4.24
C PRO A 61 11.73 -7.49 3.84
N SER A 62 12.44 -7.49 2.72
CA SER A 62 13.07 -8.71 2.22
C SER A 62 14.56 -8.50 2.01
N PRO A 63 15.30 -9.61 1.83
CA PRO A 63 16.75 -9.58 1.62
C PRO A 63 17.12 -8.98 0.26
N ASP A 64 16.12 -8.55 -0.49
CA ASP A 64 16.33 -7.96 -1.80
C ASP A 64 15.76 -6.55 -1.87
N HIS A 65 14.99 -6.18 -0.85
CA HIS A 65 14.37 -4.86 -0.80
C HIS A 65 13.77 -4.60 0.58
N LEU A 66 14.43 -3.73 1.35
CA LEU A 66 13.96 -3.39 2.69
C LEU A 66 12.88 -2.32 2.63
N TYR A 67 12.16 -2.26 1.51
CA TYR A 67 11.11 -1.28 1.34
C TYR A 67 9.80 -1.96 0.92
N SER A 68 9.43 -3.01 1.63
CA SER A 68 8.22 -3.76 1.32
C SER A 68 7.38 -3.97 2.58
N PHE A 69 6.08 -3.71 2.47
CA PHE A 69 5.18 -3.87 3.60
C PHE A 69 3.97 -4.73 3.21
N ARG A 70 3.23 -5.19 4.22
CA ARG A 70 2.05 -6.01 3.98
C ARG A 70 0.94 -5.68 4.97
N ILE A 71 -0.28 -6.04 4.63
CA ILE A 71 -1.43 -5.79 5.49
C ILE A 71 -1.99 -7.08 6.07
N LEU A 72 -2.43 -7.02 7.32
CA LEU A 72 -3.00 -8.19 7.98
C LEU A 72 -4.27 -7.83 8.73
N HIS A 73 -5.23 -8.75 8.75
CA HIS A 73 -6.50 -8.52 9.43
C HIS A 73 -6.83 -9.69 10.36
N LYS A 74 -6.47 -9.54 11.63
CA LYS A 74 -6.73 -10.59 12.62
C LYS A 74 -5.76 -11.76 12.45
N GLY A 75 -4.58 -11.46 11.91
CA GLY A 75 -3.58 -12.49 11.70
C GLY A 75 -3.68 -13.13 10.33
N GLU A 76 -4.54 -12.58 9.48
CA GLU A 76 -4.73 -13.09 8.13
C GLU A 76 -4.08 -12.17 7.10
N GLU A 77 -3.65 -12.74 5.99
CA GLU A 77 -3.01 -11.97 4.92
C GLU A 77 -4.06 -11.42 3.96
N LEU A 78 -3.96 -10.12 3.68
CA LEU A 78 -4.90 -9.46 2.78
C LEU A 78 -4.21 -9.05 1.48
N ALA A 79 -3.04 -8.44 1.61
CA ALA A 79 -2.26 -8.01 0.45
C ALA A 79 -0.83 -7.69 0.83
N LYS A 80 -0.02 -7.32 -0.15
CA LYS A 80 1.38 -6.99 0.07
C LYS A 80 1.89 -6.01 -0.98
N LEU A 81 2.36 -4.85 -0.52
CA LEU A 81 2.87 -3.84 -1.42
C LEU A 81 4.36 -3.62 -1.20
N GLU A 82 5.03 -2.98 -2.17
CA GLU A 82 6.45 -2.71 -2.09
C GLU A 82 6.79 -1.36 -2.69
N ALA A 83 7.52 -0.54 -1.94
CA ALA A 83 7.92 0.78 -2.42
C ALA A 83 9.23 0.71 -3.20
N LYS A 84 9.74 1.88 -3.57
CA LYS A 84 10.98 1.96 -4.33
C LYS A 84 12.13 2.41 -3.44
N SER A 85 11.80 3.22 -2.44
CA SER A 85 12.81 3.73 -1.51
C SER A 85 12.31 3.64 -0.07
N SER A 86 13.25 3.53 0.87
CA SER A 86 12.92 3.44 2.29
C SER A 86 11.97 4.55 2.69
N GLU A 87 12.23 5.77 2.20
CA GLU A 87 11.40 6.92 2.52
C GLU A 87 9.97 6.70 2.04
N GLU A 88 9.82 6.14 0.85
CA GLU A 88 8.50 5.88 0.29
C GLU A 88 7.68 4.97 1.21
N MET A 89 8.26 3.83 1.56
CA MET A 89 7.59 2.87 2.44
C MET A 89 7.23 3.52 3.77
N GLY A 90 8.05 4.47 4.20
CA GLY A 90 7.81 5.16 5.45
C GLY A 90 6.63 6.11 5.38
N HIS A 91 6.33 6.59 4.17
CA HIS A 91 5.24 7.52 3.96
C HIS A 91 3.91 6.77 3.85
N TRP A 92 3.98 5.52 3.40
CA TRP A 92 2.78 4.70 3.25
C TRP A 92 2.43 4.00 4.56
N LEU A 93 3.42 3.41 5.19
CA LEU A 93 3.21 2.70 6.46
C LEU A 93 2.25 3.48 7.35
N GLY A 94 2.61 4.71 7.69
CA GLY A 94 1.75 5.53 8.53
C GLY A 94 0.44 5.88 7.87
N LEU A 95 0.48 6.08 6.56
CA LEU A 95 -0.72 6.43 5.80
C LEU A 95 -1.76 5.31 5.88
N LEU A 96 -1.39 4.14 5.37
CA LEU A 96 -2.29 2.99 5.39
C LEU A 96 -2.78 2.69 6.80
N LEU A 97 -1.86 2.74 7.76
CA LEU A 97 -2.21 2.49 9.15
C LEU A 97 -3.30 3.45 9.63
N SER A 98 -3.11 4.74 9.37
CA SER A 98 -4.08 5.75 9.76
C SER A 98 -5.47 5.43 9.20
N GLU A 99 -5.51 5.09 7.92
CA GLU A 99 -6.77 4.76 7.26
C GLU A 99 -7.39 3.50 7.86
N SER A 100 -6.57 2.46 7.99
CA SER A 100 -7.04 1.19 8.54
C SER A 100 -7.65 1.40 9.93
N GLY A 101 -6.97 2.19 10.75
CA GLY A 101 -7.44 2.45 12.10
C GLY A 101 -8.25 3.73 12.18
N SER A 102 -9.52 3.66 11.79
CA SER A 102 -10.39 4.83 11.81
C SER A 102 -11.14 4.92 13.14
N GLY A 103 -10.54 5.59 14.11
CA GLY A 103 -11.16 5.73 15.41
C GLY A 103 -10.18 6.18 16.48
N PRO A 104 -10.71 6.63 17.63
CA PRO A 104 -9.90 7.10 18.75
C PRO A 104 -9.15 5.96 19.43
N SER A 105 -9.86 4.88 19.74
CA SER A 105 -9.26 3.72 20.40
C SER A 105 -8.53 2.84 19.38
N SER A 106 -7.36 2.36 19.78
CA SER A 106 -6.55 1.51 18.91
C SER A 106 -5.94 0.35 19.69
N GLY A 107 -5.41 -0.62 18.97
CA GLY A 107 -4.80 -1.78 19.62
C GLY A 107 -5.69 -3.01 19.58
N GLY A 1 24.41 8.28 -5.01
CA GLY A 1 23.37 8.72 -4.11
C GLY A 1 22.01 8.78 -4.77
N SER A 2 20.97 9.02 -3.98
CA SER A 2 19.61 9.10 -4.49
C SER A 2 18.96 10.42 -4.11
N SER A 3 18.57 11.19 -5.12
CA SER A 3 17.94 12.49 -4.90
C SER A 3 16.42 12.34 -4.75
N GLY A 4 15.77 13.39 -4.27
CA GLY A 4 14.34 13.35 -4.09
C GLY A 4 13.72 14.74 -4.06
N SER A 5 13.58 15.31 -2.87
CA SER A 5 13.00 16.64 -2.72
C SER A 5 11.81 16.82 -3.66
N SER A 6 10.98 15.79 -3.77
CA SER A 6 9.81 15.84 -4.64
C SER A 6 8.54 15.56 -3.84
N GLY A 7 7.39 15.72 -4.51
CA GLY A 7 6.12 15.49 -3.86
C GLY A 7 5.14 14.76 -4.74
N LEU A 8 4.65 13.62 -4.28
CA LEU A 8 3.69 12.82 -5.04
C LEU A 8 2.45 12.52 -4.21
N GLU A 9 1.28 12.86 -4.77
CA GLU A 9 0.02 12.63 -4.08
C GLU A 9 -0.07 11.19 -3.57
N THR A 10 -1.02 10.94 -2.68
CA THR A 10 -1.21 9.60 -2.11
C THR A 10 -1.25 8.55 -3.20
N SER A 11 -2.02 8.81 -4.24
CA SER A 11 -2.16 7.87 -5.36
C SER A 11 -0.85 7.76 -6.14
N SER A 12 -0.13 6.67 -5.93
CA SER A 12 1.14 6.45 -6.61
C SER A 12 1.21 5.04 -7.19
N TYR A 13 2.24 4.79 -7.99
CA TYR A 13 2.42 3.48 -8.62
C TYR A 13 3.32 2.59 -7.77
N LEU A 14 2.71 1.72 -6.97
CA LEU A 14 3.46 0.81 -6.11
C LEU A 14 3.49 -0.59 -6.70
N ASN A 15 4.21 -1.49 -6.03
CA ASN A 15 4.33 -2.87 -6.49
C ASN A 15 3.47 -3.80 -5.64
N VAL A 16 2.38 -4.28 -6.23
CA VAL A 16 1.47 -5.19 -5.53
C VAL A 16 1.82 -6.64 -5.81
N LEU A 17 2.27 -7.35 -4.78
CA LEU A 17 2.63 -8.75 -4.92
C LEU A 17 1.51 -9.54 -5.57
N VAL A 18 1.86 -10.34 -6.58
CA VAL A 18 0.88 -11.16 -7.29
C VAL A 18 1.45 -12.54 -7.62
N ASN A 19 0.85 -13.56 -7.03
CA ASN A 19 1.30 -14.94 -7.26
C ASN A 19 2.81 -15.06 -7.07
N SER A 20 3.31 -14.56 -5.95
CA SER A 20 4.73 -14.60 -5.64
C SER A 20 5.53 -13.86 -6.71
N GLN A 21 4.99 -12.76 -7.20
CA GLN A 21 5.65 -11.97 -8.23
C GLN A 21 5.31 -10.49 -8.08
N TRP A 22 6.33 -9.65 -7.98
CA TRP A 22 6.15 -8.21 -7.84
C TRP A 22 5.81 -7.57 -9.19
N LYS A 23 4.54 -7.26 -9.40
CA LYS A 23 4.09 -6.64 -10.64
C LYS A 23 3.65 -5.20 -10.40
N SER A 24 4.12 -4.29 -11.25
CA SER A 24 3.78 -2.89 -11.12
C SER A 24 2.26 -2.69 -11.16
N ARG A 25 1.74 -2.00 -10.15
CA ARG A 25 0.30 -1.75 -10.06
C ARG A 25 0.03 -0.35 -9.51
N TRP A 26 -1.10 0.22 -9.91
CA TRP A 26 -1.47 1.55 -9.44
C TRP A 26 -2.41 1.48 -8.25
N CYS A 27 -1.87 1.73 -7.07
CA CYS A 27 -2.66 1.67 -5.83
C CYS A 27 -3.22 3.05 -5.49
N SER A 28 -4.47 3.08 -5.05
CA SER A 28 -5.13 4.34 -4.69
C SER A 28 -5.99 4.16 -3.44
N VAL A 29 -5.61 4.86 -2.37
CA VAL A 29 -6.35 4.78 -1.11
C VAL A 29 -7.31 5.96 -0.97
N ARG A 30 -8.54 5.67 -0.56
CA ARG A 30 -9.55 6.71 -0.38
C ARG A 30 -10.82 6.13 0.22
N ASP A 31 -11.46 6.89 1.10
CA ASP A 31 -12.69 6.45 1.74
C ASP A 31 -12.45 5.22 2.61
N ASN A 32 -11.27 5.16 3.22
CA ASN A 32 -10.91 4.03 4.07
C ASN A 32 -10.93 2.73 3.29
N HIS A 33 -10.41 2.76 2.07
CA HIS A 33 -10.37 1.59 1.21
C HIS A 33 -9.24 1.69 0.19
N LEU A 34 -8.50 0.60 0.03
CA LEU A 34 -7.38 0.56 -0.91
C LEU A 34 -7.81 -0.01 -2.25
N HIS A 35 -7.96 0.87 -3.24
CA HIS A 35 -8.37 0.45 -4.58
C HIS A 35 -7.16 0.13 -5.45
N PHE A 36 -7.39 -0.60 -6.54
CA PHE A 36 -6.31 -0.97 -7.44
C PHE A 36 -6.66 -0.61 -8.89
N TYR A 37 -5.66 -0.22 -9.65
CA TYR A 37 -5.85 0.16 -11.04
C TYR A 37 -4.65 -0.23 -11.89
N GLN A 38 -4.80 -0.12 -13.21
CA GLN A 38 -3.73 -0.47 -14.14
C GLN A 38 -3.27 0.76 -14.91
N ASP A 39 -4.18 1.34 -15.68
CA ASP A 39 -3.86 2.52 -16.48
C ASP A 39 -4.17 3.80 -15.70
N ARG A 40 -3.74 4.93 -16.24
CA ARG A 40 -3.98 6.22 -15.59
C ARG A 40 -5.43 6.63 -15.71
N ASN A 41 -5.83 7.63 -14.93
CA ASN A 41 -7.20 8.11 -14.94
C ASN A 41 -8.18 6.98 -14.66
N ARG A 42 -7.82 6.10 -13.72
CA ARG A 42 -8.67 4.98 -13.36
C ARG A 42 -9.41 4.45 -14.58
N SER A 43 -8.66 4.16 -15.65
CA SER A 43 -9.27 3.65 -16.87
C SER A 43 -9.90 2.28 -16.65
N LYS A 44 -9.13 1.37 -16.03
CA LYS A 44 -9.62 0.03 -15.75
C LYS A 44 -9.22 -0.41 -14.35
N VAL A 45 -10.07 -1.23 -13.73
CA VAL A 45 -9.80 -1.72 -12.39
C VAL A 45 -9.18 -3.13 -12.43
N ALA A 46 -7.97 -3.24 -11.89
CA ALA A 46 -7.27 -4.52 -11.87
C ALA A 46 -8.01 -5.54 -10.99
N GLN A 47 -8.37 -5.11 -9.79
CA GLN A 47 -9.08 -5.98 -8.86
C GLN A 47 -9.95 -5.17 -7.91
N GLN A 48 -10.98 -5.81 -7.35
CA GLN A 48 -11.88 -5.15 -6.43
C GLN A 48 -11.10 -4.34 -5.38
N PRO A 49 -11.79 -3.36 -4.77
CA PRO A 49 -11.18 -2.50 -3.74
C PRO A 49 -10.89 -3.25 -2.45
N LEU A 50 -10.06 -2.67 -1.60
CA LEU A 50 -9.70 -3.28 -0.33
C LEU A 50 -10.17 -2.42 0.83
N SER A 51 -10.52 -3.07 1.94
CA SER A 51 -11.00 -2.37 3.13
C SER A 51 -9.93 -2.39 4.23
N LEU A 52 -9.21 -1.30 4.37
CA LEU A 52 -8.16 -1.19 5.38
C LEU A 52 -8.76 -1.24 6.79
N VAL A 53 -9.93 -0.65 6.95
CA VAL A 53 -10.61 -0.62 8.24
C VAL A 53 -10.52 -1.98 8.92
N GLY A 54 -9.62 -2.09 9.90
CA GLY A 54 -9.46 -3.34 10.62
C GLY A 54 -8.10 -3.97 10.38
N CYS A 55 -7.67 -3.97 9.12
CA CYS A 55 -6.38 -4.56 8.75
C CYS A 55 -5.24 -3.87 9.50
N GLU A 56 -4.03 -4.38 9.32
CA GLU A 56 -2.85 -3.81 9.98
C GLU A 56 -1.64 -3.85 9.05
N VAL A 57 -1.06 -2.69 8.80
CA VAL A 57 0.11 -2.58 7.94
C VAL A 57 1.39 -2.76 8.72
N VAL A 58 2.14 -3.82 8.38
CA VAL A 58 3.40 -4.10 9.06
C VAL A 58 4.56 -4.12 8.08
N PRO A 59 5.68 -3.49 8.48
CA PRO A 59 6.89 -3.42 7.64
C PRO A 59 7.58 -4.78 7.49
N ASP A 60 7.19 -5.51 6.46
CA ASP A 60 7.78 -6.83 6.21
C ASP A 60 8.71 -6.78 5.01
N PRO A 61 9.92 -6.22 5.22
CA PRO A 61 10.93 -6.10 4.17
C PRO A 61 11.53 -7.45 3.78
N SER A 62 12.12 -7.51 2.60
CA SER A 62 12.73 -8.75 2.10
C SER A 62 14.25 -8.61 2.02
N PRO A 63 14.93 -9.75 1.84
CA PRO A 63 16.39 -9.79 1.74
C PRO A 63 16.90 -9.16 0.45
N ASP A 64 15.98 -8.66 -0.37
CA ASP A 64 16.34 -8.03 -1.64
C ASP A 64 15.76 -6.63 -1.73
N HIS A 65 14.68 -6.38 -0.98
CA HIS A 65 14.04 -5.08 -0.98
C HIS A 65 13.53 -4.72 0.43
N LEU A 66 14.27 -3.85 1.11
CA LEU A 66 13.91 -3.42 2.46
C LEU A 66 12.85 -2.34 2.42
N TYR A 67 12.12 -2.26 1.31
CA TYR A 67 11.08 -1.25 1.14
C TYR A 67 9.75 -1.91 0.77
N SER A 68 9.46 -3.04 1.40
CA SER A 68 8.23 -3.77 1.14
C SER A 68 7.43 -3.97 2.43
N PHE A 69 6.12 -3.70 2.36
CA PHE A 69 5.26 -3.85 3.52
C PHE A 69 4.04 -4.70 3.17
N ARG A 70 3.41 -5.27 4.20
CA ARG A 70 2.23 -6.11 4.00
C ARG A 70 1.16 -5.78 5.04
N ILE A 71 -0.07 -6.14 4.72
CA ILE A 71 -1.20 -5.89 5.62
C ILE A 71 -1.75 -7.18 6.21
N LEU A 72 -2.24 -7.11 7.44
CA LEU A 72 -2.79 -8.28 8.11
C LEU A 72 -3.97 -7.90 8.99
N HIS A 73 -5.02 -8.72 8.95
CA HIS A 73 -6.22 -8.47 9.74
C HIS A 73 -6.20 -9.27 11.03
N LYS A 74 -6.36 -10.59 10.89
CA LYS A 74 -6.36 -11.49 12.06
C LYS A 74 -5.25 -12.52 11.94
N GLY A 75 -4.05 -12.06 11.59
CA GLY A 75 -2.92 -12.96 11.45
C GLY A 75 -2.76 -13.48 10.04
N GLU A 76 -3.58 -12.97 9.13
CA GLU A 76 -3.51 -13.38 7.73
C GLU A 76 -2.97 -12.26 6.85
N GLU A 77 -2.77 -12.57 5.57
CA GLU A 77 -2.25 -11.59 4.62
C GLU A 77 -3.32 -11.20 3.60
N LEU A 78 -3.72 -9.94 3.62
CA LEU A 78 -4.73 -9.44 2.70
C LEU A 78 -4.10 -8.87 1.44
N ALA A 79 -3.10 -8.01 1.62
CA ALA A 79 -2.40 -7.39 0.49
C ALA A 79 -0.92 -7.22 0.80
N LYS A 80 -0.13 -6.97 -0.23
CA LYS A 80 1.31 -6.78 -0.08
C LYS A 80 1.84 -5.79 -1.12
N LEU A 81 2.30 -4.64 -0.66
CA LEU A 81 2.84 -3.62 -1.55
C LEU A 81 4.34 -3.46 -1.35
N GLU A 82 5.01 -2.89 -2.35
CA GLU A 82 6.45 -2.68 -2.28
C GLU A 82 6.83 -1.34 -2.88
N ALA A 83 7.51 -0.51 -2.09
CA ALA A 83 7.94 0.81 -2.55
C ALA A 83 9.26 0.73 -3.30
N LYS A 84 9.80 1.88 -3.68
CA LYS A 84 11.05 1.95 -4.41
C LYS A 84 12.20 2.34 -3.49
N SER A 85 11.92 3.24 -2.55
CA SER A 85 12.92 3.70 -1.61
C SER A 85 12.44 3.55 -0.17
N SER A 86 13.38 3.59 0.77
CA SER A 86 13.04 3.45 2.19
C SER A 86 12.11 4.57 2.63
N GLU A 87 12.37 5.79 2.14
CA GLU A 87 11.55 6.94 2.49
C GLU A 87 10.12 6.76 2.00
N GLU A 88 9.98 6.18 0.81
CA GLU A 88 8.65 5.95 0.23
C GLU A 88 7.82 5.01 1.11
N MET A 89 8.39 3.86 1.43
CA MET A 89 7.71 2.87 2.26
C MET A 89 7.31 3.48 3.60
N GLY A 90 8.11 4.43 4.07
CA GLY A 90 7.81 5.08 5.34
C GLY A 90 6.62 6.02 5.25
N HIS A 91 6.35 6.51 4.04
CA HIS A 91 5.23 7.42 3.83
C HIS A 91 3.92 6.66 3.71
N TRP A 92 3.99 5.43 3.23
CA TRP A 92 2.81 4.60 3.06
C TRP A 92 2.45 3.91 4.38
N LEU A 93 3.44 3.32 5.02
CA LEU A 93 3.24 2.62 6.29
C LEU A 93 2.25 3.38 7.17
N GLY A 94 2.61 4.61 7.53
CA GLY A 94 1.76 5.43 8.36
C GLY A 94 0.46 5.81 7.67
N LEU A 95 0.52 5.97 6.35
CA LEU A 95 -0.66 6.33 5.58
C LEU A 95 -1.75 5.26 5.71
N LEU A 96 -1.38 4.02 5.47
CA LEU A 96 -2.32 2.90 5.56
C LEU A 96 -2.74 2.67 7.00
N LEU A 97 -1.76 2.54 7.89
CA LEU A 97 -2.03 2.32 9.31
C LEU A 97 -3.19 3.17 9.78
N SER A 98 -3.10 4.48 9.57
CA SER A 98 -4.14 5.40 9.97
C SER A 98 -5.51 4.90 9.51
N GLU A 99 -5.68 4.74 8.20
CA GLU A 99 -6.93 4.27 7.64
C GLU A 99 -7.36 2.96 8.27
N SER A 100 -6.41 2.03 8.40
CA SER A 100 -6.70 0.73 8.99
C SER A 100 -6.78 0.83 10.51
N GLY A 101 -7.55 1.80 10.99
CA GLY A 101 -7.70 1.99 12.42
C GLY A 101 -6.76 3.05 12.97
N SER A 102 -7.26 3.83 13.94
CA SER A 102 -6.46 4.88 14.55
C SER A 102 -6.94 5.19 15.96
N GLY A 103 -6.05 5.03 16.93
CA GLY A 103 -6.40 5.29 18.31
C GLY A 103 -6.48 6.78 18.62
N PRO A 104 -7.18 7.13 19.71
CA PRO A 104 -7.34 8.51 20.14
C PRO A 104 -6.04 9.12 20.66
N SER A 105 -4.98 8.32 20.65
CA SER A 105 -3.68 8.79 21.12
C SER A 105 -2.64 8.73 20.00
N SER A 106 -1.87 9.80 19.87
CA SER A 106 -0.83 9.88 18.84
C SER A 106 -0.03 8.59 18.77
N GLY A 107 0.48 8.16 19.92
CA GLY A 107 1.26 6.93 19.98
C GLY A 107 0.74 5.95 21.00
N GLY A 1 16.98 16.66 -14.50
CA GLY A 1 15.73 16.19 -15.05
C GLY A 1 14.93 15.37 -14.04
N SER A 2 13.64 15.23 -14.29
CA SER A 2 12.76 14.48 -13.41
C SER A 2 13.10 14.76 -11.94
N SER A 3 13.36 16.03 -11.64
CA SER A 3 13.70 16.43 -10.28
C SER A 3 12.45 16.68 -9.45
N GLY A 4 11.61 17.60 -9.93
CA GLY A 4 10.39 17.92 -9.23
C GLY A 4 9.37 18.63 -10.11
N SER A 5 8.84 17.90 -11.09
CA SER A 5 7.86 18.46 -12.01
C SER A 5 6.46 18.44 -11.40
N SER A 6 5.99 17.24 -11.06
CA SER A 6 4.67 17.09 -10.46
C SER A 6 4.77 16.78 -8.98
N GLY A 7 3.64 16.86 -8.28
CA GLY A 7 3.62 16.58 -6.86
C GLY A 7 3.11 15.19 -6.54
N LEU A 8 4.02 14.29 -6.18
CA LEU A 8 3.65 12.92 -5.86
C LEU A 8 2.38 12.88 -5.02
N GLU A 9 1.29 12.39 -5.62
CA GLU A 9 0.01 12.30 -4.93
C GLU A 9 -0.20 10.90 -4.37
N THR A 10 -1.19 10.77 -3.47
CA THR A 10 -1.49 9.48 -2.86
C THR A 10 -1.43 8.36 -3.89
N SER A 11 -1.99 8.60 -5.07
CA SER A 11 -1.98 7.60 -6.13
C SER A 11 -0.62 7.51 -6.81
N SER A 12 0.23 6.63 -6.30
CA SER A 12 1.57 6.45 -6.84
C SER A 12 1.72 5.09 -7.48
N TYR A 13 2.93 4.78 -7.94
CA TYR A 13 3.21 3.50 -8.58
C TYR A 13 3.83 2.52 -7.59
N LEU A 14 2.99 1.66 -7.01
CA LEU A 14 3.46 0.67 -6.05
C LEU A 14 3.54 -0.71 -6.70
N ASN A 15 4.21 -1.64 -6.01
CA ASN A 15 4.36 -3.00 -6.52
C ASN A 15 3.56 -3.99 -5.66
N VAL A 16 2.46 -4.50 -6.22
CA VAL A 16 1.62 -5.44 -5.50
C VAL A 16 2.05 -6.88 -5.79
N LEU A 17 2.53 -7.57 -4.77
CA LEU A 17 2.98 -8.96 -4.92
C LEU A 17 1.94 -9.78 -5.70
N VAL A 18 2.39 -10.42 -6.76
CA VAL A 18 1.51 -11.24 -7.59
C VAL A 18 2.16 -12.57 -7.93
N ASN A 19 1.56 -13.66 -7.45
CA ASN A 19 2.09 -15.00 -7.71
C ASN A 19 3.59 -15.05 -7.47
N SER A 20 4.02 -14.52 -6.32
CA SER A 20 5.44 -14.49 -5.98
C SER A 20 6.24 -13.67 -6.98
N GLN A 21 5.62 -12.60 -7.47
CA GLN A 21 6.28 -11.72 -8.43
C GLN A 21 5.84 -10.27 -8.24
N TRP A 22 6.81 -9.40 -7.99
CA TRP A 22 6.51 -7.98 -7.79
C TRP A 22 6.25 -7.28 -9.11
N LYS A 23 5.04 -6.76 -9.27
CA LYS A 23 4.66 -6.05 -10.49
C LYS A 23 4.08 -4.68 -10.17
N SER A 24 4.27 -3.73 -11.09
CA SER A 24 3.77 -2.38 -10.91
C SER A 24 2.25 -2.34 -10.98
N ARG A 25 1.62 -1.66 -10.03
CA ARG A 25 0.17 -1.56 -9.99
C ARG A 25 -0.26 -0.14 -9.58
N TRP A 26 -1.38 0.30 -10.13
CA TRP A 26 -1.91 1.63 -9.81
C TRP A 26 -2.62 1.64 -8.47
N CYS A 27 -1.90 2.03 -7.43
CA CYS A 27 -2.47 2.07 -6.08
C CYS A 27 -3.17 3.41 -5.84
N SER A 28 -4.41 3.34 -5.34
CA SER A 28 -5.19 4.54 -5.07
C SER A 28 -5.93 4.41 -3.74
N VAL A 29 -5.52 5.23 -2.76
CA VAL A 29 -6.14 5.20 -1.45
C VAL A 29 -7.43 6.02 -1.44
N ARG A 30 -8.43 5.54 -0.71
CA ARG A 30 -9.71 6.23 -0.61
C ARG A 30 -10.30 6.10 0.79
N ASP A 31 -11.52 6.60 0.97
CA ASP A 31 -12.18 6.55 2.26
C ASP A 31 -11.86 5.24 2.98
N ASN A 32 -10.88 5.30 3.88
CA ASN A 32 -10.47 4.14 4.64
C ASN A 32 -10.56 2.87 3.80
N HIS A 33 -10.21 3.00 2.52
CA HIS A 33 -10.25 1.87 1.60
C HIS A 33 -9.18 2.00 0.52
N LEU A 34 -8.43 0.92 0.31
CA LEU A 34 -7.37 0.92 -0.69
C LEU A 34 -7.86 0.32 -2.01
N HIS A 35 -7.88 1.13 -3.05
CA HIS A 35 -8.33 0.69 -4.36
C HIS A 35 -7.14 0.36 -5.26
N PHE A 36 -7.35 -0.49 -6.25
CA PHE A 36 -6.30 -0.89 -7.17
C PHE A 36 -6.76 -0.72 -8.62
N TYR A 37 -5.81 -0.40 -9.50
CA TYR A 37 -6.12 -0.21 -10.92
C TYR A 37 -4.93 -0.59 -11.79
N GLN A 38 -5.16 -0.65 -13.10
CA GLN A 38 -4.10 -1.00 -14.04
C GLN A 38 -3.73 0.20 -14.90
N ASP A 39 -4.73 0.80 -15.54
CA ASP A 39 -4.51 1.95 -16.39
C ASP A 39 -4.29 3.22 -15.57
N ARG A 40 -4.12 4.34 -16.25
CA ARG A 40 -3.91 5.61 -15.57
C ARG A 40 -5.23 6.23 -15.12
N ASN A 41 -6.17 6.34 -16.05
CA ASN A 41 -7.48 6.91 -15.75
C ASN A 41 -8.40 5.85 -15.14
N ARG A 42 -7.86 5.06 -14.23
CA ARG A 42 -8.63 4.01 -13.58
C ARG A 42 -9.67 3.42 -14.53
N SER A 43 -9.25 3.20 -15.78
CA SER A 43 -10.13 2.63 -16.79
C SER A 43 -10.26 1.12 -16.62
N LYS A 44 -9.12 0.45 -16.49
CA LYS A 44 -9.10 -1.00 -16.33
C LYS A 44 -8.64 -1.37 -14.92
N VAL A 45 -9.60 -1.54 -14.01
CA VAL A 45 -9.30 -1.90 -12.63
C VAL A 45 -8.62 -3.26 -12.57
N ALA A 46 -7.70 -3.42 -11.62
CA ALA A 46 -7.00 -4.68 -11.44
C ALA A 46 -7.81 -5.65 -10.58
N GLN A 47 -8.52 -5.12 -9.60
CA GLN A 47 -9.34 -5.94 -8.71
C GLN A 47 -10.18 -5.07 -7.79
N GLN A 48 -11.04 -5.71 -7.00
CA GLN A 48 -11.91 -5.00 -6.07
C GLN A 48 -11.09 -4.19 -5.08
N PRO A 49 -11.75 -3.23 -4.41
CA PRO A 49 -11.09 -2.37 -3.42
C PRO A 49 -10.73 -3.13 -2.14
N LEU A 50 -10.00 -2.46 -1.25
CA LEU A 50 -9.59 -3.07 0.00
C LEU A 50 -10.16 -2.31 1.19
N SER A 51 -10.61 -3.05 2.21
CA SER A 51 -11.19 -2.43 3.40
C SER A 51 -10.14 -2.36 4.52
N LEU A 52 -9.22 -1.43 4.39
CA LEU A 52 -8.17 -1.25 5.39
C LEU A 52 -8.75 -1.26 6.80
N VAL A 53 -9.94 -0.67 6.95
CA VAL A 53 -10.61 -0.61 8.24
C VAL A 53 -10.59 -1.97 8.93
N GLY A 54 -9.68 -2.13 9.88
CA GLY A 54 -9.59 -3.39 10.60
C GLY A 54 -8.24 -4.06 10.41
N CYS A 55 -7.72 -4.01 9.19
CA CYS A 55 -6.43 -4.62 8.88
C CYS A 55 -5.29 -3.89 9.59
N GLU A 56 -4.06 -4.34 9.37
CA GLU A 56 -2.90 -3.74 9.99
C GLU A 56 -1.69 -3.81 9.06
N VAL A 57 -1.07 -2.65 8.80
CA VAL A 57 0.09 -2.58 7.94
C VAL A 57 1.39 -2.75 8.73
N VAL A 58 2.19 -3.75 8.36
CA VAL A 58 3.45 -4.00 9.04
C VAL A 58 4.61 -4.06 8.04
N PRO A 59 5.74 -3.45 8.42
CA PRO A 59 6.93 -3.42 7.58
C PRO A 59 7.60 -4.78 7.46
N ASP A 60 7.20 -5.55 6.45
CA ASP A 60 7.76 -6.87 6.22
C ASP A 60 8.70 -6.87 5.02
N PRO A 61 9.91 -6.34 5.22
CA PRO A 61 10.91 -6.26 4.16
C PRO A 61 11.48 -7.64 3.79
N SER A 62 12.29 -7.68 2.74
CA SER A 62 12.89 -8.92 2.28
C SER A 62 14.38 -8.76 2.03
N PRO A 63 15.08 -9.89 1.87
CA PRO A 63 16.53 -9.89 1.62
C PRO A 63 16.88 -9.36 0.22
N ASP A 64 15.86 -8.91 -0.50
CA ASP A 64 16.05 -8.38 -1.85
C ASP A 64 15.44 -6.99 -1.98
N HIS A 65 14.76 -6.54 -0.91
CA HIS A 65 14.13 -5.23 -0.91
C HIS A 65 13.59 -4.88 0.47
N LEU A 66 14.29 -3.99 1.17
CA LEU A 66 13.88 -3.57 2.50
C LEU A 66 12.84 -2.47 2.44
N TYR A 67 12.03 -2.48 1.39
CA TYR A 67 11.00 -1.46 1.20
C TYR A 67 9.66 -2.11 0.86
N SER A 68 9.42 -3.30 1.41
CA SER A 68 8.18 -4.02 1.16
C SER A 68 7.37 -4.18 2.43
N PHE A 69 6.09 -3.85 2.35
CA PHE A 69 5.20 -3.95 3.50
C PHE A 69 3.98 -4.81 3.18
N ARG A 70 3.36 -5.36 4.22
CA ARG A 70 2.18 -6.21 4.05
C ARG A 70 1.11 -5.86 5.08
N ILE A 71 -0.12 -6.26 4.79
CA ILE A 71 -1.24 -6.00 5.69
C ILE A 71 -1.76 -7.28 6.32
N LEU A 72 -2.24 -7.18 7.55
CA LEU A 72 -2.77 -8.33 8.27
C LEU A 72 -3.97 -7.94 9.13
N HIS A 73 -4.97 -8.83 9.19
CA HIS A 73 -6.16 -8.57 9.97
C HIS A 73 -6.08 -9.27 11.33
N LYS A 74 -6.15 -10.60 11.31
CA LYS A 74 -6.09 -11.38 12.54
C LYS A 74 -4.96 -12.40 12.47
N GLY A 75 -3.81 -11.97 11.94
CA GLY A 75 -2.67 -12.86 11.84
C GLY A 75 -2.51 -13.43 10.44
N GLU A 76 -3.36 -12.99 9.52
CA GLU A 76 -3.32 -13.47 8.14
C GLU A 76 -2.81 -12.37 7.21
N GLU A 77 -2.60 -12.73 5.95
CA GLU A 77 -2.12 -11.77 4.95
C GLU A 77 -3.19 -11.50 3.89
N LEU A 78 -3.62 -10.24 3.82
CA LEU A 78 -4.64 -9.84 2.86
C LEU A 78 -4.01 -9.32 1.57
N ALA A 79 -3.05 -8.41 1.74
CA ALA A 79 -2.36 -7.83 0.59
C ALA A 79 -0.89 -7.58 0.90
N LYS A 80 -0.10 -7.34 -0.15
CA LYS A 80 1.33 -7.09 0.02
C LYS A 80 1.84 -6.12 -1.04
N LEU A 81 2.26 -4.94 -0.59
CA LEU A 81 2.76 -3.92 -1.51
C LEU A 81 4.27 -3.71 -1.32
N GLU A 82 4.91 -3.10 -2.30
CA GLU A 82 6.35 -2.84 -2.24
C GLU A 82 6.68 -1.48 -2.84
N ALA A 83 7.52 -0.73 -2.15
CA ALA A 83 7.93 0.60 -2.63
C ALA A 83 9.28 0.53 -3.33
N LYS A 84 9.81 1.70 -3.69
CA LYS A 84 11.09 1.78 -4.38
C LYS A 84 12.23 2.00 -3.38
N SER A 85 11.96 2.81 -2.36
CA SER A 85 12.95 3.11 -1.33
C SER A 85 12.31 3.13 0.06
N SER A 86 13.15 3.19 1.08
CA SER A 86 12.67 3.22 2.46
C SER A 86 11.83 4.46 2.72
N GLU A 87 12.19 5.56 2.07
CA GLU A 87 11.47 6.82 2.24
C GLU A 87 10.06 6.70 1.67
N GLU A 88 9.90 5.89 0.64
CA GLU A 88 8.60 5.70 0.00
C GLU A 88 7.72 4.79 0.85
N MET A 89 8.28 3.67 1.30
CA MET A 89 7.54 2.71 2.12
C MET A 89 7.13 3.35 3.45
N GLY A 90 8.00 4.21 3.98
CA GLY A 90 7.72 4.86 5.24
C GLY A 90 6.55 5.82 5.15
N HIS A 91 6.29 6.32 3.94
CA HIS A 91 5.19 7.25 3.73
C HIS A 91 3.87 6.50 3.58
N TRP A 92 3.93 5.27 3.08
CA TRP A 92 2.75 4.45 2.89
C TRP A 92 2.33 3.79 4.20
N LEU A 93 3.31 3.34 4.97
CA LEU A 93 3.04 2.67 6.25
C LEU A 93 2.01 3.46 7.06
N GLY A 94 2.35 4.71 7.38
CA GLY A 94 1.45 5.54 8.15
C GLY A 94 0.18 5.89 7.39
N LEU A 95 0.30 6.01 6.07
CA LEU A 95 -0.83 6.35 5.22
C LEU A 95 -1.88 5.24 5.26
N LEU A 96 -1.43 3.99 5.32
CA LEU A 96 -2.34 2.85 5.38
C LEU A 96 -2.73 2.54 6.82
N LEU A 97 -1.78 2.66 7.73
CA LEU A 97 -2.03 2.39 9.14
C LEU A 97 -3.18 3.25 9.66
N SER A 98 -3.03 4.56 9.53
CA SER A 98 -4.07 5.49 9.98
C SER A 98 -5.44 5.07 9.48
N GLU A 99 -5.52 4.75 8.20
CA GLU A 99 -6.80 4.33 7.61
C GLU A 99 -7.27 3.01 8.21
N SER A 100 -6.36 2.06 8.33
CA SER A 100 -6.68 0.75 8.88
C SER A 100 -6.85 0.84 10.40
N GLY A 101 -8.07 0.59 10.86
CA GLY A 101 -8.35 0.65 12.29
C GLY A 101 -7.46 -0.29 13.08
N SER A 102 -6.29 0.20 13.46
CA SER A 102 -5.35 -0.61 14.23
C SER A 102 -5.74 -0.67 15.70
N GLY A 103 -5.70 -1.86 16.28
CA GLY A 103 -6.05 -2.03 17.67
C GLY A 103 -6.82 -3.31 17.93
N PRO A 104 -6.65 -3.88 19.13
CA PRO A 104 -7.32 -5.13 19.52
C PRO A 104 -8.82 -4.94 19.70
N SER A 105 -9.58 -5.97 19.33
CA SER A 105 -11.04 -5.92 19.45
C SER A 105 -11.57 -4.55 19.05
N SER A 106 -11.03 -4.01 17.95
CA SER A 106 -11.46 -2.70 17.46
C SER A 106 -12.53 -2.84 16.40
N GLY A 107 -12.34 -3.79 15.49
CA GLY A 107 -13.30 -4.01 14.42
C GLY A 107 -12.68 -4.62 13.19
N GLY A 1 22.62 13.71 0.65
CA GLY A 1 21.93 14.92 1.08
C GLY A 1 20.54 15.03 0.48
N SER A 2 19.52 14.76 1.28
CA SER A 2 18.15 14.84 0.82
C SER A 2 17.61 16.26 0.94
N SER A 3 18.44 17.24 0.56
CA SER A 3 18.05 18.63 0.63
C SER A 3 16.61 18.83 0.15
N GLY A 4 15.72 19.13 1.10
CA GLY A 4 14.32 19.33 0.74
C GLY A 4 13.48 18.11 1.00
N SER A 5 12.17 18.29 1.08
CA SER A 5 11.25 17.18 1.33
C SER A 5 10.63 16.69 0.02
N SER A 6 10.16 15.45 0.03
CA SER A 6 9.55 14.85 -1.15
C SER A 6 8.06 15.16 -1.21
N GLY A 7 7.34 14.79 -0.15
CA GLY A 7 5.91 15.04 -0.11
C GLY A 7 5.18 14.46 -1.30
N LEU A 8 5.44 13.19 -1.59
CA LEU A 8 4.80 12.52 -2.72
C LEU A 8 3.33 12.25 -2.42
N GLU A 9 2.45 12.77 -3.28
CA GLU A 9 1.02 12.59 -3.12
C GLU A 9 0.67 11.11 -3.02
N THR A 10 -0.46 10.82 -2.39
CA THR A 10 -0.91 9.44 -2.21
C THR A 10 -0.94 8.70 -3.55
N SER A 11 -1.18 9.45 -4.63
CA SER A 11 -1.23 8.86 -5.96
C SER A 11 0.16 8.46 -6.43
N SER A 12 0.38 7.16 -6.56
CA SER A 12 1.68 6.65 -7.01
C SER A 12 1.58 5.18 -7.40
N TYR A 13 2.45 4.75 -8.29
CA TYR A 13 2.46 3.37 -8.75
C TYR A 13 3.27 2.48 -7.81
N LEU A 14 2.56 1.69 -7.00
CA LEU A 14 3.21 0.80 -6.05
C LEU A 14 3.29 -0.63 -6.61
N ASN A 15 4.13 -1.45 -6.00
CA ASN A 15 4.30 -2.84 -6.43
C ASN A 15 3.45 -3.77 -5.57
N VAL A 16 2.38 -4.29 -6.15
CA VAL A 16 1.50 -5.21 -5.43
C VAL A 16 1.81 -6.66 -5.78
N LEU A 17 2.39 -7.37 -4.82
CA LEU A 17 2.74 -8.77 -5.02
C LEU A 17 1.60 -9.53 -5.69
N VAL A 18 1.92 -10.21 -6.79
CA VAL A 18 0.91 -10.98 -7.51
C VAL A 18 1.50 -12.29 -8.03
N ASN A 19 0.78 -13.39 -7.81
CA ASN A 19 1.23 -14.70 -8.25
C ASN A 19 2.69 -14.92 -7.90
N SER A 20 3.05 -14.66 -6.65
CA SER A 20 4.42 -14.84 -6.18
C SER A 20 5.39 -14.07 -7.07
N GLN A 21 4.89 -13.02 -7.72
CA GLN A 21 5.71 -12.21 -8.61
C GLN A 21 5.38 -10.73 -8.44
N TRP A 22 6.41 -9.92 -8.18
CA TRP A 22 6.23 -8.49 -7.99
C TRP A 22 5.95 -7.81 -9.33
N LYS A 23 4.79 -7.17 -9.42
CA LYS A 23 4.40 -6.48 -10.65
C LYS A 23 4.10 -5.01 -10.37
N SER A 24 3.93 -4.23 -11.43
CA SER A 24 3.64 -2.80 -11.29
C SER A 24 2.13 -2.56 -11.29
N ARG A 25 1.63 -1.97 -10.22
CA ARG A 25 0.21 -1.69 -10.08
C ARG A 25 -0.02 -0.31 -9.46
N TRP A 26 -1.13 0.33 -9.83
CA TRP A 26 -1.46 1.65 -9.30
C TRP A 26 -2.41 1.54 -8.11
N CYS A 27 -1.91 1.88 -6.93
CA CYS A 27 -2.72 1.82 -5.72
C CYS A 27 -3.19 3.22 -5.30
N SER A 28 -4.48 3.33 -5.03
CA SER A 28 -5.06 4.61 -4.63
C SER A 28 -5.93 4.45 -3.39
N VAL A 29 -5.54 5.10 -2.31
CA VAL A 29 -6.29 5.03 -1.05
C VAL A 29 -7.34 6.13 -0.98
N ARG A 30 -8.56 5.76 -0.62
CA ARG A 30 -9.65 6.71 -0.52
C ARG A 30 -10.80 6.15 0.32
N ASP A 31 -11.48 7.02 1.05
CA ASP A 31 -12.60 6.60 1.89
C ASP A 31 -12.19 5.42 2.78
N ASN A 32 -10.96 5.46 3.26
CA ASN A 32 -10.45 4.39 4.13
C ASN A 32 -10.45 3.05 3.40
N HIS A 33 -10.06 3.08 2.12
CA HIS A 33 -10.01 1.86 1.31
C HIS A 33 -8.93 1.96 0.24
N LEU A 34 -8.20 0.88 0.04
CA LEU A 34 -7.13 0.85 -0.95
C LEU A 34 -7.63 0.22 -2.25
N HIS A 35 -7.91 1.06 -3.24
CA HIS A 35 -8.39 0.58 -4.54
C HIS A 35 -7.22 0.27 -5.46
N PHE A 36 -7.41 -0.73 -6.32
CA PHE A 36 -6.36 -1.13 -7.25
C PHE A 36 -6.73 -0.73 -8.69
N TYR A 37 -5.80 -0.07 -9.36
CA TYR A 37 -6.02 0.37 -10.74
C TYR A 37 -4.88 -0.05 -11.64
N GLN A 38 -5.11 0.02 -12.95
CA GLN A 38 -4.09 -0.36 -13.93
C GLN A 38 -3.49 0.87 -14.61
N ASP A 39 -4.33 1.59 -15.34
CA ASP A 39 -3.89 2.79 -16.04
C ASP A 39 -3.88 3.99 -15.11
N ARG A 40 -3.42 5.13 -15.62
CA ARG A 40 -3.35 6.35 -14.82
C ARG A 40 -4.62 7.19 -15.01
N ASN A 41 -5.75 6.53 -15.18
CA ASN A 41 -7.02 7.20 -15.37
C ASN A 41 -8.09 6.64 -14.44
N ARG A 42 -7.65 6.14 -13.29
CA ARG A 42 -8.57 5.57 -12.31
C ARG A 42 -9.74 4.87 -13.01
N SER A 43 -9.44 4.14 -14.07
CA SER A 43 -10.45 3.41 -14.83
C SER A 43 -10.09 1.95 -14.99
N LYS A 44 -11.10 1.10 -15.12
CA LYS A 44 -10.89 -0.33 -15.28
C LYS A 44 -10.05 -0.88 -14.12
N VAL A 45 -10.42 -0.52 -12.90
CA VAL A 45 -9.70 -0.99 -11.71
C VAL A 45 -9.19 -2.41 -11.91
N ALA A 46 -7.96 -2.65 -11.47
CA ALA A 46 -7.35 -3.97 -11.59
C ALA A 46 -8.22 -5.04 -10.94
N GLN A 47 -8.80 -4.70 -9.79
CA GLN A 47 -9.65 -5.63 -9.05
C GLN A 47 -10.27 -4.96 -7.83
N GLN A 48 -11.19 -5.66 -7.18
CA GLN A 48 -11.86 -5.13 -6.00
C GLN A 48 -10.86 -4.45 -5.07
N PRO A 49 -11.28 -3.32 -4.48
CA PRO A 49 -10.44 -2.56 -3.56
C PRO A 49 -10.20 -3.28 -2.24
N LEU A 50 -9.56 -2.60 -1.30
CA LEU A 50 -9.28 -3.19 0.01
C LEU A 50 -9.94 -2.38 1.12
N SER A 51 -10.24 -3.04 2.23
CA SER A 51 -10.88 -2.39 3.37
C SER A 51 -9.90 -2.23 4.52
N LEU A 52 -8.96 -1.31 4.37
CA LEU A 52 -7.96 -1.05 5.39
C LEU A 52 -8.59 -1.07 6.79
N VAL A 53 -9.77 -0.48 6.90
CA VAL A 53 -10.49 -0.44 8.18
C VAL A 53 -10.52 -1.81 8.83
N GLY A 54 -9.57 -2.05 9.74
CA GLY A 54 -9.50 -3.32 10.43
C GLY A 54 -8.17 -4.02 10.23
N CYS A 55 -7.67 -4.00 9.00
CA CYS A 55 -6.40 -4.64 8.69
C CYS A 55 -5.25 -3.98 9.44
N GLU A 56 -4.05 -4.51 9.27
CA GLU A 56 -2.88 -3.97 9.94
C GLU A 56 -1.65 -4.02 9.02
N VAL A 57 -1.09 -2.86 8.73
CA VAL A 57 0.07 -2.76 7.87
C VAL A 57 1.37 -2.87 8.67
N VAL A 58 2.15 -3.90 8.38
CA VAL A 58 3.42 -4.11 9.08
C VAL A 58 4.59 -4.13 8.10
N PRO A 59 5.70 -3.47 8.50
CA PRO A 59 6.90 -3.39 7.68
C PRO A 59 7.62 -4.74 7.56
N ASP A 60 7.26 -5.51 6.54
CA ASP A 60 7.87 -6.82 6.32
C ASP A 60 8.82 -6.78 5.13
N PRO A 61 10.01 -6.20 5.35
CA PRO A 61 11.03 -6.09 4.30
C PRO A 61 11.64 -7.44 3.93
N SER A 62 12.34 -7.48 2.81
CA SER A 62 12.97 -8.71 2.33
C SER A 62 14.48 -8.53 2.19
N PRO A 63 15.20 -9.65 2.04
CA PRO A 63 16.65 -9.64 1.88
C PRO A 63 17.10 -9.07 0.55
N ASP A 64 16.13 -8.57 -0.23
CA ASP A 64 16.42 -8.00 -1.53
C ASP A 64 15.85 -6.58 -1.63
N HIS A 65 14.85 -6.29 -0.81
CA HIS A 65 14.22 -4.97 -0.80
C HIS A 65 13.65 -4.65 0.57
N LEU A 66 14.33 -3.78 1.30
CA LEU A 66 13.90 -3.37 2.63
C LEU A 66 12.82 -2.30 2.56
N TYR A 67 12.10 -2.27 1.44
CA TYR A 67 11.04 -1.29 1.24
C TYR A 67 9.73 -1.98 0.85
N SER A 68 9.44 -3.09 1.50
CA SER A 68 8.22 -3.85 1.22
C SER A 68 7.42 -4.08 2.50
N PHE A 69 6.13 -3.80 2.44
CA PHE A 69 5.25 -3.98 3.59
C PHE A 69 4.08 -4.89 3.24
N ARG A 70 3.38 -5.37 4.28
CA ARG A 70 2.23 -6.25 4.08
C ARG A 70 1.11 -5.90 5.05
N ILE A 71 -0.10 -6.30 4.69
CA ILE A 71 -1.27 -6.02 5.52
C ILE A 71 -1.82 -7.32 6.13
N LEU A 72 -2.29 -7.22 7.37
CA LEU A 72 -2.85 -8.38 8.06
C LEU A 72 -4.03 -7.98 8.93
N HIS A 73 -5.07 -8.80 8.92
CA HIS A 73 -6.27 -8.52 9.71
C HIS A 73 -6.20 -9.23 11.07
N LYS A 74 -6.37 -10.54 11.05
CA LYS A 74 -6.33 -11.33 12.28
C LYS A 74 -5.25 -12.41 12.19
N GLY A 75 -4.07 -12.02 11.71
CA GLY A 75 -2.97 -12.95 11.58
C GLY A 75 -2.84 -13.51 10.18
N GLU A 76 -3.73 -13.08 9.29
CA GLU A 76 -3.70 -13.54 7.90
C GLU A 76 -3.19 -12.45 6.97
N GLU A 77 -2.72 -12.86 5.80
CA GLU A 77 -2.19 -11.92 4.82
C GLU A 77 -3.24 -11.58 3.76
N LEU A 78 -3.61 -10.31 3.68
CA LEU A 78 -4.60 -9.86 2.72
C LEU A 78 -3.94 -9.37 1.44
N ALA A 79 -2.93 -8.53 1.59
CA ALA A 79 -2.20 -7.98 0.45
C ALA A 79 -0.75 -7.72 0.80
N LYS A 80 0.04 -7.37 -0.21
CA LYS A 80 1.46 -7.09 -0.01
C LYS A 80 1.96 -6.08 -1.05
N LEU A 81 2.35 -4.91 -0.59
CA LEU A 81 2.86 -3.86 -1.48
C LEU A 81 4.37 -3.66 -1.28
N GLU A 82 4.99 -2.97 -2.22
CA GLU A 82 6.42 -2.70 -2.15
C GLU A 82 6.75 -1.32 -2.72
N ALA A 83 7.42 -0.51 -1.91
CA ALA A 83 7.80 0.84 -2.32
C ALA A 83 9.09 0.83 -3.12
N LYS A 84 9.59 2.01 -3.46
CA LYS A 84 10.83 2.13 -4.22
C LYS A 84 12.02 2.39 -3.30
N SER A 85 11.80 3.21 -2.27
CA SER A 85 12.85 3.54 -1.32
C SER A 85 12.33 3.51 0.11
N SER A 86 13.24 3.46 1.07
CA SER A 86 12.85 3.42 2.47
C SER A 86 11.89 4.56 2.81
N GLU A 87 12.14 5.73 2.24
CA GLU A 87 11.29 6.88 2.47
C GLU A 87 9.87 6.64 1.96
N GLU A 88 9.78 6.10 0.74
CA GLU A 88 8.49 5.82 0.13
C GLU A 88 7.65 4.91 1.02
N MET A 89 8.22 3.77 1.42
CA MET A 89 7.52 2.82 2.27
C MET A 89 7.11 3.48 3.59
N GLY A 90 7.93 4.41 4.06
CA GLY A 90 7.64 5.09 5.31
C GLY A 90 6.45 6.03 5.18
N HIS A 91 6.22 6.53 3.97
CA HIS A 91 5.10 7.44 3.72
C HIS A 91 3.80 6.68 3.57
N TRP A 92 3.89 5.45 3.07
CA TRP A 92 2.71 4.61 2.87
C TRP A 92 2.31 3.92 4.17
N LEU A 93 3.29 3.41 4.89
CA LEU A 93 3.03 2.72 6.15
C LEU A 93 2.02 3.49 6.99
N GLY A 94 2.37 4.71 7.36
CA GLY A 94 1.48 5.53 8.17
C GLY A 94 0.21 5.90 7.43
N LEU A 95 0.33 6.12 6.12
CA LEU A 95 -0.82 6.48 5.30
C LEU A 95 -1.90 5.41 5.37
N LEU A 96 -1.48 4.15 5.29
CA LEU A 96 -2.41 3.03 5.35
C LEU A 96 -2.87 2.78 6.78
N LEU A 97 -1.92 2.70 7.70
CA LEU A 97 -2.22 2.45 9.10
C LEU A 97 -3.33 3.38 9.58
N SER A 98 -3.14 4.68 9.39
CA SER A 98 -4.13 5.67 9.80
C SER A 98 -5.53 5.27 9.34
N GLU A 99 -5.62 4.73 8.12
CA GLU A 99 -6.89 4.31 7.57
C GLU A 99 -7.36 3.01 8.22
N SER A 100 -6.45 2.05 8.33
CA SER A 100 -6.77 0.75 8.93
C SER A 100 -6.91 0.88 10.45
N GLY A 101 -8.14 0.79 10.94
CA GLY A 101 -8.38 0.89 12.37
C GLY A 101 -8.54 2.33 12.82
N SER A 102 -9.74 2.68 13.26
CA SER A 102 -10.02 4.03 13.73
C SER A 102 -9.75 4.16 15.23
N GLY A 103 -8.64 3.57 15.67
CA GLY A 103 -8.28 3.63 17.08
C GLY A 103 -6.84 4.04 17.29
N PRO A 104 -6.61 5.35 17.49
CA PRO A 104 -5.27 5.89 17.71
C PRO A 104 -4.69 5.48 19.06
N SER A 105 -5.44 4.67 19.80
CA SER A 105 -5.00 4.21 21.11
C SER A 105 -3.57 3.69 21.06
N SER A 106 -2.62 4.58 21.36
CA SER A 106 -1.21 4.21 21.34
C SER A 106 -0.74 3.77 22.73
N GLY A 107 -1.58 2.96 23.39
CA GLY A 107 -1.23 2.47 24.71
C GLY A 107 -0.62 3.55 25.58
N GLY A 1 15.29 12.57 8.39
CA GLY A 1 14.19 13.28 7.76
C GLY A 1 14.15 14.74 8.13
N SER A 2 13.71 15.58 7.19
CA SER A 2 13.64 17.02 7.42
C SER A 2 12.28 17.57 6.97
N SER A 3 11.99 18.79 7.39
CA SER A 3 10.72 19.43 7.05
C SER A 3 10.91 20.41 5.89
N GLY A 4 10.41 20.03 4.71
CA GLY A 4 10.54 20.89 3.54
C GLY A 4 9.24 20.97 2.75
N SER A 5 9.37 21.20 1.45
CA SER A 5 8.20 21.31 0.58
C SER A 5 7.87 19.96 -0.05
N SER A 6 6.58 19.61 -0.04
CA SER A 6 6.12 18.34 -0.59
C SER A 6 5.14 18.58 -1.73
N GLY A 7 4.90 17.54 -2.53
CA GLY A 7 3.97 17.66 -3.63
C GLY A 7 3.66 16.32 -4.28
N LEU A 8 2.91 15.49 -3.55
CA LEU A 8 2.54 14.17 -4.04
C LEU A 8 1.24 13.69 -3.40
N GLU A 9 0.17 13.68 -4.18
CA GLU A 9 -1.13 13.25 -3.68
C GLU A 9 -1.12 11.75 -3.37
N THR A 10 -1.93 11.35 -2.40
CA THR A 10 -2.01 9.95 -2.00
C THR A 10 -1.82 9.03 -3.20
N SER A 11 -2.56 9.29 -4.28
CA SER A 11 -2.47 8.49 -5.49
C SER A 11 -1.03 8.39 -5.97
N SER A 12 -0.55 7.16 -6.13
CA SER A 12 0.81 6.93 -6.58
C SER A 12 0.97 5.50 -7.14
N TYR A 13 2.08 5.26 -7.82
CA TYR A 13 2.35 3.96 -8.40
C TYR A 13 3.16 3.09 -7.45
N LEU A 14 2.58 1.97 -7.02
CA LEU A 14 3.25 1.06 -6.11
C LEU A 14 3.35 -0.34 -6.71
N ASN A 15 4.11 -1.21 -6.07
CA ASN A 15 4.29 -2.58 -6.54
C ASN A 15 3.45 -3.55 -5.70
N VAL A 16 2.38 -4.06 -6.31
CA VAL A 16 1.50 -5.01 -5.62
C VAL A 16 1.93 -6.44 -5.89
N LEU A 17 2.28 -7.15 -4.81
CA LEU A 17 2.73 -8.54 -4.92
C LEU A 17 1.70 -9.37 -5.69
N VAL A 18 2.19 -10.25 -6.55
CA VAL A 18 1.33 -11.11 -7.34
C VAL A 18 1.92 -12.50 -7.49
N ASN A 19 1.34 -13.47 -6.77
CA ASN A 19 1.81 -14.84 -6.82
C ASN A 19 3.31 -14.92 -6.57
N SER A 20 3.76 -14.30 -5.49
CA SER A 20 5.18 -14.28 -5.13
C SER A 20 5.99 -13.56 -6.20
N GLN A 21 5.40 -12.52 -6.79
CA GLN A 21 6.07 -11.75 -7.82
C GLN A 21 5.61 -10.29 -7.80
N TRP A 22 6.56 -9.39 -7.67
CA TRP A 22 6.25 -7.95 -7.63
C TRP A 22 5.89 -7.45 -9.02
N LYS A 23 4.62 -7.12 -9.22
CA LYS A 23 4.14 -6.61 -10.50
C LYS A 23 3.64 -5.19 -10.37
N SER A 24 4.21 -4.29 -11.17
CA SER A 24 3.82 -2.88 -11.15
C SER A 24 2.29 -2.74 -11.26
N ARG A 25 1.70 -2.13 -10.24
CA ARG A 25 0.25 -1.92 -10.22
C ARG A 25 -0.11 -0.59 -9.56
N TRP A 26 -1.19 0.02 -10.03
CA TRP A 26 -1.64 1.30 -9.48
C TRP A 26 -2.38 1.10 -8.16
N CYS A 27 -2.12 1.97 -7.20
CA CYS A 27 -2.78 1.89 -5.90
C CYS A 27 -3.32 3.25 -5.48
N SER A 28 -4.61 3.29 -5.13
CA SER A 28 -5.25 4.53 -4.72
C SER A 28 -6.09 4.30 -3.47
N VAL A 29 -5.89 5.16 -2.46
CA VAL A 29 -6.63 5.06 -1.21
C VAL A 29 -7.72 6.12 -1.13
N ARG A 30 -8.93 5.70 -0.79
CA ARG A 30 -10.06 6.61 -0.67
C ARG A 30 -11.08 6.09 0.33
N ASP A 31 -11.65 7.01 1.11
CA ASP A 31 -12.64 6.65 2.11
C ASP A 31 -12.18 5.46 2.94
N ASN A 32 -10.88 5.45 3.27
CA ASN A 32 -10.31 4.37 4.06
C ASN A 32 -10.41 3.03 3.31
N HIS A 33 -10.01 3.04 2.05
CA HIS A 33 -10.06 1.84 1.22
C HIS A 33 -8.99 1.89 0.13
N LEU A 34 -8.26 0.79 -0.02
CA LEU A 34 -7.20 0.70 -1.02
C LEU A 34 -7.70 0.01 -2.28
N HIS A 35 -7.77 0.75 -3.37
CA HIS A 35 -8.22 0.20 -4.65
C HIS A 35 -7.04 -0.13 -5.55
N PHE A 36 -7.32 -0.83 -6.65
CA PHE A 36 -6.29 -1.22 -7.59
C PHE A 36 -6.71 -0.91 -9.03
N TYR A 37 -5.76 -0.45 -9.83
CA TYR A 37 -6.04 -0.11 -11.22
C TYR A 37 -4.89 -0.54 -12.13
N GLN A 38 -5.10 -0.47 -13.44
CA GLN A 38 -4.08 -0.85 -14.40
C GLN A 38 -3.52 0.37 -15.12
N ASP A 39 -3.43 1.48 -14.39
CA ASP A 39 -2.91 2.73 -14.95
C ASP A 39 -3.86 3.28 -16.01
N ARG A 40 -5.15 3.18 -15.74
CA ARG A 40 -6.16 3.67 -16.67
C ARG A 40 -6.90 4.88 -16.09
N ASN A 41 -6.14 5.76 -15.45
CA ASN A 41 -6.71 6.96 -14.84
C ASN A 41 -7.89 6.60 -13.95
N ARG A 42 -7.75 5.52 -13.19
CA ARG A 42 -8.80 5.07 -12.29
C ARG A 42 -10.09 4.76 -13.06
N SER A 43 -9.95 4.10 -14.20
CA SER A 43 -11.09 3.76 -15.03
C SER A 43 -11.19 2.26 -15.23
N LYS A 44 -10.05 1.62 -15.48
CA LYS A 44 -10.00 0.18 -15.69
C LYS A 44 -9.37 -0.53 -14.49
N VAL A 45 -10.14 -0.63 -13.40
CA VAL A 45 -9.65 -1.29 -12.19
C VAL A 45 -9.04 -2.64 -12.51
N ALA A 46 -7.98 -3.00 -11.79
CA ALA A 46 -7.30 -4.27 -11.99
C ALA A 46 -7.75 -5.30 -10.96
N GLN A 47 -8.08 -4.84 -9.76
CA GLN A 47 -8.53 -5.73 -8.70
C GLN A 47 -9.54 -5.02 -7.81
N GLN A 48 -10.28 -5.81 -7.02
CA GLN A 48 -11.29 -5.26 -6.12
C GLN A 48 -10.65 -4.37 -5.07
N PRO A 49 -11.47 -3.50 -4.45
CA PRO A 49 -11.00 -2.58 -3.42
C PRO A 49 -10.64 -3.30 -2.12
N LEU A 50 -9.87 -2.61 -1.27
CA LEU A 50 -9.46 -3.19 0.00
C LEU A 50 -9.97 -2.35 1.18
N SER A 51 -10.53 -3.02 2.17
CA SER A 51 -11.07 -2.35 3.35
C SER A 51 -10.00 -2.20 4.42
N LEU A 52 -9.14 -1.19 4.26
CA LEU A 52 -8.07 -0.94 5.21
C LEU A 52 -8.62 -0.87 6.64
N VAL A 53 -9.76 -0.21 6.80
CA VAL A 53 -10.38 -0.07 8.11
C VAL A 53 -10.41 -1.41 8.84
N GLY A 54 -9.54 -1.54 9.85
CA GLY A 54 -9.48 -2.77 10.62
C GLY A 54 -8.19 -3.53 10.39
N CYS A 55 -7.67 -3.47 9.17
CA CYS A 55 -6.43 -4.15 8.84
C CYS A 55 -5.24 -3.53 9.55
N GLU A 56 -4.08 -4.14 9.41
CA GLU A 56 -2.87 -3.64 10.05
C GLU A 56 -1.67 -3.73 9.10
N VAL A 57 -1.01 -2.60 8.88
CA VAL A 57 0.15 -2.55 8.00
C VAL A 57 1.43 -2.83 8.77
N VAL A 58 2.19 -3.83 8.29
CA VAL A 58 3.44 -4.21 8.93
C VAL A 58 4.59 -4.23 7.92
N PRO A 59 5.73 -3.67 8.31
CA PRO A 59 6.92 -3.62 7.45
C PRO A 59 7.55 -4.99 7.26
N ASP A 60 7.12 -5.68 6.20
CA ASP A 60 7.65 -7.00 5.89
C ASP A 60 8.57 -6.96 4.69
N PRO A 61 9.80 -6.46 4.89
CA PRO A 61 10.81 -6.34 3.83
C PRO A 61 11.33 -7.70 3.37
N SER A 62 12.17 -7.70 2.35
CA SER A 62 12.75 -8.93 1.83
C SER A 62 14.24 -8.77 1.56
N PRO A 63 14.91 -9.91 1.33
CA PRO A 63 16.36 -9.92 1.06
C PRO A 63 16.69 -9.31 -0.31
N ASP A 64 15.68 -8.79 -0.99
CA ASP A 64 15.87 -8.19 -2.30
C ASP A 64 15.30 -6.78 -2.33
N HIS A 65 14.60 -6.40 -1.27
CA HIS A 65 14.00 -5.08 -1.18
C HIS A 65 13.50 -4.80 0.24
N LEU A 66 14.23 -3.95 0.96
CA LEU A 66 13.86 -3.61 2.33
C LEU A 66 12.83 -2.49 2.35
N TYR A 67 11.97 -2.46 1.33
CA TYR A 67 10.95 -1.44 1.23
C TYR A 67 9.59 -2.06 0.88
N SER A 68 9.42 -3.32 1.26
CA SER A 68 8.17 -4.03 0.99
C SER A 68 7.35 -4.19 2.26
N PHE A 69 6.09 -3.78 2.19
CA PHE A 69 5.19 -3.88 3.35
C PHE A 69 3.93 -4.67 2.99
N ARG A 70 3.28 -5.23 4.00
CA ARG A 70 2.06 -6.01 3.79
C ARG A 70 1.05 -5.74 4.90
N ILE A 71 -0.22 -5.97 4.60
CA ILE A 71 -1.28 -5.75 5.57
C ILE A 71 -1.81 -7.08 6.11
N LEU A 72 -2.36 -7.04 7.33
CA LEU A 72 -2.90 -8.23 7.96
C LEU A 72 -4.21 -7.93 8.67
N HIS A 73 -5.08 -8.92 8.77
CA HIS A 73 -6.37 -8.75 9.45
C HIS A 73 -6.54 -9.79 10.55
N LYS A 74 -5.98 -9.50 11.72
CA LYS A 74 -6.07 -10.40 12.87
C LYS A 74 -5.15 -11.60 12.69
N GLY A 75 -4.06 -11.39 11.96
CA GLY A 75 -3.11 -12.47 11.73
C GLY A 75 -3.22 -13.05 10.34
N GLU A 76 -4.25 -12.64 9.61
CA GLU A 76 -4.47 -13.14 8.25
C GLU A 76 -3.81 -12.22 7.22
N GLU A 77 -3.55 -12.76 6.04
CA GLU A 77 -2.92 -11.98 4.97
C GLU A 77 -3.98 -11.35 4.07
N LEU A 78 -3.82 -10.05 3.79
CA LEU A 78 -4.76 -9.34 2.95
C LEU A 78 -4.11 -8.94 1.62
N ALA A 79 -2.92 -8.35 1.72
CA ALA A 79 -2.19 -7.93 0.53
C ALA A 79 -0.73 -7.62 0.86
N LYS A 80 0.04 -7.25 -0.15
CA LYS A 80 1.45 -6.93 0.03
C LYS A 80 1.93 -5.95 -1.04
N LEU A 81 2.36 -4.77 -0.61
CA LEU A 81 2.85 -3.75 -1.53
C LEU A 81 4.35 -3.53 -1.36
N GLU A 82 4.94 -2.77 -2.27
CA GLU A 82 6.37 -2.48 -2.22
C GLU A 82 6.65 -1.07 -2.73
N ALA A 83 7.59 -0.39 -2.08
CA ALA A 83 7.96 0.96 -2.45
C ALA A 83 9.25 0.97 -3.27
N LYS A 84 9.74 2.16 -3.59
CA LYS A 84 10.97 2.32 -4.36
C LYS A 84 12.15 2.60 -3.45
N SER A 85 11.89 3.25 -2.34
CA SER A 85 12.93 3.60 -1.38
C SER A 85 12.42 3.51 0.05
N SER A 86 13.34 3.44 1.01
CA SER A 86 12.98 3.34 2.41
C SER A 86 12.04 4.48 2.81
N GLU A 87 12.27 5.65 2.25
CA GLU A 87 11.44 6.82 2.55
C GLU A 87 10.02 6.61 2.03
N GLU A 88 9.90 6.10 0.81
CA GLU A 88 8.60 5.87 0.20
C GLU A 88 7.75 4.94 1.08
N MET A 89 8.31 3.78 1.42
CA MET A 89 7.62 2.81 2.25
C MET A 89 7.19 3.44 3.58
N GLY A 90 7.99 4.38 4.07
CA GLY A 90 7.68 5.04 5.31
C GLY A 90 6.47 5.95 5.21
N HIS A 91 6.19 6.43 4.01
CA HIS A 91 5.04 7.30 3.79
C HIS A 91 3.75 6.50 3.67
N TRP A 92 3.87 5.26 3.18
CA TRP A 92 2.71 4.40 3.02
C TRP A 92 2.41 3.65 4.31
N LEU A 93 3.46 3.26 5.03
CA LEU A 93 3.31 2.53 6.29
C LEU A 93 2.32 3.25 7.21
N GLY A 94 2.67 4.47 7.61
CA GLY A 94 1.80 5.24 8.48
C GLY A 94 0.49 5.61 7.82
N LEU A 95 0.54 5.86 6.52
CA LEU A 95 -0.65 6.24 5.76
C LEU A 95 -1.71 5.14 5.84
N LEU A 96 -1.30 3.91 5.59
CA LEU A 96 -2.22 2.77 5.65
C LEU A 96 -2.64 2.48 7.08
N LEU A 97 -1.71 2.64 8.01
CA LEU A 97 -1.99 2.39 9.42
C LEU A 97 -3.16 3.24 9.91
N SER A 98 -3.10 4.54 9.62
CA SER A 98 -4.16 5.45 10.03
C SER A 98 -5.45 5.16 9.28
N GLU A 99 -5.33 4.91 7.98
CA GLU A 99 -6.49 4.62 7.14
C GLU A 99 -7.16 3.32 7.59
N SER A 100 -6.36 2.41 8.12
CA SER A 100 -6.89 1.12 8.59
C SER A 100 -7.37 1.22 10.03
N GLY A 101 -8.08 2.31 10.34
CA GLY A 101 -8.59 2.49 11.69
C GLY A 101 -7.57 2.15 12.74
N SER A 102 -6.50 2.93 12.82
CA SER A 102 -5.44 2.70 13.79
C SER A 102 -6.00 2.73 15.21
N GLY A 103 -6.55 3.88 15.60
CA GLY A 103 -7.10 4.02 16.94
C GLY A 103 -6.07 4.47 17.96
N PRO A 104 -5.76 3.59 18.92
CA PRO A 104 -4.78 3.88 19.97
C PRO A 104 -3.36 3.95 19.43
N SER A 105 -2.73 5.13 19.56
CA SER A 105 -1.37 5.32 19.09
C SER A 105 -0.40 5.42 20.26
N SER A 106 -0.60 6.43 21.10
CA SER A 106 0.27 6.64 22.25
C SER A 106 0.11 5.50 23.26
N GLY A 107 1.21 5.15 23.91
CA GLY A 107 1.19 4.07 24.89
C GLY A 107 2.06 2.91 24.50
N GLY A 1 14.99 8.48 -8.97
CA GLY A 1 14.14 8.51 -10.15
C GLY A 1 14.10 9.87 -10.81
N SER A 2 14.00 9.89 -12.12
CA SER A 2 13.95 11.14 -12.87
C SER A 2 12.55 11.74 -12.84
N SER A 3 11.92 11.72 -11.67
CA SER A 3 10.57 12.26 -11.51
C SER A 3 10.58 13.46 -10.56
N GLY A 4 10.03 14.57 -11.04
CA GLY A 4 9.98 15.77 -10.22
C GLY A 4 8.91 15.70 -9.14
N SER A 5 8.49 16.86 -8.64
CA SER A 5 7.47 16.93 -7.61
C SER A 5 6.20 17.57 -8.14
N SER A 6 5.82 17.22 -9.35
CA SER A 6 4.62 17.76 -9.98
C SER A 6 3.45 17.75 -9.00
N GLY A 7 3.21 16.60 -8.39
CA GLY A 7 2.12 16.48 -7.44
C GLY A 7 1.85 15.04 -7.03
N LEU A 8 2.22 14.70 -5.81
CA LEU A 8 2.02 13.34 -5.32
C LEU A 8 1.10 13.34 -4.09
N GLU A 9 -0.20 13.16 -4.32
CA GLU A 9 -1.17 13.14 -3.25
C GLU A 9 -1.73 11.74 -3.05
N THR A 10 -1.28 11.08 -1.97
CA THR A 10 -1.73 9.74 -1.67
C THR A 10 -1.89 8.89 -2.93
N SER A 11 -0.99 9.12 -3.89
CA SER A 11 -1.03 8.39 -5.16
C SER A 11 0.37 8.21 -5.72
N SER A 12 0.78 6.95 -5.88
CA SER A 12 2.11 6.64 -6.41
C SER A 12 2.16 5.21 -6.93
N TYR A 13 3.06 4.97 -7.88
CA TYR A 13 3.21 3.63 -8.46
C TYR A 13 3.87 2.68 -7.47
N LEU A 14 3.05 1.83 -6.85
CA LEU A 14 3.56 0.86 -5.89
C LEU A 14 3.58 -0.54 -6.48
N ASN A 15 4.41 -1.42 -5.91
CA ASN A 15 4.52 -2.78 -6.38
C ASN A 15 3.60 -3.71 -5.60
N VAL A 16 2.54 -4.18 -6.25
CA VAL A 16 1.58 -5.08 -5.61
C VAL A 16 1.93 -6.53 -5.89
N LEU A 17 2.32 -7.25 -4.85
CA LEU A 17 2.68 -8.66 -4.98
C LEU A 17 1.51 -9.48 -5.52
N VAL A 18 1.77 -10.28 -6.53
CA VAL A 18 0.74 -11.12 -7.13
C VAL A 18 1.30 -12.48 -7.54
N ASN A 19 0.68 -13.54 -7.04
CA ASN A 19 1.12 -14.90 -7.35
C ASN A 19 2.63 -15.03 -7.20
N SER A 20 3.15 -14.52 -6.08
CA SER A 20 4.58 -14.59 -5.82
C SER A 20 5.37 -13.86 -6.91
N GLN A 21 4.84 -12.73 -7.35
CA GLN A 21 5.50 -11.94 -8.39
C GLN A 21 5.22 -10.45 -8.20
N TRP A 22 6.28 -9.65 -8.29
CA TRP A 22 6.16 -8.21 -8.12
C TRP A 22 5.86 -7.53 -9.45
N LYS A 23 4.61 -7.14 -9.65
CA LYS A 23 4.19 -6.48 -10.89
C LYS A 23 3.66 -5.08 -10.61
N SER A 24 4.21 -4.09 -11.30
CA SER A 24 3.78 -2.71 -11.11
C SER A 24 2.26 -2.59 -11.17
N ARG A 25 1.69 -1.94 -10.16
CA ARG A 25 0.25 -1.75 -10.09
C ARG A 25 -0.11 -0.44 -9.41
N TRP A 26 -1.23 0.14 -9.81
CA TRP A 26 -1.68 1.41 -9.24
C TRP A 26 -2.47 1.18 -7.96
N CYS A 27 -2.16 1.97 -6.93
CA CYS A 27 -2.85 1.86 -5.66
C CYS A 27 -3.43 3.20 -5.22
N SER A 28 -4.72 3.19 -4.88
CA SER A 28 -5.40 4.40 -4.46
C SER A 28 -6.13 4.19 -3.15
N VAL A 29 -5.78 4.98 -2.14
CA VAL A 29 -6.40 4.87 -0.82
C VAL A 29 -7.44 5.96 -0.62
N ARG A 30 -8.66 5.57 -0.29
CA ARG A 30 -9.75 6.51 -0.07
C ARG A 30 -10.90 5.85 0.69
N ASP A 31 -11.66 6.65 1.42
CA ASP A 31 -12.80 6.15 2.18
C ASP A 31 -12.39 4.92 3.00
N ASN A 32 -11.16 4.91 3.49
CA ASN A 32 -10.66 3.78 4.27
C ASN A 32 -10.67 2.50 3.46
N HIS A 33 -10.28 2.60 2.20
CA HIS A 33 -10.24 1.45 1.31
C HIS A 33 -9.13 1.59 0.27
N LEU A 34 -8.39 0.50 0.04
CA LEU A 34 -7.30 0.51 -0.92
C LEU A 34 -7.73 -0.13 -2.23
N HIS A 35 -8.00 0.70 -3.23
CA HIS A 35 -8.42 0.21 -4.55
C HIS A 35 -7.21 -0.09 -5.43
N PHE A 36 -7.45 -0.79 -6.52
CA PHE A 36 -6.38 -1.16 -7.45
C PHE A 36 -6.76 -0.80 -8.88
N TYR A 37 -5.80 -0.29 -9.64
CA TYR A 37 -6.03 0.09 -11.03
C TYR A 37 -4.85 -0.30 -11.91
N GLN A 38 -5.06 -0.26 -13.22
CA GLN A 38 -4.01 -0.62 -14.17
C GLN A 38 -3.50 0.62 -14.90
N ASP A 39 -2.98 1.58 -14.14
CA ASP A 39 -2.46 2.82 -14.72
C ASP A 39 -3.29 3.25 -15.92
N ARG A 40 -4.61 3.12 -15.80
CA ARG A 40 -5.51 3.49 -16.89
C ARG A 40 -6.34 4.71 -16.50
N ASN A 41 -5.71 5.67 -15.82
CA ASN A 41 -6.40 6.88 -15.39
C ASN A 41 -7.56 6.54 -14.46
N ARG A 42 -7.34 5.59 -13.56
CA ARG A 42 -8.38 5.18 -12.62
C ARG A 42 -9.68 4.86 -13.34
N SER A 43 -9.57 4.19 -14.49
CA SER A 43 -10.74 3.83 -15.28
C SER A 43 -11.12 2.36 -15.06
N LYS A 44 -10.20 1.48 -15.43
CA LYS A 44 -10.43 0.04 -15.28
C LYS A 44 -9.82 -0.47 -13.97
N VAL A 45 -10.67 -0.89 -13.05
CA VAL A 45 -10.22 -1.40 -11.76
C VAL A 45 -9.52 -2.75 -11.93
N ALA A 46 -8.28 -2.82 -11.47
CA ALA A 46 -7.51 -4.05 -11.56
C ALA A 46 -8.24 -5.21 -10.90
N GLN A 47 -8.79 -4.97 -9.72
CA GLN A 47 -9.53 -5.99 -8.99
C GLN A 47 -10.26 -5.39 -7.79
N GLN A 48 -11.17 -6.17 -7.20
CA GLN A 48 -11.93 -5.72 -6.06
C GLN A 48 -11.07 -4.88 -5.12
N PRO A 49 -11.66 -3.80 -4.58
CA PRO A 49 -10.96 -2.90 -3.66
C PRO A 49 -10.67 -3.55 -2.31
N LEU A 50 -9.89 -2.86 -1.48
CA LEU A 50 -9.54 -3.37 -0.16
C LEU A 50 -10.14 -2.52 0.94
N SER A 51 -10.50 -3.15 2.05
CA SER A 51 -11.10 -2.43 3.18
C SER A 51 -10.08 -2.19 4.28
N LEU A 52 -9.07 -1.37 3.97
CA LEU A 52 -8.03 -1.06 4.93
C LEU A 52 -8.60 -0.90 6.33
N VAL A 53 -9.83 -0.44 6.41
CA VAL A 53 -10.50 -0.24 7.70
C VAL A 53 -10.49 -1.52 8.52
N GLY A 54 -9.59 -1.57 9.50
CA GLY A 54 -9.48 -2.74 10.35
C GLY A 54 -8.16 -3.48 10.18
N CYS A 55 -7.67 -3.52 8.94
CA CYS A 55 -6.41 -4.20 8.65
C CYS A 55 -5.25 -3.50 9.36
N GLU A 56 -4.05 -4.07 9.20
CA GLU A 56 -2.86 -3.51 9.83
C GLU A 56 -1.64 -3.67 8.93
N VAL A 57 -1.01 -2.54 8.59
CA VAL A 57 0.16 -2.56 7.73
C VAL A 57 1.44 -2.71 8.55
N VAL A 58 2.26 -3.68 8.19
CA VAL A 58 3.52 -3.93 8.89
C VAL A 58 4.68 -4.01 7.92
N PRO A 59 5.83 -3.43 8.31
CA PRO A 59 7.04 -3.43 7.49
C PRO A 59 7.66 -4.82 7.37
N ASP A 60 7.26 -5.56 6.34
CA ASP A 60 7.78 -6.91 6.11
C ASP A 60 8.74 -6.93 4.93
N PRO A 61 9.97 -6.45 5.15
CA PRO A 61 11.00 -6.39 4.11
C PRO A 61 11.50 -7.78 3.73
N SER A 62 12.40 -7.83 2.75
CA SER A 62 12.96 -9.10 2.29
C SER A 62 14.41 -8.94 1.88
N PRO A 63 15.10 -10.07 1.66
CA PRO A 63 16.50 -10.08 1.26
C PRO A 63 16.72 -9.54 -0.15
N ASP A 64 15.64 -9.06 -0.77
CA ASP A 64 15.71 -8.52 -2.12
C ASP A 64 15.16 -7.10 -2.17
N HIS A 65 14.35 -6.75 -1.16
CA HIS A 65 13.76 -5.42 -1.09
C HIS A 65 13.42 -5.05 0.36
N LEU A 66 14.23 -4.19 0.94
CA LEU A 66 14.03 -3.75 2.32
C LEU A 66 12.96 -2.67 2.40
N TYR A 67 12.21 -2.51 1.31
CA TYR A 67 11.15 -1.50 1.25
C TYR A 67 9.82 -2.15 0.85
N SER A 68 9.54 -3.32 1.41
CA SER A 68 8.31 -4.02 1.11
C SER A 68 7.45 -4.20 2.37
N PHE A 69 6.21 -3.72 2.31
CA PHE A 69 5.30 -3.83 3.44
C PHE A 69 4.06 -4.63 3.07
N ARG A 70 3.41 -5.20 4.08
CA ARG A 70 2.21 -5.99 3.86
C ARG A 70 1.13 -5.65 4.89
N ILE A 71 -0.11 -5.94 4.54
CA ILE A 71 -1.23 -5.66 5.44
C ILE A 71 -1.80 -6.95 6.02
N LEU A 72 -2.31 -6.86 7.25
CA LEU A 72 -2.88 -8.01 7.92
C LEU A 72 -4.13 -7.62 8.71
N HIS A 73 -5.15 -8.48 8.67
CA HIS A 73 -6.40 -8.23 9.37
C HIS A 73 -6.65 -9.29 10.43
N LYS A 74 -6.10 -9.08 11.62
CA LYS A 74 -6.27 -10.02 12.72
C LYS A 74 -5.40 -11.26 12.52
N GLY A 75 -4.18 -11.05 12.00
CA GLY A 75 -3.27 -12.15 11.77
C GLY A 75 -3.45 -12.76 10.39
N GLU A 76 -4.46 -12.30 9.67
CA GLU A 76 -4.74 -12.81 8.33
C GLU A 76 -4.05 -11.96 7.27
N GLU A 77 -3.73 -12.57 6.14
CA GLU A 77 -3.05 -11.88 5.05
C GLU A 77 -4.07 -11.18 4.15
N LEU A 78 -3.90 -9.87 3.98
CA LEU A 78 -4.79 -9.08 3.14
C LEU A 78 -4.14 -8.75 1.81
N ALA A 79 -2.93 -8.22 1.86
CA ALA A 79 -2.20 -7.87 0.65
C ALA A 79 -0.72 -7.58 0.96
N LYS A 80 0.05 -7.30 -0.08
CA LYS A 80 1.47 -7.00 0.09
C LYS A 80 1.93 -5.98 -0.95
N LEU A 81 2.37 -4.81 -0.47
CA LEU A 81 2.83 -3.76 -1.34
C LEU A 81 4.34 -3.53 -1.18
N GLU A 82 4.95 -2.87 -2.16
CA GLU A 82 6.38 -2.59 -2.12
C GLU A 82 6.68 -1.20 -2.65
N ALA A 83 7.54 -0.47 -1.95
CA ALA A 83 7.92 0.88 -2.34
C ALA A 83 9.21 0.87 -3.15
N LYS A 84 9.71 2.06 -3.47
CA LYS A 84 10.93 2.20 -4.25
C LYS A 84 12.12 2.47 -3.34
N SER A 85 11.88 3.23 -2.27
CA SER A 85 12.93 3.57 -1.32
C SER A 85 12.41 3.51 0.12
N SER A 86 13.33 3.31 1.06
CA SER A 86 12.96 3.23 2.48
C SER A 86 12.02 4.36 2.86
N GLU A 87 12.30 5.55 2.36
CA GLU A 87 11.47 6.72 2.65
C GLU A 87 10.06 6.54 2.13
N GLU A 88 9.95 6.04 0.90
CA GLU A 88 8.65 5.81 0.27
C GLU A 88 7.78 4.89 1.14
N MET A 89 8.34 3.74 1.51
CA MET A 89 7.62 2.79 2.34
C MET A 89 7.23 3.41 3.68
N GLY A 90 8.08 4.30 4.18
CA GLY A 90 7.81 4.94 5.45
C GLY A 90 6.61 5.87 5.38
N HIS A 91 6.35 6.41 4.20
CA HIS A 91 5.23 7.32 4.01
C HIS A 91 3.92 6.54 3.86
N TRP A 92 4.01 5.34 3.31
CA TRP A 92 2.83 4.50 3.12
C TRP A 92 2.45 3.80 4.41
N LEU A 93 3.44 3.28 5.12
CA LEU A 93 3.21 2.59 6.38
C LEU A 93 2.21 3.36 7.24
N GLY A 94 2.54 4.61 7.54
CA GLY A 94 1.66 5.43 8.36
C GLY A 94 0.38 5.80 7.65
N LEU A 95 0.47 6.00 6.33
CA LEU A 95 -0.70 6.35 5.54
C LEU A 95 -1.78 5.27 5.63
N LEU A 96 -1.41 4.05 5.30
CA LEU A 96 -2.35 2.93 5.36
C LEU A 96 -2.83 2.70 6.79
N LEU A 97 -1.91 2.76 7.74
CA LEU A 97 -2.25 2.56 9.14
C LEU A 97 -3.32 3.56 9.60
N SER A 98 -3.07 4.84 9.31
CA SER A 98 -4.01 5.88 9.69
C SER A 98 -5.42 5.56 9.23
N GLU A 99 -5.54 5.08 7.98
CA GLU A 99 -6.83 4.73 7.43
C GLU A 99 -7.37 3.46 8.08
N SER A 100 -6.53 2.44 8.18
CA SER A 100 -6.92 1.17 8.79
C SER A 100 -7.08 1.32 10.30
N GLY A 101 -8.32 1.58 10.73
CA GLY A 101 -8.59 1.73 12.15
C GLY A 101 -10.02 2.15 12.43
N SER A 102 -10.78 1.27 13.08
CA SER A 102 -12.17 1.55 13.40
C SER A 102 -12.27 2.53 14.55
N GLY A 103 -12.56 3.79 14.23
CA GLY A 103 -12.68 4.81 15.25
C GLY A 103 -11.36 5.49 15.56
N PRO A 104 -11.25 6.09 16.75
CA PRO A 104 -10.03 6.78 17.19
C PRO A 104 -8.88 5.82 17.46
N SER A 105 -7.69 6.37 17.65
CA SER A 105 -6.51 5.56 17.92
C SER A 105 -6.26 5.44 19.41
N SER A 106 -6.36 6.56 20.12
CA SER A 106 -6.16 6.58 21.57
C SER A 106 -7.48 6.53 22.31
N GLY A 107 -7.52 5.74 23.39
CA GLY A 107 -8.72 5.63 24.17
C GLY A 107 -8.49 4.95 25.51
N GLY A 1 24.32 7.86 -6.45
CA GLY A 1 23.05 7.78 -5.77
C GLY A 1 21.93 8.47 -6.53
N SER A 2 20.85 7.75 -6.78
CA SER A 2 19.71 8.29 -7.51
C SER A 2 19.37 9.69 -7.01
N SER A 3 18.91 10.54 -7.92
CA SER A 3 18.54 11.91 -7.56
C SER A 3 17.11 12.23 -8.00
N GLY A 4 16.22 11.27 -7.78
CA GLY A 4 14.83 11.46 -8.15
C GLY A 4 14.07 12.35 -7.18
N SER A 5 12.99 12.95 -7.65
CA SER A 5 12.18 13.84 -6.81
C SER A 5 10.77 13.30 -6.66
N SER A 6 10.36 13.05 -5.42
CA SER A 6 9.03 12.53 -5.14
C SER A 6 8.57 12.92 -3.75
N GLY A 7 7.27 12.84 -3.51
CA GLY A 7 6.72 13.19 -2.21
C GLY A 7 5.33 13.77 -2.30
N LEU A 8 4.38 12.96 -2.74
CA LEU A 8 2.99 13.39 -2.88
C LEU A 8 2.13 12.79 -1.77
N GLU A 9 0.82 13.07 -1.83
CA GLU A 9 -0.11 12.56 -0.83
C GLU A 9 -0.32 11.06 -1.01
N THR A 10 -0.79 10.66 -2.19
CA THR A 10 -1.03 9.26 -2.48
C THR A 10 -1.22 9.03 -3.98
N SER A 11 -1.52 7.79 -4.34
CA SER A 11 -1.73 7.44 -5.74
C SER A 11 -0.40 7.39 -6.49
N SER A 12 0.56 6.67 -5.94
CA SER A 12 1.87 6.54 -6.55
C SER A 12 2.14 5.10 -6.97
N TYR A 13 2.67 4.93 -8.18
CA TYR A 13 2.97 3.60 -8.69
C TYR A 13 3.65 2.74 -7.63
N LEU A 14 2.94 1.74 -7.14
CA LEU A 14 3.48 0.85 -6.12
C LEU A 14 3.66 -0.56 -6.67
N ASN A 15 4.32 -1.41 -5.89
CA ASN A 15 4.55 -2.80 -6.29
C ASN A 15 3.63 -3.75 -5.55
N VAL A 16 2.65 -4.30 -6.27
CA VAL A 16 1.70 -5.23 -5.67
C VAL A 16 2.07 -6.67 -5.98
N LEU A 17 2.47 -7.41 -4.95
CA LEU A 17 2.86 -8.80 -5.11
C LEU A 17 1.68 -9.65 -5.57
N VAL A 18 1.91 -10.48 -6.59
CA VAL A 18 0.87 -11.34 -7.12
C VAL A 18 1.26 -12.80 -7.02
N ASN A 19 2.12 -13.25 -7.93
CA ASN A 19 2.57 -14.63 -7.95
C ASN A 19 4.05 -14.72 -7.59
N SER A 20 4.37 -14.45 -6.33
CA SER A 20 5.75 -14.49 -5.86
C SER A 20 6.60 -13.47 -6.59
N GLN A 21 5.96 -12.41 -7.09
CA GLN A 21 6.66 -11.36 -7.81
C GLN A 21 5.93 -10.02 -7.67
N TRP A 22 6.65 -8.93 -7.89
CA TRP A 22 6.07 -7.60 -7.80
C TRP A 22 5.62 -7.10 -9.16
N LYS A 23 4.32 -7.00 -9.36
CA LYS A 23 3.77 -6.53 -10.63
C LYS A 23 3.39 -5.05 -10.55
N SER A 24 3.75 -4.29 -11.57
CA SER A 24 3.46 -2.87 -11.60
C SER A 24 1.95 -2.62 -11.60
N ARG A 25 1.41 -2.32 -10.42
CA ARG A 25 -0.02 -2.06 -10.27
C ARG A 25 -0.26 -0.70 -9.63
N TRP A 26 -1.38 -0.08 -9.99
CA TRP A 26 -1.73 1.23 -9.44
C TRP A 26 -2.39 1.09 -8.07
N CYS A 27 -2.28 2.13 -7.26
CA CYS A 27 -2.87 2.13 -5.92
C CYS A 27 -3.60 3.43 -5.64
N SER A 28 -4.73 3.33 -4.95
CA SER A 28 -5.53 4.51 -4.62
C SER A 28 -6.18 4.36 -3.25
N VAL A 29 -5.85 5.27 -2.34
CA VAL A 29 -6.41 5.24 -0.99
C VAL A 29 -7.47 6.31 -0.81
N ARG A 30 -8.69 5.90 -0.55
CA ARG A 30 -9.81 6.83 -0.34
C ARG A 30 -11.02 6.11 0.25
N ASP A 31 -11.72 6.80 1.13
CA ASP A 31 -12.91 6.24 1.78
C ASP A 31 -12.53 5.05 2.65
N ASN A 32 -11.35 5.10 3.24
CA ASN A 32 -10.86 4.02 4.10
C ASN A 32 -10.81 2.70 3.33
N HIS A 33 -10.39 2.77 2.07
CA HIS A 33 -10.29 1.58 1.22
C HIS A 33 -9.17 1.75 0.19
N LEU A 34 -8.36 0.71 0.05
CA LEU A 34 -7.25 0.74 -0.90
C LEU A 34 -7.65 0.07 -2.21
N HIS A 35 -7.90 0.90 -3.23
CA HIS A 35 -8.29 0.39 -4.54
C HIS A 35 -7.07 0.08 -5.39
N PHE A 36 -7.28 -0.66 -6.48
CA PHE A 36 -6.18 -1.02 -7.37
C PHE A 36 -6.58 -0.82 -8.83
N TYR A 37 -5.72 -0.16 -9.59
CA TYR A 37 -5.99 0.10 -11.00
C TYR A 37 -4.80 -0.31 -11.86
N GLN A 38 -5.03 -0.44 -13.16
CA GLN A 38 -3.98 -0.83 -14.09
C GLN A 38 -3.28 0.40 -14.66
N ASP A 39 -4.05 1.41 -15.04
CA ASP A 39 -3.51 2.64 -15.60
C ASP A 39 -4.03 3.86 -14.84
N ARG A 40 -3.35 4.98 -15.01
CA ARG A 40 -3.74 6.22 -14.34
C ARG A 40 -5.22 6.52 -14.60
N ASN A 41 -5.65 6.33 -15.84
CA ASN A 41 -7.04 6.59 -16.21
C ASN A 41 -7.96 5.52 -15.63
N ARG A 42 -8.14 5.54 -14.32
CA ARG A 42 -8.99 4.58 -13.64
C ARG A 42 -10.19 4.22 -14.52
N SER A 43 -10.17 3.01 -15.09
CA SER A 43 -11.24 2.55 -15.95
C SER A 43 -11.64 1.11 -15.60
N LYS A 44 -10.63 0.25 -15.44
CA LYS A 44 -10.87 -1.14 -15.10
C LYS A 44 -10.11 -1.54 -13.84
N VAL A 45 -10.76 -1.40 -12.69
CA VAL A 45 -10.14 -1.75 -11.42
C VAL A 45 -9.41 -3.09 -11.50
N ALA A 46 -8.09 -3.03 -11.54
CA ALA A 46 -7.27 -4.23 -11.63
C ALA A 46 -7.93 -5.39 -10.86
N GLN A 47 -8.44 -5.09 -9.67
CA GLN A 47 -9.08 -6.10 -8.84
C GLN A 47 -9.84 -5.46 -7.68
N GLN A 48 -10.77 -6.20 -7.10
CA GLN A 48 -11.56 -5.70 -5.99
C GLN A 48 -10.70 -4.86 -5.04
N PRO A 49 -11.29 -3.76 -4.54
CA PRO A 49 -10.59 -2.85 -3.62
C PRO A 49 -10.36 -3.48 -2.25
N LEU A 50 -9.65 -2.77 -1.38
CA LEU A 50 -9.36 -3.26 -0.04
C LEU A 50 -10.01 -2.37 1.01
N SER A 51 -10.37 -2.97 2.14
CA SER A 51 -11.01 -2.24 3.23
C SER A 51 -10.07 -2.10 4.43
N LEU A 52 -9.04 -1.27 4.27
CA LEU A 52 -8.07 -1.04 5.34
C LEU A 52 -8.73 -1.17 6.71
N VAL A 53 -9.98 -0.71 6.81
CA VAL A 53 -10.71 -0.78 8.06
C VAL A 53 -10.62 -2.17 8.68
N GLY A 54 -9.88 -2.27 9.78
CA GLY A 54 -9.73 -3.55 10.46
C GLY A 54 -8.36 -4.16 10.23
N CYS A 55 -7.86 -4.04 9.00
CA CYS A 55 -6.56 -4.59 8.65
C CYS A 55 -5.44 -3.87 9.40
N GLU A 56 -4.20 -4.28 9.15
CA GLU A 56 -3.05 -3.67 9.80
C GLU A 56 -1.81 -3.75 8.90
N VAL A 57 -1.21 -2.59 8.63
CA VAL A 57 -0.01 -2.53 7.80
C VAL A 57 1.25 -2.70 8.63
N VAL A 58 2.05 -3.70 8.28
CA VAL A 58 3.30 -3.97 8.99
C VAL A 58 4.48 -4.05 8.02
N PRO A 59 5.62 -3.47 8.42
CA PRO A 59 6.84 -3.46 7.61
C PRO A 59 7.46 -4.85 7.50
N ASP A 60 7.07 -5.60 6.48
CA ASP A 60 7.59 -6.94 6.27
C ASP A 60 8.55 -6.96 5.08
N PRO A 61 9.78 -6.46 5.30
CA PRO A 61 10.82 -6.41 4.27
C PRO A 61 11.34 -7.80 3.90
N SER A 62 12.25 -7.85 2.94
CA SER A 62 12.83 -9.11 2.50
C SER A 62 14.32 -8.95 2.19
N PRO A 63 15.01 -10.09 2.02
CA PRO A 63 16.45 -10.10 1.73
C PRO A 63 16.76 -9.59 0.33
N ASP A 64 15.72 -9.14 -0.38
CA ASP A 64 15.88 -8.62 -1.73
C ASP A 64 15.30 -7.22 -1.84
N HIS A 65 14.54 -6.81 -0.83
CA HIS A 65 13.92 -5.49 -0.82
C HIS A 65 13.45 -5.12 0.58
N LEU A 66 14.18 -4.22 1.24
CA LEU A 66 13.84 -3.78 2.58
C LEU A 66 12.76 -2.70 2.54
N TYR A 67 12.02 -2.65 1.44
CA TYR A 67 10.96 -1.66 1.29
C TYR A 67 9.65 -2.34 0.88
N SER A 68 9.36 -3.48 1.49
CA SER A 68 8.14 -4.23 1.19
C SER A 68 7.28 -4.39 2.45
N PHE A 69 6.07 -3.85 2.39
CA PHE A 69 5.15 -3.93 3.52
C PHE A 69 3.92 -4.76 3.16
N ARG A 70 3.28 -5.33 4.18
CA ARG A 70 2.09 -6.15 3.97
C ARG A 70 1.01 -5.81 4.99
N ILE A 71 -0.22 -6.16 4.67
CA ILE A 71 -1.35 -5.89 5.55
C ILE A 71 -1.90 -7.17 6.15
N LEU A 72 -2.41 -7.07 7.38
CA LEU A 72 -2.96 -8.24 8.08
C LEU A 72 -4.20 -7.85 8.88
N HIS A 73 -5.18 -8.74 8.92
CA HIS A 73 -6.41 -8.49 9.65
C HIS A 73 -6.40 -9.21 11.00
N LYS A 74 -6.44 -10.54 10.95
CA LYS A 74 -6.42 -11.34 12.17
C LYS A 74 -5.28 -12.34 12.15
N GLY A 75 -4.11 -11.89 11.70
CA GLY A 75 -2.95 -12.76 11.63
C GLY A 75 -2.70 -13.31 10.24
N GLU A 76 -3.62 -13.02 9.32
CA GLU A 76 -3.51 -13.49 7.95
C GLU A 76 -2.96 -12.38 7.05
N GLU A 77 -2.73 -12.72 5.78
CA GLU A 77 -2.20 -11.76 4.82
C GLU A 77 -3.25 -11.44 3.74
N LEU A 78 -3.61 -10.17 3.65
CA LEU A 78 -4.59 -9.73 2.67
C LEU A 78 -3.92 -9.28 1.38
N ALA A 79 -2.89 -8.44 1.52
CA ALA A 79 -2.16 -7.94 0.36
C ALA A 79 -0.71 -7.64 0.72
N LYS A 80 0.13 -7.49 -0.30
CA LYS A 80 1.54 -7.19 -0.09
C LYS A 80 2.04 -6.16 -1.09
N LEU A 81 2.35 -4.97 -0.60
CA LEU A 81 2.84 -3.89 -1.44
C LEU A 81 4.33 -3.67 -1.25
N GLU A 82 4.94 -2.94 -2.18
CA GLU A 82 6.37 -2.67 -2.10
C GLU A 82 6.68 -1.28 -2.66
N ALA A 83 7.54 -0.55 -1.95
CA ALA A 83 7.93 0.79 -2.37
C ALA A 83 9.22 0.77 -3.17
N LYS A 84 9.72 1.96 -3.51
CA LYS A 84 10.96 2.07 -4.28
C LYS A 84 12.15 2.28 -3.36
N SER A 85 11.91 2.92 -2.21
CA SER A 85 12.97 3.18 -1.25
C SER A 85 12.41 3.22 0.17
N SER A 86 13.31 3.19 1.15
CA SER A 86 12.91 3.21 2.55
C SER A 86 11.91 4.34 2.82
N GLU A 87 12.22 5.52 2.29
CA GLU A 87 11.35 6.68 2.47
C GLU A 87 9.94 6.40 1.96
N GLU A 88 9.86 6.02 0.69
CA GLU A 88 8.57 5.71 0.07
C GLU A 88 7.72 4.83 0.99
N MET A 89 8.27 3.68 1.37
CA MET A 89 7.57 2.75 2.24
C MET A 89 7.21 3.41 3.56
N GLY A 90 8.06 4.33 4.01
CA GLY A 90 7.80 5.03 5.26
C GLY A 90 6.65 6.01 5.16
N HIS A 91 6.39 6.49 3.95
CA HIS A 91 5.31 7.44 3.71
C HIS A 91 3.97 6.73 3.61
N TRP A 92 4.00 5.49 3.11
CA TRP A 92 2.78 4.70 2.95
C TRP A 92 2.42 4.00 4.26
N LEU A 93 3.43 3.50 4.96
CA LEU A 93 3.22 2.80 6.22
C LEU A 93 2.25 3.58 7.11
N GLY A 94 2.63 4.79 7.47
CA GLY A 94 1.78 5.62 8.32
C GLY A 94 0.48 6.01 7.62
N LEU A 95 0.55 6.19 6.30
CA LEU A 95 -0.61 6.57 5.53
C LEU A 95 -1.71 5.51 5.63
N LEU A 96 -1.31 4.24 5.53
CA LEU A 96 -2.26 3.13 5.61
C LEU A 96 -2.62 2.83 7.06
N LEU A 97 -1.60 2.64 7.89
CA LEU A 97 -1.81 2.35 9.31
C LEU A 97 -2.94 3.20 9.88
N SER A 98 -2.81 4.51 9.74
CA SER A 98 -3.82 5.44 10.25
C SER A 98 -5.21 5.03 9.76
N GLU A 99 -5.31 4.71 8.48
CA GLU A 99 -6.59 4.31 7.90
C GLU A 99 -7.07 2.99 8.49
N SER A 100 -6.24 1.96 8.36
CA SER A 100 -6.58 0.64 8.88
C SER A 100 -6.91 0.71 10.37
N GLY A 101 -7.48 -0.37 10.89
CA GLY A 101 -7.83 -0.42 12.29
C GLY A 101 -6.73 -1.02 13.15
N SER A 102 -5.77 -0.20 13.54
CA SER A 102 -4.65 -0.66 14.36
C SER A 102 -4.80 -0.19 15.80
N GLY A 103 -4.54 -1.10 16.74
CA GLY A 103 -4.66 -0.77 18.15
C GLY A 103 -3.56 0.17 18.61
N PRO A 104 -2.33 -0.38 18.74
CA PRO A 104 -1.18 0.41 19.19
C PRO A 104 -0.72 1.42 18.14
N SER A 105 -1.41 2.56 18.09
CA SER A 105 -1.09 3.61 17.14
C SER A 105 -1.81 4.90 17.48
N SER A 106 -1.06 5.95 17.75
CA SER A 106 -1.63 7.24 18.11
C SER A 106 -2.25 7.91 16.87
N GLY A 107 -3.54 8.21 16.96
CA GLY A 107 -4.23 8.84 15.85
C GLY A 107 -5.66 8.36 15.71
N GLY A 1 17.34 10.34 -12.34
CA GLY A 1 18.04 10.75 -11.14
C GLY A 1 17.80 9.81 -9.97
N SER A 2 18.65 9.88 -8.97
CA SER A 2 18.53 9.03 -7.78
C SER A 2 17.18 9.25 -7.11
N SER A 3 16.95 10.46 -6.64
CA SER A 3 15.70 10.80 -5.95
C SER A 3 15.03 12.00 -6.61
N GLY A 4 14.33 11.75 -7.71
CA GLY A 4 13.66 12.83 -8.42
C GLY A 4 12.14 12.68 -8.39
N SER A 5 11.51 13.36 -7.44
CA SER A 5 10.06 13.29 -7.30
C SER A 5 9.46 14.69 -7.20
N SER A 6 8.21 14.83 -7.63
CA SER A 6 7.52 16.11 -7.58
C SER A 6 6.01 15.93 -7.64
N GLY A 7 5.34 16.28 -6.55
CA GLY A 7 3.89 16.14 -6.49
C GLY A 7 3.46 14.71 -6.22
N LEU A 8 2.62 14.53 -5.22
CA LEU A 8 2.12 13.21 -4.86
C LEU A 8 0.97 13.30 -3.85
N GLU A 9 -0.24 13.02 -4.32
CA GLU A 9 -1.41 13.08 -3.46
C GLU A 9 -1.90 11.66 -3.12
N THR A 10 -1.42 11.13 -2.00
CA THR A 10 -1.81 9.80 -1.56
C THR A 10 -1.98 8.86 -2.75
N SER A 11 -1.16 9.05 -3.77
CA SER A 11 -1.23 8.21 -4.97
C SER A 11 0.16 7.97 -5.54
N SER A 12 0.50 6.70 -5.74
CA SER A 12 1.80 6.32 -6.28
C SER A 12 1.82 4.87 -6.73
N TYR A 13 2.36 4.62 -7.91
CA TYR A 13 2.43 3.27 -8.45
C TYR A 13 3.28 2.36 -7.55
N LEU A 14 2.62 1.52 -6.77
CA LEU A 14 3.30 0.61 -5.87
C LEU A 14 3.37 -0.80 -6.46
N ASN A 15 4.29 -1.61 -5.95
CA ASN A 15 4.44 -2.98 -6.42
C ASN A 15 3.59 -3.95 -5.60
N VAL A 16 2.54 -4.46 -6.22
CA VAL A 16 1.64 -5.40 -5.56
C VAL A 16 2.05 -6.84 -5.83
N LEU A 17 2.38 -7.57 -4.77
CA LEU A 17 2.79 -8.96 -4.91
C LEU A 17 1.67 -9.81 -5.52
N VAL A 18 2.04 -10.72 -6.41
CA VAL A 18 1.07 -11.59 -7.06
C VAL A 18 1.70 -12.93 -7.43
N ASN A 19 1.32 -13.98 -6.70
CA ASN A 19 1.85 -15.31 -6.95
C ASN A 19 3.37 -15.32 -6.85
N SER A 20 3.89 -14.74 -5.78
CA SER A 20 5.33 -14.69 -5.57
C SER A 20 6.02 -13.93 -6.70
N GLN A 21 5.33 -12.92 -7.23
CA GLN A 21 5.87 -12.12 -8.32
C GLN A 21 5.44 -10.66 -8.19
N TRP A 22 6.42 -9.77 -8.13
CA TRP A 22 6.15 -8.34 -8.00
C TRP A 22 5.77 -7.73 -9.35
N LYS A 23 4.51 -7.35 -9.49
CA LYS A 23 4.02 -6.75 -10.73
C LYS A 23 3.68 -5.28 -10.53
N SER A 24 3.71 -4.52 -11.63
CA SER A 24 3.41 -3.10 -11.57
C SER A 24 1.91 -2.85 -11.48
N ARG A 25 1.49 -2.05 -10.51
CA ARG A 25 0.08 -1.74 -10.32
C ARG A 25 -0.09 -0.38 -9.66
N TRP A 26 -1.23 0.26 -9.92
CA TRP A 26 -1.51 1.58 -9.36
C TRP A 26 -2.40 1.46 -8.12
N CYS A 27 -1.90 1.97 -7.00
CA CYS A 27 -2.65 1.92 -5.75
C CYS A 27 -3.08 3.31 -5.31
N SER A 28 -4.30 3.41 -4.81
CA SER A 28 -4.84 4.69 -4.36
C SER A 28 -5.74 4.51 -3.15
N VAL A 29 -5.57 5.39 -2.16
CA VAL A 29 -6.37 5.33 -0.93
C VAL A 29 -7.15 6.62 -0.71
N ARG A 30 -8.46 6.50 -0.60
CA ARG A 30 -9.32 7.67 -0.39
C ARG A 30 -10.26 7.44 0.78
N ASP A 31 -11.25 6.58 0.59
CA ASP A 31 -12.22 6.27 1.63
C ASP A 31 -11.80 5.04 2.42
N ASN A 32 -10.85 5.22 3.33
CA ASN A 32 -10.36 4.13 4.16
C ASN A 32 -10.35 2.82 3.37
N HIS A 33 -10.07 2.91 2.08
CA HIS A 33 -10.03 1.74 1.21
C HIS A 33 -8.96 1.88 0.15
N LEU A 34 -8.19 0.81 -0.08
CA LEU A 34 -7.13 0.83 -1.07
C LEU A 34 -7.62 0.26 -2.40
N HIS A 35 -7.77 1.12 -3.40
CA HIS A 35 -8.23 0.71 -4.72
C HIS A 35 -7.06 0.29 -5.59
N PHE A 36 -7.35 -0.48 -6.63
CA PHE A 36 -6.32 -0.96 -7.55
C PHE A 36 -6.65 -0.56 -8.98
N TYR A 37 -5.70 0.11 -9.65
CA TYR A 37 -5.90 0.53 -11.03
C TYR A 37 -4.69 0.17 -11.88
N GLN A 38 -4.84 0.33 -13.19
CA GLN A 38 -3.76 0.02 -14.12
C GLN A 38 -3.29 1.28 -14.85
N ASP A 39 -2.55 2.13 -14.14
CA ASP A 39 -2.04 3.37 -14.72
C ASP A 39 -3.16 4.40 -14.87
N ARG A 40 -3.84 4.68 -13.76
CA ARG A 40 -4.92 5.65 -13.76
C ARG A 40 -6.06 5.19 -14.66
N ASN A 41 -6.40 3.90 -14.55
CA ASN A 41 -7.48 3.33 -15.34
C ASN A 41 -8.66 2.93 -14.47
N ARG A 42 -9.07 3.85 -13.59
CA ARG A 42 -10.19 3.58 -12.69
C ARG A 42 -11.28 2.80 -13.40
N SER A 43 -11.54 3.15 -14.65
CA SER A 43 -12.57 2.47 -15.43
C SER A 43 -12.34 0.97 -15.45
N LYS A 44 -11.10 0.56 -15.64
CA LYS A 44 -10.75 -0.85 -15.68
C LYS A 44 -10.04 -1.27 -14.39
N VAL A 45 -10.63 -0.93 -13.25
CA VAL A 45 -10.05 -1.26 -11.96
C VAL A 45 -9.37 -2.63 -12.00
N ALA A 46 -8.07 -2.64 -11.79
CA ALA A 46 -7.29 -3.88 -11.80
C ALA A 46 -8.06 -5.00 -11.11
N GLN A 47 -8.60 -4.71 -9.93
CA GLN A 47 -9.36 -5.70 -9.17
C GLN A 47 -9.98 -5.06 -7.93
N GLN A 48 -10.99 -5.74 -7.36
CA GLN A 48 -11.66 -5.24 -6.17
C GLN A 48 -10.69 -4.53 -5.24
N PRO A 49 -11.14 -3.42 -4.64
CA PRO A 49 -10.32 -2.63 -3.72
C PRO A 49 -10.06 -3.36 -2.41
N LEU A 50 -9.46 -2.66 -1.45
CA LEU A 50 -9.14 -3.24 -0.14
C LEU A 50 -9.70 -2.38 0.98
N SER A 51 -10.20 -3.03 2.02
CA SER A 51 -10.78 -2.33 3.17
C SER A 51 -9.79 -2.31 4.34
N LEU A 52 -8.92 -1.33 4.36
CA LEU A 52 -7.93 -1.21 5.42
C LEU A 52 -8.59 -1.27 6.79
N VAL A 53 -9.82 -0.78 6.87
CA VAL A 53 -10.57 -0.78 8.11
C VAL A 53 -10.56 -2.16 8.76
N GLY A 54 -9.72 -2.31 9.78
CA GLY A 54 -9.61 -3.59 10.48
C GLY A 54 -8.27 -4.26 10.27
N CYS A 55 -7.69 -4.08 9.08
CA CYS A 55 -6.41 -4.67 8.76
C CYS A 55 -5.29 -3.99 9.53
N GLU A 56 -4.05 -4.43 9.29
CA GLU A 56 -2.89 -3.86 9.96
C GLU A 56 -1.67 -3.86 9.04
N VAL A 57 -1.08 -2.68 8.86
CA VAL A 57 0.09 -2.54 8.01
C VAL A 57 1.38 -2.78 8.78
N VAL A 58 2.12 -3.81 8.39
CA VAL A 58 3.37 -4.15 9.05
C VAL A 58 4.54 -4.15 8.06
N PRO A 59 5.66 -3.55 8.48
CA PRO A 59 6.87 -3.46 7.64
C PRO A 59 7.54 -4.81 7.46
N ASP A 60 7.16 -5.51 6.40
CA ASP A 60 7.73 -6.83 6.11
C ASP A 60 8.68 -6.75 4.92
N PRO A 61 9.88 -6.20 5.15
CA PRO A 61 10.90 -6.06 4.11
C PRO A 61 11.48 -7.40 3.67
N SER A 62 12.10 -7.43 2.49
CA SER A 62 12.69 -8.65 1.97
C SER A 62 14.21 -8.53 1.89
N PRO A 63 14.89 -9.68 1.70
CA PRO A 63 16.35 -9.72 1.61
C PRO A 63 16.87 -9.08 0.33
N ASP A 64 15.95 -8.55 -0.47
CA ASP A 64 16.33 -7.91 -1.72
C ASP A 64 15.79 -6.47 -1.79
N HIS A 65 14.76 -6.20 -0.99
CA HIS A 65 14.14 -4.88 -0.95
C HIS A 65 13.61 -4.57 0.44
N LEU A 66 14.32 -3.72 1.17
CA LEU A 66 13.92 -3.34 2.52
C LEU A 66 12.87 -2.24 2.48
N TYR A 67 12.16 -2.14 1.36
CA TYR A 67 11.12 -1.13 1.20
C TYR A 67 9.79 -1.78 0.81
N SER A 68 9.49 -2.92 1.42
CA SER A 68 8.25 -3.63 1.14
C SER A 68 7.45 -3.84 2.42
N PHE A 69 6.15 -3.59 2.33
CA PHE A 69 5.26 -3.75 3.49
C PHE A 69 4.05 -4.62 3.12
N ARG A 70 3.41 -5.18 4.14
CA ARG A 70 2.25 -6.03 3.94
C ARG A 70 1.17 -5.75 4.99
N ILE A 71 -0.07 -6.08 4.66
CA ILE A 71 -1.19 -5.86 5.57
C ILE A 71 -1.70 -7.17 6.13
N LEU A 72 -2.24 -7.12 7.35
CA LEU A 72 -2.77 -8.30 8.01
C LEU A 72 -4.04 -7.98 8.78
N HIS A 73 -4.96 -8.94 8.84
CA HIS A 73 -6.22 -8.75 9.55
C HIS A 73 -6.44 -9.87 10.57
N LYS A 74 -5.99 -9.65 11.80
CA LYS A 74 -6.13 -10.62 12.87
C LYS A 74 -5.14 -11.77 12.68
N GLY A 75 -3.98 -11.46 12.13
CA GLY A 75 -2.96 -12.46 11.92
C GLY A 75 -3.02 -13.08 10.53
N GLU A 76 -4.06 -12.73 9.78
CA GLU A 76 -4.24 -13.24 8.43
C GLU A 76 -3.67 -12.29 7.40
N GLU A 77 -3.25 -12.83 6.26
CA GLU A 77 -2.69 -12.01 5.19
C GLU A 77 -3.79 -11.44 4.31
N LEU A 78 -3.76 -10.12 4.12
CA LEU A 78 -4.75 -9.44 3.30
C LEU A 78 -4.15 -9.02 1.96
N ALA A 79 -3.00 -8.37 2.01
CA ALA A 79 -2.32 -7.91 0.81
C ALA A 79 -0.84 -7.62 1.08
N LYS A 80 -0.11 -7.27 0.03
CA LYS A 80 1.31 -6.97 0.16
C LYS A 80 1.76 -6.00 -0.93
N LEU A 81 2.31 -4.87 -0.52
CA LEU A 81 2.79 -3.85 -1.46
C LEU A 81 4.28 -3.59 -1.27
N GLU A 82 4.87 -2.91 -2.25
CA GLU A 82 6.30 -2.60 -2.19
C GLU A 82 6.57 -1.19 -2.74
N ALA A 83 7.31 -0.40 -1.99
CA ALA A 83 7.64 0.95 -2.39
C ALA A 83 8.88 0.98 -3.28
N LYS A 84 9.34 2.18 -3.64
CA LYS A 84 10.51 2.33 -4.48
C LYS A 84 11.75 2.61 -3.64
N SER A 85 11.56 3.22 -2.48
CA SER A 85 12.66 3.55 -1.59
C SER A 85 12.23 3.44 -0.12
N SER A 86 13.18 3.59 0.78
CA SER A 86 12.91 3.52 2.21
C SER A 86 11.95 4.62 2.64
N GLU A 87 12.10 5.80 2.04
CA GLU A 87 11.25 6.94 2.36
C GLU A 87 9.82 6.69 1.91
N GLU A 88 9.67 6.17 0.69
CA GLU A 88 8.36 5.90 0.13
C GLU A 88 7.57 4.95 1.03
N MET A 89 8.20 3.82 1.39
CA MET A 89 7.56 2.84 2.24
C MET A 89 7.13 3.46 3.56
N GLY A 90 7.88 4.46 4.02
CA GLY A 90 7.56 5.12 5.26
C GLY A 90 6.34 6.01 5.15
N HIS A 91 6.05 6.46 3.94
CA HIS A 91 4.90 7.33 3.69
C HIS A 91 3.62 6.52 3.56
N TRP A 92 3.76 5.25 3.17
CA TRP A 92 2.62 4.36 3.01
C TRP A 92 2.27 3.67 4.32
N LEU A 93 3.30 3.21 5.03
CA LEU A 93 3.11 2.54 6.30
C LEU A 93 2.11 3.29 7.18
N GLY A 94 2.43 4.53 7.51
CA GLY A 94 1.54 5.34 8.33
C GLY A 94 0.26 5.71 7.61
N LEU A 95 0.36 5.95 6.31
CA LEU A 95 -0.80 6.31 5.50
C LEU A 95 -1.88 5.24 5.58
N LEU A 96 -1.46 3.99 5.54
CA LEU A 96 -2.40 2.86 5.61
C LEU A 96 -2.84 2.62 7.06
N LEU A 97 -1.89 2.72 7.98
CA LEU A 97 -2.17 2.50 9.39
C LEU A 97 -3.33 3.38 9.86
N SER A 98 -3.17 4.69 9.69
CA SER A 98 -4.20 5.64 10.09
C SER A 98 -5.58 5.20 9.60
N GLU A 99 -5.62 4.75 8.34
CA GLU A 99 -6.88 4.29 7.75
C GLU A 99 -7.35 3.01 8.41
N SER A 100 -6.45 2.06 8.58
CA SER A 100 -6.78 0.78 9.20
C SER A 100 -6.94 0.92 10.71
N GLY A 101 -7.84 1.81 11.12
CA GLY A 101 -8.06 2.03 12.54
C GLY A 101 -9.50 1.83 12.94
N SER A 102 -10.42 2.39 12.15
CA SER A 102 -11.84 2.28 12.42
C SER A 102 -12.18 0.90 12.97
N GLY A 103 -12.33 0.81 14.29
CA GLY A 103 -12.67 -0.45 14.92
C GLY A 103 -13.97 -1.03 14.41
N PRO A 104 -13.91 -2.25 13.86
CA PRO A 104 -15.09 -2.94 13.32
C PRO A 104 -16.05 -3.39 14.43
N SER A 105 -15.48 -3.92 15.50
CA SER A 105 -16.28 -4.40 16.63
C SER A 105 -15.85 -3.73 17.93
N SER A 106 -16.79 -3.62 18.87
CA SER A 106 -16.50 -3.00 20.16
C SER A 106 -15.11 -3.38 20.65
N GLY A 107 -14.77 -4.66 20.50
CA GLY A 107 -13.47 -5.13 20.94
C GLY A 107 -13.57 -6.36 21.81
N GLY A 1 23.84 9.62 -4.63
CA GLY A 1 22.65 10.31 -4.18
C GLY A 1 21.37 9.64 -4.65
N SER A 2 20.35 9.64 -3.81
CA SER A 2 19.08 9.03 -4.14
C SER A 2 18.32 9.87 -5.16
N SER A 3 17.19 9.35 -5.64
CA SER A 3 16.37 10.05 -6.62
C SER A 3 16.03 11.45 -6.12
N GLY A 4 15.77 12.35 -7.06
CA GLY A 4 15.43 13.72 -6.71
C GLY A 4 14.31 14.29 -7.58
N SER A 5 13.08 14.18 -7.10
CA SER A 5 11.93 14.69 -7.84
C SER A 5 10.82 15.12 -6.89
N SER A 6 10.60 16.43 -6.80
CA SER A 6 9.57 16.97 -5.92
C SER A 6 8.20 16.88 -6.59
N GLY A 7 7.23 16.35 -5.84
CA GLY A 7 5.89 16.21 -6.37
C GLY A 7 5.38 14.79 -6.30
N LEU A 8 4.60 14.49 -5.27
CA LEU A 8 4.05 13.15 -5.08
C LEU A 8 2.78 13.19 -4.23
N GLU A 9 1.68 12.67 -4.78
CA GLU A 9 0.42 12.65 -4.06
C GLU A 9 0.15 11.27 -3.46
N THR A 10 -0.90 11.17 -2.66
CA THR A 10 -1.26 9.91 -2.03
C THR A 10 -0.96 8.72 -2.93
N SER A 11 -1.51 8.75 -4.14
CA SER A 11 -1.30 7.68 -5.11
C SER A 11 0.14 7.69 -5.62
N SER A 12 0.80 6.54 -5.53
CA SER A 12 2.18 6.42 -5.98
C SER A 12 2.43 5.04 -6.61
N TYR A 13 3.53 4.92 -7.34
CA TYR A 13 3.88 3.68 -8.00
C TYR A 13 4.35 2.64 -6.98
N LEU A 14 3.53 1.62 -6.75
CA LEU A 14 3.86 0.57 -5.81
C LEU A 14 3.81 -0.81 -6.47
N ASN A 15 4.46 -1.78 -5.85
CA ASN A 15 4.48 -3.14 -6.39
C ASN A 15 3.63 -4.08 -5.54
N VAL A 16 2.55 -4.57 -6.13
CA VAL A 16 1.64 -5.48 -5.43
C VAL A 16 1.97 -6.93 -5.76
N LEU A 17 2.20 -7.73 -4.72
CA LEU A 17 2.51 -9.14 -4.89
C LEU A 17 1.24 -9.98 -5.04
N VAL A 18 1.13 -10.69 -6.15
CA VAL A 18 -0.04 -11.53 -6.41
C VAL A 18 0.36 -13.00 -6.54
N ASN A 19 0.90 -13.36 -7.70
CA ASN A 19 1.33 -14.72 -7.95
C ASN A 19 2.82 -14.88 -7.73
N SER A 20 3.23 -14.97 -6.47
CA SER A 20 4.64 -15.12 -6.11
C SER A 20 5.50 -14.18 -6.94
N GLN A 21 4.89 -13.09 -7.40
CA GLN A 21 5.62 -12.10 -8.20
C GLN A 21 5.05 -10.70 -7.98
N TRP A 22 5.93 -9.71 -7.99
CA TRP A 22 5.52 -8.32 -7.79
C TRP A 22 4.99 -7.71 -9.08
N LYS A 23 3.74 -7.27 -9.06
CA LYS A 23 3.12 -6.67 -10.23
C LYS A 23 2.92 -5.17 -10.03
N SER A 24 3.46 -4.37 -10.95
CA SER A 24 3.34 -2.92 -10.87
C SER A 24 1.92 -2.47 -11.20
N ARG A 25 1.34 -1.68 -10.31
CA ARG A 25 -0.02 -1.18 -10.50
C ARG A 25 -0.21 0.16 -9.80
N TRP A 26 -1.14 0.97 -10.31
CA TRP A 26 -1.41 2.27 -9.74
C TRP A 26 -2.25 2.14 -8.47
N CYS A 27 -1.75 2.70 -7.37
CA CYS A 27 -2.45 2.64 -6.09
C CYS A 27 -3.32 3.88 -5.89
N SER A 28 -4.45 3.70 -5.21
CA SER A 28 -5.36 4.80 -4.95
C SER A 28 -6.19 4.54 -3.70
N VAL A 29 -5.95 5.32 -2.66
CA VAL A 29 -6.67 5.17 -1.40
C VAL A 29 -7.74 6.25 -1.25
N ARG A 30 -8.92 5.84 -0.80
CA ARG A 30 -10.03 6.77 -0.60
C ARG A 30 -11.19 6.09 0.12
N ASP A 31 -11.81 6.83 1.04
CA ASP A 31 -12.93 6.30 1.81
C ASP A 31 -12.48 5.14 2.68
N ASN A 32 -11.27 5.24 3.23
CA ASN A 32 -10.72 4.18 4.08
C ASN A 32 -10.67 2.86 3.33
N HIS A 33 -10.19 2.90 2.09
CA HIS A 33 -10.09 1.70 1.27
C HIS A 33 -8.99 1.85 0.23
N LEU A 34 -8.21 0.79 0.04
CA LEU A 34 -7.12 0.80 -0.94
C LEU A 34 -7.58 0.22 -2.28
N HIS A 35 -7.78 1.09 -3.26
CA HIS A 35 -8.21 0.66 -4.58
C HIS A 35 -7.01 0.29 -5.45
N PHE A 36 -7.21 -0.66 -6.35
CA PHE A 36 -6.15 -1.12 -7.25
C PHE A 36 -6.41 -0.66 -8.68
N TYR A 37 -5.39 -0.11 -9.32
CA TYR A 37 -5.50 0.36 -10.68
C TYR A 37 -4.21 0.13 -11.46
N GLN A 38 -4.27 0.32 -12.78
CA GLN A 38 -3.10 0.12 -13.63
C GLN A 38 -2.82 1.38 -14.45
N ASP A 39 -3.82 1.84 -15.19
CA ASP A 39 -3.68 3.02 -16.02
C ASP A 39 -3.90 4.29 -15.20
N ARG A 40 -3.76 5.44 -15.84
CA ARG A 40 -3.94 6.73 -15.18
C ARG A 40 -5.42 7.07 -15.04
N ASN A 41 -6.18 6.80 -16.10
CA ASN A 41 -7.61 7.09 -16.11
C ASN A 41 -8.40 5.87 -15.65
N ARG A 42 -7.90 5.19 -14.63
CA ARG A 42 -8.56 4.01 -14.10
C ARG A 42 -9.18 3.18 -15.22
N SER A 43 -8.41 2.98 -16.29
CA SER A 43 -8.89 2.22 -17.44
C SER A 43 -9.11 0.76 -17.06
N LYS A 44 -8.03 0.08 -16.65
CA LYS A 44 -8.10 -1.32 -16.27
C LYS A 44 -7.90 -1.47 -14.76
N VAL A 45 -8.98 -1.73 -14.04
CA VAL A 45 -8.91 -1.90 -12.60
C VAL A 45 -8.09 -3.12 -12.22
N ALA A 46 -6.84 -2.89 -11.83
CA ALA A 46 -5.95 -3.98 -11.44
C ALA A 46 -6.72 -5.11 -10.76
N GLN A 47 -7.49 -4.76 -9.73
CA GLN A 47 -8.27 -5.75 -9.00
C GLN A 47 -9.16 -5.08 -7.95
N GLN A 48 -10.07 -5.85 -7.37
CA GLN A 48 -10.98 -5.32 -6.36
C GLN A 48 -10.21 -4.52 -5.31
N PRO A 49 -10.90 -3.53 -4.70
CA PRO A 49 -10.30 -2.67 -3.67
C PRO A 49 -10.02 -3.43 -2.37
N LEU A 50 -9.37 -2.75 -1.43
CA LEU A 50 -9.05 -3.36 -0.14
C LEU A 50 -9.66 -2.56 1.00
N SER A 51 -10.23 -3.27 1.97
CA SER A 51 -10.85 -2.62 3.13
C SER A 51 -9.86 -2.48 4.27
N LEU A 52 -9.01 -1.45 4.19
CA LEU A 52 -8.01 -1.21 5.21
C LEU A 52 -8.65 -1.17 6.60
N VAL A 53 -9.91 -0.78 6.65
CA VAL A 53 -10.63 -0.70 7.92
C VAL A 53 -10.71 -2.07 8.59
N GLY A 54 -9.77 -2.33 9.49
CA GLY A 54 -9.75 -3.61 10.19
C GLY A 54 -8.50 -4.41 9.90
N CYS A 55 -7.58 -3.81 9.15
CA CYS A 55 -6.33 -4.47 8.80
C CYS A 55 -5.17 -3.90 9.60
N GLU A 56 -3.96 -4.38 9.31
CA GLU A 56 -2.77 -3.92 10.01
C GLU A 56 -1.55 -3.93 9.07
N VAL A 57 -0.96 -2.75 8.87
CA VAL A 57 0.20 -2.63 8.00
C VAL A 57 1.49 -2.85 8.78
N VAL A 58 2.26 -3.85 8.37
CA VAL A 58 3.53 -4.17 9.03
C VAL A 58 4.68 -4.15 8.03
N PRO A 59 5.79 -3.52 8.43
CA PRO A 59 6.99 -3.42 7.59
C PRO A 59 7.70 -4.76 7.42
N ASP A 60 7.33 -5.48 6.37
CA ASP A 60 7.94 -6.77 6.09
C ASP A 60 8.89 -6.69 4.91
N PRO A 61 10.09 -6.13 5.15
CA PRO A 61 11.12 -5.98 4.12
C PRO A 61 11.72 -7.32 3.69
N SER A 62 12.54 -7.29 2.65
CA SER A 62 13.18 -8.50 2.14
C SER A 62 14.66 -8.27 1.89
N PRO A 63 15.40 -9.37 1.68
CA PRO A 63 16.84 -9.32 1.43
C PRO A 63 17.18 -8.70 0.07
N ASP A 64 16.15 -8.21 -0.62
CA ASP A 64 16.33 -7.60 -1.92
C ASP A 64 15.73 -6.20 -1.96
N HIS A 65 14.95 -5.87 -0.94
CA HIS A 65 14.31 -4.56 -0.85
C HIS A 65 13.76 -4.33 0.54
N LEU A 66 14.41 -3.44 1.30
CA LEU A 66 13.99 -3.12 2.65
C LEU A 66 12.90 -2.06 2.64
N TYR A 67 12.06 -2.09 1.62
CA TYR A 67 10.98 -1.12 1.49
C TYR A 67 9.65 -1.82 1.18
N SER A 68 9.55 -3.08 1.57
CA SER A 68 8.35 -3.86 1.34
C SER A 68 7.49 -3.92 2.59
N PHE A 69 6.18 -3.79 2.40
CA PHE A 69 5.24 -3.82 3.52
C PHE A 69 3.98 -4.60 3.16
N ARG A 70 3.44 -5.33 4.12
CA ARG A 70 2.24 -6.13 3.89
C ARG A 70 1.19 -5.85 4.97
N ILE A 71 -0.07 -6.07 4.63
CA ILE A 71 -1.16 -5.84 5.56
C ILE A 71 -1.70 -7.15 6.12
N LEU A 72 -2.18 -7.12 7.36
CA LEU A 72 -2.72 -8.31 8.00
C LEU A 72 -4.06 -8.00 8.67
N HIS A 73 -4.96 -8.96 8.64
CA HIS A 73 -6.29 -8.80 9.25
C HIS A 73 -6.53 -9.88 10.31
N LYS A 74 -6.09 -9.60 11.54
CA LYS A 74 -6.27 -10.54 12.64
C LYS A 74 -5.29 -11.71 12.51
N GLY A 75 -4.13 -11.45 11.92
CA GLY A 75 -3.13 -12.50 11.76
C GLY A 75 -3.17 -13.12 10.38
N GLU A 76 -4.13 -12.70 9.56
CA GLU A 76 -4.28 -13.22 8.21
C GLU A 76 -3.67 -12.29 7.19
N GLU A 77 -3.20 -12.84 6.08
CA GLU A 77 -2.59 -12.06 5.02
C GLU A 77 -3.64 -11.49 4.08
N LEU A 78 -3.56 -10.19 3.81
CA LEU A 78 -4.51 -9.53 2.94
C LEU A 78 -3.86 -9.15 1.60
N ALA A 79 -2.68 -8.55 1.69
CA ALA A 79 -1.95 -8.13 0.50
C ALA A 79 -0.50 -7.79 0.83
N LYS A 80 0.29 -7.52 -0.20
CA LYS A 80 1.69 -7.19 -0.02
C LYS A 80 2.14 -6.14 -1.04
N LEU A 81 2.66 -5.02 -0.55
CA LEU A 81 3.13 -3.94 -1.41
C LEU A 81 4.61 -3.67 -1.20
N GLU A 82 5.26 -3.12 -2.22
CA GLU A 82 6.68 -2.81 -2.13
C GLU A 82 6.99 -1.48 -2.81
N ALA A 83 7.77 -0.64 -2.14
CA ALA A 83 8.13 0.66 -2.67
C ALA A 83 9.51 0.62 -3.31
N LYS A 84 10.01 1.78 -3.74
CA LYS A 84 11.31 1.88 -4.37
C LYS A 84 12.38 2.33 -3.37
N SER A 85 11.98 3.19 -2.44
CA SER A 85 12.90 3.69 -1.43
C SER A 85 12.24 3.68 -0.05
N SER A 86 13.05 3.45 0.98
CA SER A 86 12.55 3.41 2.35
C SER A 86 11.70 4.63 2.66
N GLU A 87 12.04 5.76 2.05
CA GLU A 87 11.31 6.99 2.25
C GLU A 87 9.89 6.89 1.70
N GLU A 88 9.73 6.09 0.65
CA GLU A 88 8.42 5.90 0.03
C GLU A 88 7.55 4.98 0.87
N MET A 89 8.11 3.84 1.27
CA MET A 89 7.38 2.87 2.08
C MET A 89 7.04 3.46 3.45
N GLY A 90 7.89 4.35 3.93
CA GLY A 90 7.66 4.98 5.23
C GLY A 90 6.45 5.89 5.22
N HIS A 91 6.10 6.40 4.03
CA HIS A 91 4.96 7.30 3.89
C HIS A 91 3.66 6.51 3.79
N TRP A 92 3.75 5.32 3.22
CA TRP A 92 2.58 4.46 3.04
C TRP A 92 2.25 3.71 4.34
N LEU A 93 3.29 3.37 5.09
CA LEU A 93 3.13 2.65 6.34
C LEU A 93 2.10 3.34 7.23
N GLY A 94 2.35 4.60 7.55
CA GLY A 94 1.44 5.36 8.39
C GLY A 94 0.15 5.73 7.66
N LEU A 95 0.27 5.97 6.36
CA LEU A 95 -0.90 6.33 5.56
C LEU A 95 -1.95 5.23 5.58
N LEU A 96 -1.49 3.99 5.51
CA LEU A 96 -2.39 2.84 5.52
C LEU A 96 -2.88 2.55 6.94
N LEU A 97 -1.99 2.72 7.92
CA LEU A 97 -2.33 2.49 9.31
C LEU A 97 -3.47 3.40 9.76
N SER A 98 -3.32 4.69 9.48
CA SER A 98 -4.33 5.67 9.86
C SER A 98 -5.71 5.26 9.33
N GLU A 99 -5.77 4.89 8.06
CA GLU A 99 -7.02 4.48 7.44
C GLU A 99 -7.51 3.16 8.04
N SER A 100 -6.59 2.22 8.22
CA SER A 100 -6.94 0.92 8.78
C SER A 100 -7.18 1.02 10.28
N GLY A 101 -8.34 0.53 10.72
CA GLY A 101 -8.68 0.58 12.13
C GLY A 101 -7.75 -0.28 12.98
N SER A 102 -6.53 0.19 13.19
CA SER A 102 -5.55 -0.54 13.99
C SER A 102 -6.13 -0.92 15.34
N GLY A 103 -5.56 -1.96 15.95
CA GLY A 103 -6.03 -2.40 17.25
C GLY A 103 -4.95 -3.09 18.05
N PRO A 104 -3.94 -2.32 18.47
CA PRO A 104 -2.80 -2.83 19.25
C PRO A 104 -3.22 -3.21 20.67
N SER A 105 -4.39 -2.74 21.09
CA SER A 105 -4.89 -3.02 22.42
C SER A 105 -4.56 -4.46 22.84
N SER A 106 -4.06 -4.61 24.07
CA SER A 106 -3.69 -5.92 24.57
C SER A 106 -4.73 -6.97 24.20
N GLY A 107 -4.27 -8.17 23.89
CA GLY A 107 -5.17 -9.24 23.51
C GLY A 107 -6.04 -9.69 24.67
N GLY A 1 -0.67 13.35 -24.57
CA GLY A 1 -1.03 14.11 -23.38
C GLY A 1 -0.04 15.22 -23.08
N SER A 2 -0.20 15.84 -21.92
CA SER A 2 0.68 16.93 -21.51
C SER A 2 0.92 16.91 -20.00
N SER A 3 2.19 16.88 -19.61
CA SER A 3 2.55 16.85 -18.20
C SER A 3 1.76 17.89 -17.42
N GLY A 4 1.51 17.59 -16.14
CA GLY A 4 0.77 18.51 -15.30
C GLY A 4 1.54 18.93 -14.08
N SER A 5 1.09 20.00 -13.43
CA SER A 5 1.76 20.52 -12.23
C SER A 5 2.18 19.37 -11.31
N SER A 6 3.26 19.58 -10.58
CA SER A 6 3.77 18.57 -9.66
C SER A 6 2.79 18.34 -8.51
N GLY A 7 3.05 17.29 -7.73
CA GLY A 7 2.19 16.98 -6.61
C GLY A 7 1.88 15.50 -6.50
N LEU A 8 2.51 14.83 -5.55
CA LEU A 8 2.31 13.40 -5.34
C LEU A 8 1.61 13.13 -4.02
N GLU A 9 0.28 13.11 -4.05
CA GLU A 9 -0.52 12.87 -2.86
C GLU A 9 -1.31 11.57 -2.98
N THR A 10 -1.13 10.67 -2.03
CA THR A 10 -1.83 9.39 -2.03
C THR A 10 -1.93 8.84 -3.45
N SER A 11 -0.90 9.04 -4.25
CA SER A 11 -0.87 8.56 -5.62
C SER A 11 0.55 8.29 -6.09
N SER A 12 0.88 7.01 -6.26
CA SER A 12 2.21 6.61 -6.69
C SER A 12 2.22 5.16 -7.17
N TYR A 13 3.01 4.88 -8.20
CA TYR A 13 3.10 3.54 -8.75
C TYR A 13 3.76 2.59 -7.75
N LEU A 14 2.94 1.77 -7.11
CA LEU A 14 3.42 0.81 -6.12
C LEU A 14 3.43 -0.60 -6.70
N ASN A 15 4.24 -1.47 -6.11
CA ASN A 15 4.34 -2.85 -6.56
C ASN A 15 3.49 -3.78 -5.69
N VAL A 16 2.39 -4.27 -6.26
CA VAL A 16 1.49 -5.16 -5.54
C VAL A 16 1.79 -6.62 -5.86
N LEU A 17 2.29 -7.35 -4.87
CA LEU A 17 2.62 -8.75 -5.05
C LEU A 17 1.46 -9.52 -5.66
N VAL A 18 1.73 -10.28 -6.70
CA VAL A 18 0.70 -11.07 -7.37
C VAL A 18 1.22 -12.46 -7.75
N ASN A 19 0.60 -13.48 -7.16
CA ASN A 19 1.00 -14.85 -7.44
C ASN A 19 2.51 -15.03 -7.26
N SER A 20 3.04 -14.52 -6.17
CA SER A 20 4.46 -14.61 -5.88
C SER A 20 5.28 -13.91 -6.97
N GLN A 21 4.77 -12.77 -7.44
CA GLN A 21 5.45 -12.01 -8.47
C GLN A 21 5.14 -10.52 -8.34
N TRP A 22 6.20 -9.71 -8.22
CA TRP A 22 6.04 -8.27 -8.08
C TRP A 22 5.73 -7.63 -9.42
N LYS A 23 4.51 -7.13 -9.58
CA LYS A 23 4.08 -6.49 -10.81
C LYS A 23 3.73 -5.03 -10.57
N SER A 24 4.01 -4.18 -11.55
CA SER A 24 3.71 -2.76 -11.45
C SER A 24 2.21 -2.51 -11.36
N ARG A 25 1.78 -1.90 -10.26
CA ARG A 25 0.36 -1.61 -10.05
C ARG A 25 0.17 -0.21 -9.49
N TRP A 26 -1.00 0.36 -9.73
CA TRP A 26 -1.31 1.71 -9.25
C TRP A 26 -2.28 1.66 -8.08
N CYS A 27 -1.76 1.90 -6.88
CA CYS A 27 -2.57 1.89 -5.67
C CYS A 27 -3.20 3.26 -5.42
N SER A 28 -4.46 3.26 -5.02
CA SER A 28 -5.18 4.51 -4.74
C SER A 28 -6.06 4.37 -3.51
N VAL A 29 -5.79 5.18 -2.50
CA VAL A 29 -6.56 5.15 -1.26
C VAL A 29 -7.41 6.40 -1.12
N ARG A 30 -8.62 6.23 -0.57
CA ARG A 30 -9.53 7.34 -0.38
C ARG A 30 -9.70 7.66 1.10
N ASP A 31 -10.37 6.77 1.83
CA ASP A 31 -10.60 6.96 3.26
C ASP A 31 -10.11 5.75 4.05
N ASN A 32 -10.83 4.64 3.92
CA ASN A 32 -10.47 3.41 4.63
C ASN A 32 -10.47 2.22 3.68
N HIS A 33 -10.02 2.43 2.45
CA HIS A 33 -9.98 1.37 1.45
C HIS A 33 -8.85 1.61 0.45
N LEU A 34 -8.26 0.52 -0.02
CA LEU A 34 -7.16 0.60 -0.98
C LEU A 34 -7.57 0.04 -2.34
N HIS A 35 -7.78 0.92 -3.30
CA HIS A 35 -8.19 0.51 -4.64
C HIS A 35 -6.97 0.22 -5.50
N PHE A 36 -7.17 -0.55 -6.57
CA PHE A 36 -6.08 -0.92 -7.47
C PHE A 36 -6.45 -0.60 -8.92
N TYR A 37 -5.50 -0.05 -9.67
CA TYR A 37 -5.73 0.30 -11.06
C TYR A 37 -4.53 -0.09 -11.92
N GLN A 38 -4.76 -0.22 -13.22
CA GLN A 38 -3.70 -0.58 -14.15
C GLN A 38 -3.42 0.56 -15.12
N ASP A 39 -4.47 1.03 -15.80
CA ASP A 39 -4.33 2.12 -16.76
C ASP A 39 -3.97 3.42 -16.06
N ARG A 40 -3.70 4.46 -16.85
CA ARG A 40 -3.33 5.76 -16.30
C ARG A 40 -4.56 6.48 -15.77
N ASN A 41 -5.61 6.54 -16.58
CA ASN A 41 -6.85 7.21 -16.20
C ASN A 41 -7.73 6.28 -15.37
N ARG A 42 -7.11 5.46 -14.54
CA ARG A 42 -7.84 4.52 -13.70
C ARG A 42 -9.09 4.00 -14.42
N SER A 43 -8.92 3.66 -15.70
CA SER A 43 -10.03 3.14 -16.50
C SER A 43 -10.32 1.69 -16.17
N LYS A 44 -9.26 0.88 -16.10
CA LYS A 44 -9.39 -0.54 -15.80
C LYS A 44 -8.99 -0.82 -14.36
N VAL A 45 -9.95 -1.28 -13.56
CA VAL A 45 -9.70 -1.59 -12.15
C VAL A 45 -9.00 -2.93 -12.01
N ALA A 46 -7.70 -2.90 -11.75
CA ALA A 46 -6.92 -4.11 -11.58
C ALA A 46 -7.73 -5.20 -10.90
N GLN A 47 -8.27 -4.88 -9.72
CA GLN A 47 -9.07 -5.83 -8.96
C GLN A 47 -9.90 -5.12 -7.90
N GLN A 48 -10.82 -5.86 -7.29
CA GLN A 48 -11.68 -5.29 -6.26
C GLN A 48 -10.88 -4.48 -5.25
N PRO A 49 -11.51 -3.47 -4.66
CA PRO A 49 -10.87 -2.60 -3.67
C PRO A 49 -10.59 -3.32 -2.36
N LEU A 50 -9.72 -2.73 -1.54
CA LEU A 50 -9.37 -3.32 -0.25
C LEU A 50 -9.98 -2.52 0.90
N SER A 51 -10.18 -3.18 2.03
CA SER A 51 -10.76 -2.54 3.20
C SER A 51 -9.75 -2.48 4.35
N LEU A 52 -8.95 -1.42 4.35
CA LEU A 52 -7.93 -1.24 5.40
C LEU A 52 -8.57 -1.23 6.78
N VAL A 53 -9.74 -0.62 6.89
CA VAL A 53 -10.46 -0.55 8.16
C VAL A 53 -10.49 -1.90 8.85
N GLY A 54 -9.68 -2.04 9.89
CA GLY A 54 -9.63 -3.30 10.62
C GLY A 54 -8.30 -4.02 10.45
N CYS A 55 -7.73 -3.90 9.26
CA CYS A 55 -6.45 -4.54 8.97
C CYS A 55 -5.30 -3.81 9.64
N GLU A 56 -4.09 -4.37 9.53
CA GLU A 56 -2.91 -3.77 10.14
C GLU A 56 -1.71 -3.86 9.21
N VAL A 57 -1.14 -2.71 8.87
CA VAL A 57 0.01 -2.66 7.98
C VAL A 57 1.31 -2.78 8.77
N VAL A 58 2.09 -3.82 8.44
CA VAL A 58 3.36 -4.06 9.11
C VAL A 58 4.51 -4.09 8.11
N PRO A 59 5.62 -3.42 8.46
CA PRO A 59 6.81 -3.35 7.61
C PRO A 59 7.53 -4.69 7.52
N ASP A 60 7.14 -5.50 6.55
CA ASP A 60 7.76 -6.81 6.35
C ASP A 60 8.68 -6.81 5.13
N PRO A 61 9.84 -6.13 5.27
CA PRO A 61 10.82 -6.04 4.19
C PRO A 61 11.51 -7.37 3.92
N SER A 62 12.23 -7.44 2.81
CA SER A 62 12.94 -8.66 2.42
C SER A 62 14.43 -8.40 2.27
N PRO A 63 15.21 -9.47 2.20
CA PRO A 63 16.68 -9.39 2.04
C PRO A 63 17.09 -8.88 0.67
N ASP A 64 16.10 -8.45 -0.12
CA ASP A 64 16.36 -7.94 -1.46
C ASP A 64 15.74 -6.55 -1.64
N HIS A 65 14.77 -6.24 -0.79
CA HIS A 65 14.08 -4.94 -0.86
C HIS A 65 13.54 -4.55 0.52
N LEU A 66 14.20 -3.60 1.16
CA LEU A 66 13.79 -3.13 2.48
C LEU A 66 12.73 -2.03 2.35
N TYR A 67 11.87 -2.16 1.35
CA TYR A 67 10.82 -1.18 1.12
C TYR A 67 9.49 -1.88 0.84
N SER A 68 9.36 -3.12 1.32
CA SER A 68 8.14 -3.88 1.12
C SER A 68 7.37 -4.04 2.43
N PHE A 69 6.06 -3.88 2.36
CA PHE A 69 5.21 -4.00 3.54
C PHE A 69 4.01 -4.90 3.26
N ARG A 70 3.39 -5.41 4.31
CA ARG A 70 2.22 -6.28 4.18
C ARG A 70 1.16 -5.92 5.20
N ILE A 71 -0.09 -6.29 4.91
CA ILE A 71 -1.21 -6.01 5.79
C ILE A 71 -1.77 -7.29 6.40
N LEU A 72 -2.28 -7.18 7.63
CA LEU A 72 -2.84 -8.33 8.32
C LEU A 72 -4.10 -7.94 9.10
N HIS A 73 -5.10 -8.81 9.06
CA HIS A 73 -6.35 -8.55 9.77
C HIS A 73 -6.35 -9.19 11.15
N LYS A 74 -6.44 -10.52 11.17
CA LYS A 74 -6.43 -11.26 12.43
C LYS A 74 -5.31 -12.29 12.46
N GLY A 75 -4.14 -11.88 11.98
CA GLY A 75 -3.00 -12.77 11.97
C GLY A 75 -2.75 -13.38 10.60
N GLU A 76 -3.55 -12.97 9.62
CA GLU A 76 -3.42 -13.47 8.27
C GLU A 76 -2.89 -12.39 7.32
N GLU A 77 -2.60 -12.78 6.09
CA GLU A 77 -2.09 -11.85 5.09
C GLU A 77 -3.19 -11.44 4.11
N LEU A 78 -3.41 -10.13 4.01
CA LEU A 78 -4.44 -9.61 3.11
C LEU A 78 -3.82 -9.16 1.78
N ALA A 79 -2.73 -8.42 1.86
CA ALA A 79 -2.05 -7.92 0.67
C ALA A 79 -0.59 -7.60 0.98
N LYS A 80 0.19 -7.38 -0.08
CA LYS A 80 1.60 -7.06 0.07
C LYS A 80 2.06 -6.06 -0.99
N LEU A 81 2.46 -4.88 -0.56
CA LEU A 81 2.91 -3.84 -1.48
C LEU A 81 4.41 -3.58 -1.31
N GLU A 82 5.00 -2.92 -2.30
CA GLU A 82 6.43 -2.62 -2.27
C GLU A 82 6.70 -1.24 -2.86
N ALA A 83 7.60 -0.49 -2.23
CA ALA A 83 7.96 0.84 -2.70
C ALA A 83 9.29 0.83 -3.44
N LYS A 84 9.77 2.01 -3.80
CA LYS A 84 11.04 2.14 -4.51
C LYS A 84 12.18 2.44 -3.54
N SER A 85 11.83 3.02 -2.39
CA SER A 85 12.82 3.36 -1.39
C SER A 85 12.21 3.39 0.00
N SER A 86 13.02 3.14 1.01
CA SER A 86 12.55 3.14 2.40
C SER A 86 11.75 4.40 2.71
N GLU A 87 12.11 5.49 2.04
CA GLU A 87 11.41 6.76 2.24
C GLU A 87 9.98 6.68 1.74
N GLU A 88 9.78 6.04 0.59
CA GLU A 88 8.45 5.90 0.01
C GLU A 88 7.58 4.98 0.87
N MET A 89 8.12 3.83 1.22
CA MET A 89 7.39 2.86 2.04
C MET A 89 7.08 3.45 3.42
N GLY A 90 7.97 4.31 3.91
CA GLY A 90 7.77 4.92 5.20
C GLY A 90 6.61 5.89 5.23
N HIS A 91 6.27 6.41 4.05
CA HIS A 91 5.17 7.37 3.95
C HIS A 91 3.83 6.63 3.78
N TRP A 92 3.89 5.44 3.20
CA TRP A 92 2.68 4.64 2.99
C TRP A 92 2.30 3.88 4.26
N LEU A 93 3.31 3.50 5.04
CA LEU A 93 3.08 2.77 6.28
C LEU A 93 2.07 3.50 7.16
N GLY A 94 2.39 4.74 7.51
CA GLY A 94 1.49 5.53 8.34
C GLY A 94 0.21 5.92 7.63
N LEU A 95 0.31 6.11 6.32
CA LEU A 95 -0.85 6.50 5.51
C LEU A 95 -1.91 5.41 5.56
N LEU A 96 -1.49 4.16 5.39
CA LEU A 96 -2.41 3.03 5.42
C LEU A 96 -2.83 2.69 6.84
N LEU A 97 -1.90 2.85 7.77
CA LEU A 97 -2.17 2.57 9.18
C LEU A 97 -3.27 3.46 9.72
N SER A 98 -3.08 4.77 9.59
CA SER A 98 -4.06 5.74 10.06
C SER A 98 -5.47 5.34 9.63
N GLU A 99 -5.60 4.98 8.36
CA GLU A 99 -6.90 4.58 7.82
C GLU A 99 -7.33 3.23 8.38
N SER A 100 -6.41 2.26 8.37
CA SER A 100 -6.70 0.93 8.88
C SER A 100 -7.01 0.97 10.37
N GLY A 101 -8.29 1.14 10.70
CA GLY A 101 -8.69 1.19 12.09
C GLY A 101 -9.41 2.49 12.44
N SER A 102 -8.81 3.61 12.05
CA SER A 102 -9.38 4.92 12.33
C SER A 102 -9.85 5.01 13.77
N GLY A 103 -9.03 4.51 14.69
CA GLY A 103 -9.38 4.54 16.10
C GLY A 103 -8.87 5.79 16.79
N PRO A 104 -8.81 5.75 18.13
CA PRO A 104 -8.34 6.87 18.94
C PRO A 104 -6.84 7.11 18.79
N SER A 105 -6.48 8.24 18.19
CA SER A 105 -5.08 8.59 17.98
C SER A 105 -4.79 9.99 18.49
N SER A 106 -3.52 10.37 18.46
CA SER A 106 -3.10 11.69 18.92
C SER A 106 -1.76 12.09 18.29
N GLY A 107 -1.65 13.37 17.93
CA GLY A 107 -0.43 13.86 17.32
C GLY A 107 -0.41 15.37 17.20
N GLY A 1 21.03 8.38 -4.04
CA GLY A 1 19.82 9.14 -3.82
C GLY A 1 19.64 10.26 -4.83
N SER A 2 18.69 11.15 -4.57
CA SER A 2 18.41 12.27 -5.46
C SER A 2 17.52 13.30 -4.78
N SER A 3 17.99 14.56 -4.76
CA SER A 3 17.24 15.64 -4.14
C SER A 3 16.53 16.48 -5.20
N GLY A 4 15.49 17.20 -4.77
CA GLY A 4 14.75 18.05 -5.69
C GLY A 4 13.40 18.48 -5.13
N SER A 5 13.04 19.73 -5.39
CA SER A 5 11.77 20.26 -4.90
C SER A 5 10.62 19.85 -5.80
N SER A 6 10.13 18.63 -5.61
CA SER A 6 9.03 18.10 -6.41
C SER A 6 7.79 17.87 -5.55
N GLY A 7 6.69 17.51 -6.19
CA GLY A 7 5.46 17.26 -5.47
C GLY A 7 4.92 15.87 -5.69
N LEU A 8 4.62 15.16 -4.61
CA LEU A 8 4.10 13.81 -4.70
C LEU A 8 2.64 13.75 -4.22
N GLU A 9 1.94 12.69 -4.61
CA GLU A 9 0.55 12.52 -4.21
C GLU A 9 0.32 11.13 -3.62
N THR A 10 -0.68 11.02 -2.74
CA THR A 10 -0.99 9.76 -2.10
C THR A 10 -1.03 8.62 -3.11
N SER A 11 -1.64 8.88 -4.26
CA SER A 11 -1.74 7.88 -5.32
C SER A 11 -0.38 7.61 -5.95
N SER A 12 0.47 6.88 -5.23
CA SER A 12 1.81 6.56 -5.72
C SER A 12 1.88 5.11 -6.20
N TYR A 13 2.41 4.93 -7.41
CA TYR A 13 2.53 3.60 -7.98
C TYR A 13 3.50 2.74 -7.18
N LEU A 14 3.00 1.63 -6.65
CA LEU A 14 3.83 0.72 -5.86
C LEU A 14 3.82 -0.68 -6.46
N ASN A 15 4.64 -1.56 -5.89
CA ASN A 15 4.72 -2.93 -6.36
C ASN A 15 3.72 -3.82 -5.63
N VAL A 16 2.67 -4.23 -6.34
CA VAL A 16 1.65 -5.08 -5.76
C VAL A 16 1.88 -6.55 -6.12
N LEU A 17 2.27 -7.34 -5.13
CA LEU A 17 2.53 -8.76 -5.34
C LEU A 17 1.29 -9.47 -5.88
N VAL A 18 1.44 -10.11 -7.04
CA VAL A 18 0.33 -10.83 -7.66
C VAL A 18 0.49 -12.34 -7.49
N ASN A 19 1.34 -12.93 -8.32
CA ASN A 19 1.59 -14.37 -8.26
C ASN A 19 3.02 -14.67 -7.81
N SER A 20 3.30 -14.38 -6.55
CA SER A 20 4.63 -14.61 -5.99
C SER A 20 5.67 -13.74 -6.70
N GLN A 21 5.21 -12.63 -7.26
CA GLN A 21 6.10 -11.70 -7.97
C GLN A 21 5.58 -10.28 -7.90
N TRP A 22 6.50 -9.32 -7.82
CA TRP A 22 6.12 -7.91 -7.74
C TRP A 22 5.82 -7.35 -9.13
N LYS A 23 4.56 -7.09 -9.40
CA LYS A 23 4.15 -6.54 -10.69
C LYS A 23 3.57 -5.14 -10.54
N SER A 24 4.13 -4.19 -11.28
CA SER A 24 3.67 -2.81 -11.22
C SER A 24 2.14 -2.74 -11.19
N ARG A 25 1.61 -2.00 -10.23
CA ARG A 25 0.16 -1.86 -10.08
C ARG A 25 -0.19 -0.48 -9.55
N TRP A 26 -1.37 0.01 -9.90
CA TRP A 26 -1.83 1.32 -9.46
C TRP A 26 -2.63 1.19 -8.17
N CYS A 27 -2.22 1.94 -7.15
CA CYS A 27 -2.91 1.91 -5.86
C CYS A 27 -3.38 3.31 -5.47
N SER A 28 -4.67 3.43 -5.17
CA SER A 28 -5.25 4.71 -4.78
C SER A 28 -6.06 4.58 -3.49
N VAL A 29 -5.80 5.47 -2.55
CA VAL A 29 -6.51 5.46 -1.27
C VAL A 29 -7.29 6.74 -1.06
N ARG A 30 -8.59 6.60 -0.80
CA ARG A 30 -9.47 7.75 -0.58
C ARG A 30 -10.32 7.56 0.66
N ASP A 31 -11.31 6.67 0.56
CA ASP A 31 -12.21 6.40 1.67
C ASP A 31 -11.73 5.18 2.46
N ASN A 32 -10.76 5.40 3.34
CA ASN A 32 -10.21 4.32 4.16
C ASN A 32 -10.24 3.00 3.40
N HIS A 33 -9.93 3.06 2.11
CA HIS A 33 -9.91 1.87 1.27
C HIS A 33 -8.85 1.99 0.18
N LEU A 34 -8.11 0.91 -0.04
CA LEU A 34 -7.05 0.90 -1.05
C LEU A 34 -7.55 0.22 -2.33
N HIS A 35 -7.80 1.02 -3.35
CA HIS A 35 -8.27 0.50 -4.64
C HIS A 35 -7.10 0.12 -5.53
N PHE A 36 -7.35 -0.77 -6.49
CA PHE A 36 -6.32 -1.21 -7.40
C PHE A 36 -6.74 -1.00 -8.86
N TYR A 37 -5.82 -0.51 -9.67
CA TYR A 37 -6.10 -0.25 -11.08
C TYR A 37 -4.92 -0.66 -11.95
N GLN A 38 -5.14 -0.67 -13.27
CA GLN A 38 -4.10 -1.05 -14.22
C GLN A 38 -3.76 0.11 -15.14
N ASP A 39 -4.71 0.50 -15.97
CA ASP A 39 -4.51 1.60 -16.91
C ASP A 39 -5.84 2.11 -17.44
N ARG A 40 -5.79 3.04 -18.38
CA ARG A 40 -6.99 3.61 -18.98
C ARG A 40 -7.80 4.37 -17.93
N ASN A 41 -7.16 5.32 -17.26
CA ASN A 41 -7.83 6.11 -16.23
C ASN A 41 -8.62 5.22 -15.28
N ARG A 42 -7.99 4.16 -14.80
CA ARG A 42 -8.63 3.23 -13.89
C ARG A 42 -9.87 2.61 -14.54
N SER A 43 -9.68 2.01 -15.71
CA SER A 43 -10.79 1.39 -16.43
C SER A 43 -10.82 -0.12 -16.18
N LYS A 44 -9.66 -0.75 -16.32
CA LYS A 44 -9.55 -2.19 -16.09
C LYS A 44 -9.15 -2.50 -14.65
N VAL A 45 -10.10 -2.38 -13.73
CA VAL A 45 -9.83 -2.65 -12.33
C VAL A 45 -9.10 -3.97 -12.14
N ALA A 46 -7.86 -3.90 -11.67
CA ALA A 46 -7.06 -5.10 -11.45
C ALA A 46 -7.78 -6.08 -10.53
N GLN A 47 -8.29 -5.57 -9.42
CA GLN A 47 -9.00 -6.40 -8.45
C GLN A 47 -9.85 -5.55 -7.52
N GLN A 48 -10.73 -6.20 -6.76
CA GLN A 48 -11.61 -5.50 -5.83
C GLN A 48 -10.80 -4.60 -4.90
N PRO A 49 -11.48 -3.62 -4.29
CA PRO A 49 -10.84 -2.66 -3.38
C PRO A 49 -10.43 -3.32 -2.06
N LEU A 50 -9.64 -2.61 -1.27
CA LEU A 50 -9.18 -3.12 0.01
C LEU A 50 -9.81 -2.35 1.17
N SER A 51 -10.22 -3.07 2.20
CA SER A 51 -10.85 -2.46 3.36
C SER A 51 -9.86 -2.34 4.52
N LEU A 52 -8.99 -1.32 4.44
CA LEU A 52 -7.99 -1.10 5.47
C LEU A 52 -8.61 -1.13 6.86
N VAL A 53 -9.77 -0.50 6.99
CA VAL A 53 -10.49 -0.46 8.27
C VAL A 53 -10.52 -1.83 8.92
N GLY A 54 -9.65 -2.03 9.92
CA GLY A 54 -9.59 -3.30 10.61
C GLY A 54 -8.28 -4.01 10.41
N CYS A 55 -7.73 -3.92 9.21
CA CYS A 55 -6.47 -4.56 8.88
C CYS A 55 -5.31 -3.85 9.58
N GLU A 56 -4.09 -4.32 9.32
CA GLU A 56 -2.90 -3.75 9.92
C GLU A 56 -1.71 -3.82 8.97
N VAL A 57 -1.02 -2.70 8.78
CA VAL A 57 0.14 -2.65 7.90
C VAL A 57 1.43 -2.84 8.68
N VAL A 58 2.17 -3.89 8.33
CA VAL A 58 3.44 -4.18 9.00
C VAL A 58 4.59 -4.20 8.00
N PRO A 59 5.72 -3.58 8.39
CA PRO A 59 6.91 -3.52 7.55
C PRO A 59 7.60 -4.88 7.39
N ASP A 60 7.21 -5.61 6.35
CA ASP A 60 7.79 -6.92 6.10
C ASP A 60 8.73 -6.88 4.90
N PRO A 61 9.94 -6.35 5.12
CA PRO A 61 10.96 -6.23 4.08
C PRO A 61 11.53 -7.59 3.66
N SER A 62 12.46 -7.58 2.72
CA SER A 62 13.07 -8.80 2.23
C SER A 62 14.56 -8.59 1.96
N PRO A 63 15.29 -9.71 1.76
CA PRO A 63 16.73 -9.67 1.49
C PRO A 63 17.04 -9.10 0.11
N ASP A 64 16.01 -8.65 -0.59
CA ASP A 64 16.17 -8.08 -1.92
C ASP A 64 15.58 -6.67 -1.99
N HIS A 65 14.77 -6.33 -0.99
CA HIS A 65 14.14 -5.02 -0.94
C HIS A 65 13.63 -4.71 0.46
N LEU A 66 14.31 -3.82 1.17
CA LEU A 66 13.92 -3.45 2.52
C LEU A 66 12.81 -2.40 2.50
N TYR A 67 12.07 -2.36 1.40
CA TYR A 67 10.98 -1.40 1.25
C TYR A 67 9.67 -2.10 0.89
N SER A 68 9.40 -3.21 1.57
CA SER A 68 8.19 -3.98 1.33
C SER A 68 7.33 -4.06 2.58
N PHE A 69 6.03 -3.83 2.42
CA PHE A 69 5.10 -3.87 3.54
C PHE A 69 3.84 -4.66 3.17
N ARG A 70 3.32 -5.42 4.14
CA ARG A 70 2.12 -6.22 3.90
C ARG A 70 1.04 -5.86 4.91
N ILE A 71 -0.20 -6.23 4.61
CA ILE A 71 -1.33 -5.96 5.50
C ILE A 71 -1.87 -7.25 6.11
N LEU A 72 -2.37 -7.15 7.33
CA LEU A 72 -2.92 -8.30 8.03
C LEU A 72 -4.13 -7.91 8.87
N HIS A 73 -5.12 -8.78 8.92
CA HIS A 73 -6.33 -8.52 9.69
C HIS A 73 -6.32 -9.31 11.00
N LYS A 74 -6.41 -10.62 10.90
CA LYS A 74 -6.41 -11.49 12.07
C LYS A 74 -5.25 -12.47 12.02
N GLY A 75 -4.10 -11.99 11.57
CA GLY A 75 -2.92 -12.85 11.48
C GLY A 75 -2.67 -13.34 10.08
N GLU A 76 -3.59 -13.04 9.17
CA GLU A 76 -3.47 -13.46 7.78
C GLU A 76 -2.96 -12.32 6.91
N GLU A 77 -2.69 -12.63 5.63
CA GLU A 77 -2.20 -11.63 4.70
C GLU A 77 -3.23 -11.35 3.61
N LEU A 78 -3.72 -10.11 3.58
CA LEU A 78 -4.71 -9.72 2.59
C LEU A 78 -4.04 -9.22 1.32
N ALA A 79 -3.10 -8.29 1.48
CA ALA A 79 -2.38 -7.73 0.34
C ALA A 79 -0.89 -7.56 0.66
N LYS A 80 -0.10 -7.29 -0.37
CA LYS A 80 1.34 -7.11 -0.20
C LYS A 80 1.88 -6.10 -1.19
N LEU A 81 2.33 -4.96 -0.69
CA LEU A 81 2.88 -3.91 -1.55
C LEU A 81 4.37 -3.72 -1.29
N GLU A 82 5.05 -3.06 -2.23
CA GLU A 82 6.48 -2.82 -2.09
C GLU A 82 6.87 -1.48 -2.73
N ALA A 83 7.49 -0.63 -1.94
CA ALA A 83 7.92 0.69 -2.42
C ALA A 83 9.23 0.59 -3.19
N LYS A 84 9.77 1.75 -3.59
CA LYS A 84 11.02 1.80 -4.33
C LYS A 84 12.17 2.24 -3.43
N SER A 85 11.83 2.85 -2.29
CA SER A 85 12.83 3.33 -1.35
C SER A 85 12.29 3.31 0.07
N SER A 86 13.20 3.38 1.05
CA SER A 86 12.81 3.36 2.45
C SER A 86 11.87 4.52 2.77
N GLU A 87 12.16 5.68 2.20
CA GLU A 87 11.34 6.87 2.43
C GLU A 87 9.92 6.66 1.91
N GLU A 88 9.81 6.11 0.71
CA GLU A 88 8.50 5.84 0.11
C GLU A 88 7.65 4.99 1.02
N MET A 89 8.17 3.84 1.42
CA MET A 89 7.45 2.92 2.30
C MET A 89 7.07 3.61 3.59
N GLY A 90 7.95 4.49 4.09
CA GLY A 90 7.68 5.20 5.32
C GLY A 90 6.46 6.08 5.23
N HIS A 91 6.20 6.61 4.03
CA HIS A 91 5.05 7.49 3.81
C HIS A 91 3.76 6.67 3.72
N TRP A 92 3.88 5.45 3.20
CA TRP A 92 2.72 4.58 3.05
C TRP A 92 2.36 3.92 4.38
N LEU A 93 3.36 3.34 5.04
CA LEU A 93 3.14 2.67 6.32
C LEU A 93 2.16 3.46 7.18
N GLY A 94 2.53 4.70 7.50
CA GLY A 94 1.67 5.54 8.32
C GLY A 94 0.34 5.82 7.66
N LEU A 95 0.35 5.96 6.34
CA LEU A 95 -0.86 6.23 5.58
C LEU A 95 -1.88 5.10 5.76
N LEU A 96 -1.47 3.89 5.39
CA LEU A 96 -2.35 2.73 5.51
C LEU A 96 -2.74 2.48 6.96
N LEU A 97 -1.78 2.62 7.86
CA LEU A 97 -2.02 2.41 9.29
C LEU A 97 -3.10 3.38 9.79
N SER A 98 -2.97 4.65 9.42
CA SER A 98 -3.93 5.66 9.84
C SER A 98 -5.35 5.29 9.39
N GLU A 99 -5.46 4.76 8.18
CA GLU A 99 -6.75 4.37 7.63
C GLU A 99 -7.27 3.11 8.33
N SER A 100 -6.42 2.10 8.41
CA SER A 100 -6.80 0.83 9.05
C SER A 100 -6.93 1.00 10.55
N GLY A 101 -8.14 0.79 11.06
CA GLY A 101 -8.38 0.93 12.49
C GLY A 101 -9.84 1.18 12.81
N SER A 102 -10.56 0.12 13.13
CA SER A 102 -11.98 0.23 13.46
C SER A 102 -12.18 0.46 14.95
N GLY A 103 -13.28 1.12 15.31
CA GLY A 103 -13.56 1.39 16.70
C GLY A 103 -13.66 0.13 17.53
N PRO A 104 -12.82 0.03 18.58
CA PRO A 104 -12.80 -1.14 19.46
C PRO A 104 -14.05 -1.23 20.34
N SER A 105 -14.89 -2.23 20.06
CA SER A 105 -16.11 -2.42 20.82
C SER A 105 -16.48 -3.90 20.89
N SER A 106 -16.80 -4.36 22.10
CA SER A 106 -17.16 -5.76 22.32
C SER A 106 -18.52 -5.86 23.01
N GLY A 107 -18.99 -7.10 23.18
CA GLY A 107 -20.27 -7.32 23.82
C GLY A 107 -21.05 -8.47 23.21
N GLY A 1 20.23 11.09 -7.27
CA GLY A 1 19.95 11.34 -5.86
C GLY A 1 19.77 12.82 -5.56
N SER A 2 18.86 13.13 -4.64
CA SER A 2 18.60 14.51 -4.26
C SER A 2 18.14 14.59 -2.80
N SER A 3 18.06 15.82 -2.29
CA SER A 3 17.64 16.04 -0.91
C SER A 3 16.17 16.45 -0.85
N GLY A 4 15.36 15.60 -0.23
CA GLY A 4 13.94 15.88 -0.11
C GLY A 4 13.11 15.18 -1.16
N SER A 5 12.67 15.92 -2.16
CA SER A 5 11.85 15.36 -3.24
C SER A 5 10.64 14.63 -2.67
N SER A 6 10.01 15.23 -1.66
CA SER A 6 8.85 14.64 -1.02
C SER A 6 7.61 15.51 -1.25
N GLY A 7 6.46 14.87 -1.39
CA GLY A 7 5.23 15.60 -1.60
C GLY A 7 4.20 14.80 -2.39
N LEU A 8 4.67 14.08 -3.40
CA LEU A 8 3.80 13.27 -4.24
C LEU A 8 2.65 12.68 -3.41
N GLU A 9 1.42 12.98 -3.83
CA GLU A 9 0.25 12.48 -3.12
C GLU A 9 0.24 10.96 -3.09
N THR A 10 -0.72 10.39 -2.36
CA THR A 10 -0.83 8.94 -2.25
C THR A 10 -0.78 8.28 -3.62
N SER A 11 -1.54 8.82 -4.57
CA SER A 11 -1.57 8.27 -5.92
C SER A 11 -0.17 8.04 -6.45
N SER A 12 0.32 6.81 -6.31
CA SER A 12 1.65 6.46 -6.77
C SER A 12 1.70 5.02 -7.27
N TYR A 13 2.69 4.71 -8.10
CA TYR A 13 2.84 3.36 -8.64
C TYR A 13 3.50 2.43 -7.64
N LEU A 14 2.69 1.57 -7.03
CA LEU A 14 3.20 0.62 -6.04
C LEU A 14 3.29 -0.79 -6.63
N ASN A 15 4.04 -1.66 -5.96
CA ASN A 15 4.21 -3.02 -6.43
C ASN A 15 3.38 -3.99 -5.57
N VAL A 16 2.32 -4.52 -6.16
CA VAL A 16 1.44 -5.46 -5.46
C VAL A 16 1.85 -6.90 -5.75
N LEU A 17 2.34 -7.59 -4.72
CA LEU A 17 2.76 -8.98 -4.85
C LEU A 17 1.58 -9.87 -5.24
N VAL A 18 1.71 -10.54 -6.38
CA VAL A 18 0.66 -11.43 -6.87
C VAL A 18 1.18 -12.85 -7.06
N ASN A 19 1.89 -13.08 -8.16
CA ASN A 19 2.45 -14.40 -8.44
C ASN A 19 3.88 -14.51 -7.91
N SER A 20 3.99 -14.76 -6.60
CA SER A 20 5.29 -14.90 -5.97
C SER A 20 6.28 -13.89 -6.53
N GLN A 21 5.75 -12.77 -7.03
CA GLN A 21 6.59 -11.71 -7.60
C GLN A 21 5.92 -10.36 -7.46
N TRP A 22 6.72 -9.29 -7.58
CA TRP A 22 6.20 -7.94 -7.46
C TRP A 22 5.80 -7.38 -8.83
N LYS A 23 4.51 -7.14 -9.01
CA LYS A 23 3.99 -6.62 -10.26
C LYS A 23 3.75 -5.11 -10.17
N SER A 24 3.73 -4.45 -11.32
CA SER A 24 3.51 -3.00 -11.36
C SER A 24 2.03 -2.67 -11.34
N ARG A 25 1.54 -2.25 -10.18
CA ARG A 25 0.13 -1.90 -10.03
C ARG A 25 -0.03 -0.48 -9.50
N TRP A 26 -1.11 0.18 -9.87
CA TRP A 26 -1.38 1.54 -9.43
C TRP A 26 -2.33 1.55 -8.24
N CYS A 27 -1.78 1.73 -7.05
CA CYS A 27 -2.59 1.76 -5.84
C CYS A 27 -3.05 3.18 -5.53
N SER A 28 -4.29 3.30 -5.05
CA SER A 28 -4.86 4.60 -4.73
C SER A 28 -5.79 4.50 -3.52
N VAL A 29 -5.51 5.31 -2.50
CA VAL A 29 -6.31 5.31 -1.29
C VAL A 29 -7.11 6.61 -1.16
N ARG A 30 -8.40 6.47 -0.87
CA ARG A 30 -9.27 7.64 -0.73
C ARG A 30 -10.03 7.58 0.59
N ASP A 31 -11.05 6.73 0.65
CA ASP A 31 -11.85 6.59 1.86
C ASP A 31 -11.50 5.30 2.59
N ASN A 32 -10.54 5.38 3.50
CA ASN A 32 -10.11 4.22 4.27
C ASN A 32 -10.22 2.94 3.44
N HIS A 33 -9.89 3.05 2.15
CA HIS A 33 -9.95 1.90 1.25
C HIS A 33 -8.86 1.98 0.18
N LEU A 34 -8.16 0.88 -0.02
CA LEU A 34 -7.09 0.83 -1.00
C LEU A 34 -7.58 0.23 -2.32
N HIS A 35 -7.75 1.08 -3.33
CA HIS A 35 -8.22 0.64 -4.63
C HIS A 35 -7.05 0.20 -5.51
N PHE A 36 -7.37 -0.50 -6.60
CA PHE A 36 -6.34 -0.98 -7.52
C PHE A 36 -6.66 -0.56 -8.95
N TYR A 37 -5.66 0.01 -9.62
CA TYR A 37 -5.83 0.45 -11.00
C TYR A 37 -4.67 -0.01 -11.88
N GLN A 38 -4.84 0.10 -13.18
CA GLN A 38 -3.81 -0.31 -14.14
C GLN A 38 -3.23 0.89 -14.87
N ASP A 39 -4.10 1.68 -15.49
CA ASP A 39 -3.67 2.86 -16.24
C ASP A 39 -3.99 4.13 -15.46
N ARG A 40 -3.24 5.19 -15.72
CA ARG A 40 -3.44 6.46 -15.05
C ARG A 40 -4.90 6.90 -15.15
N ASN A 41 -5.54 6.57 -16.27
CA ASN A 41 -6.92 6.94 -16.49
C ASN A 41 -7.82 6.40 -15.38
N ARG A 42 -7.40 5.28 -14.79
CA ARG A 42 -8.15 4.66 -13.70
C ARG A 42 -9.58 4.32 -14.15
N SER A 43 -9.69 3.82 -15.38
CA SER A 43 -10.99 3.45 -15.94
C SER A 43 -11.25 1.95 -15.76
N LYS A 44 -10.22 1.15 -15.97
CA LYS A 44 -10.34 -0.30 -15.84
C LYS A 44 -9.75 -0.77 -14.51
N VAL A 45 -10.51 -0.60 -13.44
CA VAL A 45 -10.06 -1.00 -12.12
C VAL A 45 -9.48 -2.42 -12.14
N ALA A 46 -8.18 -2.52 -11.88
CA ALA A 46 -7.51 -3.81 -11.87
C ALA A 46 -8.33 -4.85 -11.11
N GLN A 47 -8.78 -4.49 -9.92
CA GLN A 47 -9.59 -5.39 -9.11
C GLN A 47 -10.28 -4.64 -7.98
N GLN A 48 -11.25 -5.30 -7.34
CA GLN A 48 -11.99 -4.69 -6.25
C GLN A 48 -11.05 -4.02 -5.25
N PRO A 49 -11.54 -2.97 -4.59
CA PRO A 49 -10.76 -2.23 -3.60
C PRO A 49 -10.51 -3.03 -2.33
N LEU A 50 -9.73 -2.46 -1.41
CA LEU A 50 -9.41 -3.13 -0.16
C LEU A 50 -9.98 -2.35 1.04
N SER A 51 -10.50 -3.08 2.02
CA SER A 51 -11.07 -2.46 3.21
C SER A 51 -10.02 -2.36 4.32
N LEU A 52 -9.12 -1.40 4.19
CA LEU A 52 -8.07 -1.19 5.18
C LEU A 52 -8.66 -1.13 6.59
N VAL A 53 -9.85 -0.57 6.70
CA VAL A 53 -10.53 -0.46 7.99
C VAL A 53 -10.68 -1.82 8.65
N GLY A 54 -9.75 -2.16 9.54
CA GLY A 54 -9.80 -3.43 10.23
C GLY A 54 -8.58 -4.29 9.95
N CYS A 55 -7.63 -3.73 9.22
CA CYS A 55 -6.40 -4.45 8.89
C CYS A 55 -5.21 -3.89 9.65
N GLU A 56 -4.02 -4.41 9.37
CA GLU A 56 -2.80 -3.96 10.03
C GLU A 56 -1.63 -3.98 9.06
N VAL A 57 -0.96 -2.83 8.93
CA VAL A 57 0.18 -2.71 8.03
C VAL A 57 1.49 -2.94 8.78
N VAL A 58 2.27 -3.92 8.32
CA VAL A 58 3.54 -4.24 8.95
C VAL A 58 4.67 -4.23 7.93
N PRO A 59 5.81 -3.61 8.31
CA PRO A 59 6.98 -3.51 7.44
C PRO A 59 7.67 -4.86 7.25
N ASP A 60 7.30 -5.57 6.18
CA ASP A 60 7.87 -6.87 5.90
C ASP A 60 8.83 -6.78 4.69
N PRO A 61 10.02 -6.24 4.93
CA PRO A 61 11.04 -6.08 3.89
C PRO A 61 11.63 -7.42 3.44
N SER A 62 12.47 -7.38 2.42
CA SER A 62 13.09 -8.59 1.90
C SER A 62 14.57 -8.36 1.62
N PRO A 63 15.31 -9.46 1.39
CA PRO A 63 16.75 -9.40 1.11
C PRO A 63 17.05 -8.80 -0.26
N ASP A 64 16.00 -8.43 -0.97
CA ASP A 64 16.16 -7.83 -2.30
C ASP A 64 15.54 -6.44 -2.35
N HIS A 65 14.80 -6.09 -1.29
CA HIS A 65 14.16 -4.78 -1.21
C HIS A 65 13.62 -4.53 0.20
N LEU A 66 14.28 -3.65 0.93
CA LEU A 66 13.87 -3.32 2.29
C LEU A 66 12.76 -2.27 2.27
N TYR A 67 12.06 -2.16 1.15
CA TYR A 67 10.98 -1.19 1.01
C TYR A 67 9.68 -1.89 0.61
N SER A 68 9.38 -2.99 1.29
CA SER A 68 8.16 -3.75 1.01
C SER A 68 7.36 -3.98 2.28
N PHE A 69 6.07 -3.68 2.22
CA PHE A 69 5.19 -3.87 3.37
C PHE A 69 3.98 -4.72 3.01
N ARG A 70 3.31 -5.26 4.02
CA ARG A 70 2.14 -6.10 3.81
C ARG A 70 1.09 -5.85 4.89
N ILE A 71 -0.18 -6.05 4.52
CA ILE A 71 -1.27 -5.84 5.45
C ILE A 71 -1.77 -7.18 6.01
N LEU A 72 -2.29 -7.14 7.24
CA LEU A 72 -2.81 -8.34 7.88
C LEU A 72 -4.12 -8.05 8.60
N HIS A 73 -5.02 -9.03 8.61
CA HIS A 73 -6.31 -8.88 9.27
C HIS A 73 -6.46 -9.89 10.41
N LYS A 74 -5.86 -9.58 11.55
CA LYS A 74 -5.93 -10.45 12.71
C LYS A 74 -5.02 -11.67 12.54
N GLY A 75 -3.86 -11.46 11.92
CA GLY A 75 -2.93 -12.54 11.70
C GLY A 75 -3.07 -13.16 10.31
N GLU A 76 -4.10 -12.73 9.59
CA GLU A 76 -4.34 -13.25 8.24
C GLU A 76 -3.76 -12.31 7.18
N GLU A 77 -3.35 -12.88 6.06
CA GLU A 77 -2.78 -12.11 4.97
C GLU A 77 -3.87 -11.59 4.02
N LEU A 78 -3.81 -10.30 3.72
CA LEU A 78 -4.79 -9.69 2.83
C LEU A 78 -4.15 -9.25 1.51
N ALA A 79 -3.01 -8.58 1.62
CA ALA A 79 -2.29 -8.12 0.44
C ALA A 79 -0.84 -7.76 0.78
N LYS A 80 -0.07 -7.40 -0.23
CA LYS A 80 1.33 -7.05 -0.05
C LYS A 80 1.78 -6.04 -1.10
N LEU A 81 2.24 -4.88 -0.65
CA LEU A 81 2.71 -3.84 -1.56
C LEU A 81 4.20 -3.57 -1.36
N GLU A 82 4.82 -2.96 -2.37
CA GLU A 82 6.24 -2.65 -2.30
C GLU A 82 6.52 -1.25 -2.85
N ALA A 83 7.25 -0.46 -2.09
CA ALA A 83 7.58 0.90 -2.51
C ALA A 83 8.84 0.91 -3.37
N LYS A 84 9.30 2.11 -3.71
CA LYS A 84 10.49 2.27 -4.54
C LYS A 84 11.70 2.63 -3.68
N SER A 85 11.47 3.43 -2.64
CA SER A 85 12.54 3.85 -1.75
C SER A 85 12.10 3.79 -0.29
N SER A 86 13.06 3.60 0.61
CA SER A 86 12.76 3.52 2.04
C SER A 86 11.81 4.64 2.45
N GLU A 87 12.06 5.85 1.96
CA GLU A 87 11.23 6.99 2.28
C GLU A 87 9.80 6.79 1.81
N GLU A 88 9.65 6.20 0.63
CA GLU A 88 8.33 5.94 0.06
C GLU A 88 7.52 5.02 0.97
N MET A 89 8.11 3.87 1.30
CA MET A 89 7.44 2.90 2.16
C MET A 89 7.06 3.53 3.49
N GLY A 90 7.87 4.48 3.96
CA GLY A 90 7.60 5.14 5.21
C GLY A 90 6.35 5.99 5.17
N HIS A 91 6.01 6.49 3.98
CA HIS A 91 4.83 7.31 3.80
C HIS A 91 3.57 6.46 3.70
N TRP A 92 3.74 5.23 3.20
CA TRP A 92 2.62 4.31 3.05
C TRP A 92 2.30 3.60 4.36
N LEU A 93 3.34 3.22 5.09
CA LEU A 93 3.18 2.54 6.37
C LEU A 93 2.21 3.30 7.27
N GLY A 94 2.59 4.51 7.65
CA GLY A 94 1.73 5.32 8.50
C GLY A 94 0.44 5.73 7.82
N LEU A 95 0.50 5.97 6.51
CA LEU A 95 -0.67 6.36 5.75
C LEU A 95 -1.75 5.28 5.81
N LEU A 96 -1.33 4.02 5.70
CA LEU A 96 -2.27 2.90 5.75
C LEU A 96 -2.73 2.65 7.18
N LEU A 97 -1.79 2.63 8.12
CA LEU A 97 -2.11 2.40 9.52
C LEU A 97 -3.25 3.30 9.97
N SER A 98 -3.14 4.59 9.65
CA SER A 98 -4.17 5.56 10.02
C SER A 98 -5.53 5.14 9.49
N GLU A 99 -5.57 4.74 8.22
CA GLU A 99 -6.82 4.31 7.59
C GLU A 99 -7.36 3.05 8.26
N SER A 100 -6.50 2.07 8.45
CA SER A 100 -6.90 0.81 9.08
C SER A 100 -7.12 1.00 10.58
N GLY A 101 -8.36 1.30 10.95
CA GLY A 101 -8.69 1.50 12.35
C GLY A 101 -9.91 0.70 12.78
N SER A 102 -9.71 -0.21 13.72
CA SER A 102 -10.80 -1.03 14.22
C SER A 102 -11.18 -0.65 15.65
N GLY A 103 -12.00 0.39 15.78
CA GLY A 103 -12.42 0.83 17.10
C GLY A 103 -13.66 1.70 17.05
N PRO A 104 -13.71 2.71 17.93
CA PRO A 104 -14.85 3.64 18.00
C PRO A 104 -14.93 4.55 16.78
N SER A 105 -16.13 5.05 16.51
CA SER A 105 -16.35 5.94 15.37
C SER A 105 -16.00 7.39 15.73
N SER A 106 -15.01 7.94 15.06
CA SER A 106 -14.58 9.31 15.32
C SER A 106 -15.74 10.29 15.13
N GLY A 107 -16.48 10.10 14.04
CA GLY A 107 -17.61 10.97 13.75
C GLY A 107 -17.91 11.06 12.27
#